data_1TFY
#
_entry.id   1TFY
#
_cell.length_a   114.092
_cell.length_b   84.023
_cell.length_c   134.561
_cell.angle_alpha   90.00
_cell.angle_beta   102.38
_cell.angle_gamma   90.00
#
_symmetry.space_group_name_H-M   'P 1 21 1'
#
loop_
_entity.id
_entity.type
_entity.pdbx_description
1 polymer "5'-R(*GP*CP*GP*GP*AP*UP*AP*UP*CP*CP*GP*CP*G)-3'"
2 polymer "5'-R(*GP*CP*GP*GP*AP*UP*AP*UP*CP*CP*GP*CP*AP*C)-3'"
3 polymer "5'-R(*CP*GP*GP*AP*UP*CP*CP*GP*CP*AP*C)-3'"
4 polymer "5'-R(*CP*GP*CP*GP*GP*AP*UP*C)-3'"
5 polymer 'tRNA nucleotidyltransferase'
6 non-polymer 'MAGNESIUM ION'
7 non-polymer "CYTIDINE-5'-TRIPHOSPHATE"
#
loop_
_entity_poly.entity_id
_entity_poly.type
_entity_poly.pdbx_seq_one_letter_code
_entity_poly.pdbx_strand_id
1 'polyribonucleotide' GCGGAUAUCCGCG E,F
2 'polyribonucleotide' GCGGAUAUCCGCAC H,I
3 'polyribonucleotide' CGGAUCCGCAC G
4 'polyribonucleotide' CGCGGAUC J
5 'polypeptide(L)'
;MKVEEILEKALELVIPDEEEVRKGREAEEELRRRLDELGVEYVFVGSYARNTWLKGSLEIDVFLLFPEEFSKEELRERGL
EIGKAVLDSYEIRYAEHPYVHGVVKGVEVDVVPCYKLKEPKNIKSAVDRTPFHHKWLEGRIKGKENEVRLLKGFLKANGI
YGAEYKVRGFSGYLCELLIVFYGSFLETVKNARRWTRRTVIDVAKGEVRKGEEFFVVDPVDEKRNVAANLSLDNLARFVH
LCREFMEAPSLGFFKPKHPLEIEPERLRKIVEERGTAVFAVKFRKPDIVDDNLYPQLERASRKIFEFLERENFMPLRSAF
KASEEFCYLLFECQIKEISRVFRRMGPQFEDERNVKKFLSRNRAFRPFIENGRWWAFEMRKFTTPEEGVRSYASTHWHTL
GKNVGESIREYFEIISGEKLFKEPVTAELCEMMGVKD
;
A,B,C,D
#
loop_
_chem_comp.id
_chem_comp.type
_chem_comp.name
_chem_comp.formula
A RNA linking ADENOSINE-5'-MONOPHOSPHATE 'C10 H14 N5 O7 P'
C RNA linking CYTIDINE-5'-MONOPHOSPHATE 'C9 H14 N3 O8 P'
CTP non-polymer CYTIDINE-5'-TRIPHOSPHATE 'C9 H16 N3 O14 P3'
G RNA linking GUANOSINE-5'-MONOPHOSPHATE 'C10 H14 N5 O8 P'
MG non-polymer 'MAGNESIUM ION' 'Mg 2'
U RNA linking URIDINE-5'-MONOPHOSPHATE 'C9 H13 N2 O9 P'
#
# COMPACT_ATOMS: atom_id res chain seq x y z
N MET G 1 -0.05 10.26 -46.84
CA MET G 1 -0.63 10.12 -48.21
C MET G 1 -2.16 9.98 -48.14
N LYS G 2 -2.79 11.00 -47.54
CA LYS G 2 -4.25 11.07 -47.33
C LYS G 2 -4.75 10.08 -46.27
N VAL G 3 -4.89 10.58 -45.06
CA VAL G 3 -5.30 9.80 -43.87
C VAL G 3 -6.23 8.62 -44.17
N GLU G 4 -7.41 8.92 -44.71
CA GLU G 4 -8.50 7.95 -44.84
C GLU G 4 -8.13 6.69 -45.62
N GLU G 5 -7.18 6.82 -46.56
CA GLU G 5 -6.75 5.66 -47.34
C GLU G 5 -5.78 4.77 -46.55
N ILE G 6 -4.98 5.36 -45.68
CA ILE G 6 -3.98 4.62 -44.91
C ILE G 6 -4.65 3.63 -43.98
N LEU G 7 -5.70 4.07 -43.29
CA LEU G 7 -6.48 3.22 -42.40
C LEU G 7 -7.00 1.97 -43.12
N GLU G 8 -7.49 2.17 -44.35
CA GLU G 8 -7.94 1.09 -45.23
C GLU G 8 -6.87 0.01 -45.40
N LYS G 9 -5.65 0.43 -45.73
CA LYS G 9 -4.53 -0.49 -45.97
C LYS G 9 -4.03 -1.13 -44.69
N ALA G 10 -4.16 -0.41 -43.57
CA ALA G 10 -3.76 -0.90 -42.27
C ALA G 10 -4.62 -2.07 -41.79
N LEU G 11 -5.91 -2.02 -42.13
CA LEU G 11 -6.87 -3.07 -41.78
C LEU G 11 -6.33 -4.46 -42.14
N GLU G 12 -5.74 -4.57 -43.32
CA GLU G 12 -5.12 -5.79 -43.84
C GLU G 12 -4.06 -6.37 -42.89
N LEU G 13 -3.32 -5.47 -42.23
CA LEU G 13 -2.30 -5.82 -41.26
C LEU G 13 -2.91 -6.19 -39.90
N VAL G 14 -4.17 -5.80 -39.71
CA VAL G 14 -4.80 -5.81 -38.39
C VAL G 14 -5.95 -6.83 -38.22
N ILE G 15 -6.67 -7.13 -39.30
CA ILE G 15 -7.83 -8.05 -39.28
C ILE G 15 -7.44 -9.50 -39.59
N PRO G 16 -7.92 -10.46 -38.75
CA PRO G 16 -7.71 -11.89 -38.94
C PRO G 16 -8.24 -12.37 -40.27
N ASP G 17 -7.45 -13.18 -40.97
CA ASP G 17 -7.82 -13.66 -42.30
C ASP G 17 -8.85 -14.79 -42.25
N GLU G 18 -9.42 -15.11 -43.41
CA GLU G 18 -10.39 -16.17 -43.59
C GLU G 18 -10.01 -17.47 -42.85
N GLU G 19 -8.77 -17.91 -43.03
CA GLU G 19 -8.29 -19.18 -42.46
C GLU G 19 -8.35 -19.21 -40.94
N GLU G 20 -7.73 -18.20 -40.33
CA GLU G 20 -7.60 -18.07 -38.89
C GLU G 20 -8.94 -17.93 -38.19
N VAL G 21 -9.85 -17.16 -38.81
CA VAL G 21 -11.16 -16.88 -38.23
C VAL G 21 -11.98 -18.16 -38.05
N ARG G 22 -11.98 -19.03 -39.05
CA ARG G 22 -12.67 -20.31 -38.92
C ARG G 22 -11.76 -21.43 -38.42
N LYS G 23 -10.51 -21.09 -38.12
CA LYS G 23 -9.63 -21.96 -37.35
C LYS G 23 -10.11 -21.96 -35.90
N GLY G 24 -10.52 -20.78 -35.45
CA GLY G 24 -11.03 -20.60 -34.10
C GLY G 24 -12.51 -20.88 -33.95
N ARG G 25 -13.26 -20.68 -35.03
CA ARG G 25 -14.71 -20.93 -35.01
C ARG G 25 -15.00 -22.42 -34.82
N GLU G 26 -14.24 -23.26 -35.49
CA GLU G 26 -14.35 -24.70 -35.34
C GLU G 26 -13.92 -25.13 -33.93
N ALA G 27 -12.96 -24.40 -33.37
CA ALA G 27 -12.53 -24.62 -31.99
C ALA G 27 -13.56 -24.12 -30.99
N GLU G 28 -14.23 -23.02 -31.32
CA GLU G 28 -15.30 -22.46 -30.49
C GLU G 28 -16.48 -23.42 -30.37
N GLU G 29 -16.78 -24.13 -31.46
CA GLU G 29 -17.93 -25.03 -31.51
C GLU G 29 -17.72 -26.32 -30.73
N GLU G 30 -16.51 -26.88 -30.82
CA GLU G 30 -16.15 -28.09 -30.06
C GLU G 30 -16.04 -27.77 -28.57
N LEU G 31 -15.68 -26.54 -28.27
CA LEU G 31 -15.62 -26.07 -26.89
C LEU G 31 -17.03 -25.90 -26.29
N ARG G 32 -17.96 -25.33 -27.06
CA ARG G 32 -19.35 -25.26 -26.63
C ARG G 32 -19.90 -26.67 -26.45
N ARG G 33 -19.64 -27.51 -27.46
CA ARG G 33 -20.05 -28.91 -27.49
C ARG G 33 -19.63 -29.65 -26.22
N ARG G 34 -18.36 -29.49 -25.83
CA ARG G 34 -17.78 -30.18 -24.68
C ARG G 34 -18.29 -29.66 -23.35
N LEU G 35 -18.69 -28.39 -23.34
CA LEU G 35 -19.14 -27.74 -22.12
C LEU G 35 -20.62 -28.01 -21.87
N ASP G 36 -21.43 -27.90 -22.92
CA ASP G 36 -22.87 -28.09 -22.82
C ASP G 36 -23.25 -29.41 -22.17
N GLU G 37 -22.52 -30.47 -22.54
CA GLU G 37 -22.80 -31.82 -22.03
C GLU G 37 -22.36 -32.02 -20.58
N LEU G 38 -21.66 -31.02 -20.03
CA LEU G 38 -21.35 -31.02 -18.60
C LEU G 38 -22.38 -30.19 -17.85
N GLY G 39 -23.34 -29.68 -18.62
CA GLY G 39 -24.50 -28.97 -18.08
C GLY G 39 -24.16 -27.81 -17.17
N VAL G 40 -22.97 -27.27 -17.34
CA VAL G 40 -22.50 -26.17 -16.51
C VAL G 40 -22.68 -24.83 -17.23
N GLU G 41 -22.81 -23.76 -16.45
CA GLU G 41 -23.00 -22.42 -16.99
C GLU G 41 -21.68 -21.75 -17.32
N TYR G 42 -21.65 -21.09 -18.48
CA TYR G 42 -20.46 -20.36 -18.94
C TYR G 42 -20.85 -19.22 -19.88
N VAL G 43 -19.97 -18.22 -19.97
CA VAL G 43 -20.01 -17.26 -21.08
C VAL G 43 -18.65 -17.19 -21.72
N PHE G 44 -18.63 -16.93 -23.01
CA PHE G 44 -17.41 -16.62 -23.72
C PHE G 44 -17.20 -15.13 -23.55
N VAL G 45 -15.96 -14.72 -23.26
CA VAL G 45 -15.66 -13.29 -23.09
C VAL G 45 -14.42 -12.87 -23.89
N GLY G 46 -14.13 -11.57 -23.86
CA GLY G 46 -12.87 -11.06 -24.37
C GLY G 46 -12.76 -10.89 -25.87
N SER G 47 -11.52 -10.93 -26.34
CA SER G 47 -11.18 -10.68 -27.73
C SER G 47 -12.04 -11.47 -28.70
N TYR G 48 -12.24 -12.75 -28.40
CA TYR G 48 -12.93 -13.65 -29.32
C TYR G 48 -14.44 -13.45 -29.35
N ALA G 49 -15.04 -13.37 -28.18
CA ALA G 49 -16.49 -13.25 -28.05
C ALA G 49 -17.00 -11.98 -28.72
N ARG G 50 -16.42 -10.85 -28.34
CA ARG G 50 -16.75 -9.55 -28.93
C ARG G 50 -16.19 -9.40 -30.34
N ASN G 51 -15.35 -10.35 -30.74
CA ASN G 51 -14.74 -10.38 -32.06
C ASN G 51 -13.94 -9.12 -32.33
N THR G 52 -13.02 -8.83 -31.42
CA THR G 52 -12.09 -7.71 -31.57
C THR G 52 -10.64 -8.16 -31.58
N TRP G 53 -10.41 -9.46 -31.45
CA TRP G 53 -9.04 -9.98 -31.37
C TRP G 53 -8.15 -9.55 -32.54
N LEU G 54 -6.86 -9.40 -32.29
CA LEU G 54 -5.92 -8.97 -33.32
C LEU G 54 -5.48 -10.17 -34.17
N LYS G 55 -5.00 -9.88 -35.39
CA LYS G 55 -4.52 -10.92 -36.30
C LYS G 55 -3.34 -11.66 -35.68
N GLY G 56 -3.44 -12.98 -35.65
CA GLY G 56 -2.40 -13.85 -35.10
C GLY G 56 -2.41 -13.95 -33.59
N SER G 57 -3.48 -13.45 -32.96
CA SER G 57 -3.59 -13.45 -31.51
C SER G 57 -4.85 -14.18 -31.05
N LEU G 58 -5.22 -15.22 -31.78
CA LEU G 58 -6.46 -15.96 -31.52
C LEU G 58 -6.42 -16.71 -30.19
N GLU G 59 -7.35 -16.37 -29.31
CA GLU G 59 -7.44 -16.99 -28.00
C GLU G 59 -8.86 -16.90 -27.47
N ILE G 60 -9.41 -18.06 -27.11
CA ILE G 60 -10.74 -18.11 -26.52
C ILE G 60 -10.62 -17.88 -25.02
N ASP G 61 -11.58 -17.11 -24.48
CA ASP G 61 -11.74 -16.94 -23.03
C ASP G 61 -13.13 -17.44 -22.63
N VAL G 62 -13.17 -18.42 -21.73
CA VAL G 62 -14.42 -18.96 -21.21
C VAL G 62 -14.46 -18.85 -19.70
N PHE G 63 -15.41 -18.07 -19.20
CA PHE G 63 -15.62 -17.94 -17.77
C PHE G 63 -16.74 -18.87 -17.34
N LEU G 64 -16.44 -19.73 -16.37
CA LEU G 64 -17.45 -20.62 -15.81
C LEU G 64 -18.19 -19.86 -14.73
N LEU G 65 -19.52 -20.02 -14.70
CA LEU G 65 -20.34 -19.26 -13.77
C LEU G 65 -20.92 -20.11 -12.64
N PHE G 66 -20.26 -20.07 -11.49
CA PHE G 66 -20.66 -20.85 -10.33
C PHE G 66 -21.55 -20.02 -9.41
N PRO G 67 -22.55 -20.67 -8.79
CA PRO G 67 -23.50 -19.92 -7.96
C PRO G 67 -22.79 -19.29 -6.78
N GLU G 68 -23.17 -18.08 -6.41
CA GLU G 68 -22.42 -17.32 -5.40
C GLU G 68 -22.54 -17.85 -3.96
N GLU G 69 -23.07 -19.05 -3.79
CA GLU G 69 -23.13 -19.70 -2.47
C GLU G 69 -22.02 -20.72 -2.29
N PHE G 70 -21.05 -20.74 -3.19
CA PHE G 70 -19.97 -21.73 -3.13
C PHE G 70 -18.94 -21.34 -2.06
N SER G 71 -17.67 -21.48 -2.38
CA SER G 71 -16.61 -21.03 -1.50
C SER G 71 -15.37 -20.84 -2.34
N LYS G 72 -14.54 -19.88 -1.95
CA LYS G 72 -13.30 -19.55 -2.67
C LYS G 72 -12.42 -20.80 -2.79
N GLU G 73 -13.03 -21.94 -2.48
CA GLU G 73 -12.38 -23.24 -2.44
C GLU G 73 -13.17 -24.25 -3.27
N GLU G 74 -14.50 -24.11 -3.29
CA GLU G 74 -15.38 -24.98 -4.08
C GLU G 74 -15.37 -24.63 -5.56
N LEU G 75 -15.72 -23.39 -5.89
CA LEU G 75 -15.67 -22.91 -7.27
C LEU G 75 -14.25 -23.03 -7.82
N ARG G 76 -13.30 -23.08 -6.89
CA ARG G 76 -11.89 -23.21 -7.18
C ARG G 76 -11.60 -24.65 -7.62
N GLU G 77 -12.22 -25.59 -6.93
CA GLU G 77 -12.03 -27.03 -7.16
C GLU G 77 -12.84 -27.52 -8.36
N ARG G 78 -14.10 -27.08 -8.44
CA ARG G 78 -15.00 -27.43 -9.55
C ARG G 78 -14.50 -26.81 -10.86
N GLY G 79 -13.97 -25.61 -10.77
CA GLY G 79 -13.48 -24.87 -11.92
C GLY G 79 -12.35 -25.59 -12.62
N LEU G 80 -11.43 -26.14 -11.82
CA LEU G 80 -10.32 -26.93 -12.36
C LEU G 80 -10.80 -28.24 -12.94
N GLU G 81 -11.71 -28.93 -12.25
CA GLU G 81 -12.30 -30.16 -12.75
C GLU G 81 -12.88 -30.00 -14.17
N ILE G 82 -13.67 -28.94 -14.38
CA ILE G 82 -14.26 -28.69 -15.69
C ILE G 82 -13.21 -28.22 -16.69
N GLY G 83 -12.26 -27.43 -16.21
CA GLY G 83 -11.19 -26.88 -17.05
C GLY G 83 -10.29 -27.96 -17.60
N LYS G 84 -9.80 -28.82 -16.71
CA LYS G 84 -9.00 -29.96 -17.10
C LYS G 84 -9.75 -30.91 -18.05
N ALA G 85 -11.07 -31.04 -17.86
CA ALA G 85 -11.88 -32.03 -18.57
C ALA G 85 -12.47 -31.57 -19.90
N VAL G 86 -12.10 -30.38 -20.35
CA VAL G 86 -12.69 -29.81 -21.58
C VAL G 86 -11.64 -29.39 -22.62
N LEU G 87 -10.37 -29.36 -22.23
CA LEU G 87 -9.29 -28.99 -23.13
C LEU G 87 -8.46 -30.21 -23.56
N ASP G 88 -7.98 -30.16 -24.81
CA ASP G 88 -7.13 -31.22 -25.38
C ASP G 88 -5.86 -31.46 -24.57
N SER G 89 -5.09 -30.39 -24.38
CA SER G 89 -3.91 -30.40 -23.52
C SER G 89 -4.12 -29.26 -22.54
N TYR G 90 -3.62 -29.40 -21.33
CA TYR G 90 -3.87 -28.38 -20.31
C TYR G 90 -2.68 -28.07 -19.40
N GLU G 91 -2.53 -26.79 -19.08
CA GLU G 91 -1.60 -26.33 -18.05
C GLU G 91 -2.44 -25.72 -16.92
N ILE G 92 -1.79 -25.48 -15.77
CA ILE G 92 -2.42 -24.74 -14.69
C ILE G 92 -1.58 -23.50 -14.40
N ARG G 93 -2.23 -22.35 -14.26
CA ARG G 93 -1.55 -21.11 -13.92
C ARG G 93 -2.28 -20.37 -12.81
N TYR G 94 -1.54 -19.62 -11.99
CA TYR G 94 -2.09 -18.97 -10.80
C TYR G 94 -2.08 -17.45 -10.96
N ALA G 95 -3.24 -16.82 -10.77
CA ALA G 95 -3.38 -15.36 -10.89
C ALA G 95 -4.33 -14.78 -9.84
N GLU G 96 -5.62 -15.07 -9.99
CA GLU G 96 -6.60 -14.86 -8.93
C GLU G 96 -6.64 -16.21 -8.21
N HIS G 97 -7.70 -16.98 -8.45
CA HIS G 97 -7.70 -18.40 -8.13
C HIS G 97 -7.02 -19.06 -9.31
N PRO G 98 -6.23 -20.13 -9.06
CA PRO G 98 -5.66 -20.87 -10.19
C PRO G 98 -6.76 -21.36 -11.14
N TYR G 99 -6.47 -21.27 -12.44
CA TYR G 99 -7.40 -21.61 -13.51
C TYR G 99 -6.70 -22.50 -14.54
N VAL G 100 -7.42 -22.89 -15.58
CA VAL G 100 -6.85 -23.81 -16.57
C VAL G 100 -6.63 -23.14 -17.93
N HIS G 101 -5.37 -23.14 -18.37
CA HIS G 101 -4.98 -22.76 -19.72
C HIS G 101 -4.84 -24.03 -20.55
N GLY G 102 -4.92 -23.91 -21.87
CA GLY G 102 -4.76 -25.07 -22.74
C GLY G 102 -5.17 -24.87 -24.18
N VAL G 103 -5.47 -25.98 -24.84
CA VAL G 103 -5.74 -26.00 -26.28
C VAL G 103 -7.02 -26.80 -26.59
N VAL G 104 -7.82 -26.31 -27.53
CA VAL G 104 -8.92 -27.06 -28.11
C VAL G 104 -8.84 -26.96 -29.63
N LYS G 105 -8.76 -28.12 -30.29
CA LYS G 105 -8.55 -28.21 -31.73
C LYS G 105 -7.56 -27.17 -32.25
N GLY G 106 -6.38 -27.16 -31.63
CA GLY G 106 -5.27 -26.32 -32.06
C GLY G 106 -5.39 -24.84 -31.75
N VAL G 107 -6.33 -24.46 -30.88
CA VAL G 107 -6.54 -23.05 -30.52
C VAL G 107 -6.37 -22.84 -29.02
N GLU G 108 -5.58 -21.83 -28.64
CA GLU G 108 -5.30 -21.53 -27.23
C GLU G 108 -6.52 -21.03 -26.46
N VAL G 109 -6.81 -21.63 -25.31
CA VAL G 109 -8.02 -21.31 -24.53
C VAL G 109 -7.75 -21.12 -23.04
N ASP G 110 -8.52 -20.23 -22.43
CA ASP G 110 -8.50 -20.02 -20.98
C ASP G 110 -9.88 -20.32 -20.40
N VAL G 111 -9.90 -21.12 -19.34
CA VAL G 111 -11.15 -21.53 -18.69
C VAL G 111 -11.10 -21.07 -17.24
N VAL G 112 -11.84 -20.01 -16.93
CA VAL G 112 -11.71 -19.33 -15.65
C VAL G 112 -12.97 -19.46 -14.80
N PRO G 113 -12.82 -19.97 -13.55
CA PRO G 113 -13.96 -20.05 -12.66
C PRO G 113 -14.22 -18.67 -12.08
N CYS G 114 -15.50 -18.33 -11.92
CA CYS G 114 -15.89 -17.09 -11.25
C CYS G 114 -17.32 -17.18 -10.74
N TYR G 115 -17.64 -16.32 -9.78
CA TYR G 115 -18.99 -16.27 -9.24
C TYR G 115 -19.93 -15.56 -10.21
N LYS G 116 -21.18 -16.00 -10.25
CA LYS G 116 -22.16 -15.46 -11.20
C LYS G 116 -22.54 -13.99 -10.91
N LEU G 117 -23.00 -13.71 -9.70
CA LEU G 117 -23.29 -12.34 -9.21
C LEU G 117 -24.34 -11.57 -10.03
N LYS G 118 -25.35 -11.06 -9.33
CA LYS G 118 -26.45 -10.35 -9.95
C LYS G 118 -26.14 -8.87 -10.15
N GLU G 119 -25.30 -8.33 -9.27
CA GLU G 119 -24.98 -6.91 -9.27
C GLU G 119 -23.46 -6.66 -9.23
N PRO G 120 -22.99 -5.65 -10.00
CA PRO G 120 -21.58 -5.24 -9.87
C PRO G 120 -21.35 -4.34 -8.64
N LYS G 121 -22.02 -4.66 -7.54
CA LYS G 121 -21.85 -3.97 -6.25
C LYS G 121 -20.94 -4.76 -5.31
N ASN G 122 -21.27 -6.03 -5.11
CA ASN G 122 -20.48 -6.94 -4.29
C ASN G 122 -19.45 -7.72 -5.12
N ILE G 123 -18.32 -7.06 -5.39
CA ILE G 123 -17.24 -7.66 -6.22
C ILE G 123 -16.05 -8.14 -5.38
N LYS G 124 -15.99 -9.46 -5.21
CA LYS G 124 -15.02 -10.11 -4.34
C LYS G 124 -13.88 -10.83 -5.09
N SER G 125 -13.54 -10.29 -6.26
CA SER G 125 -12.38 -10.72 -7.07
C SER G 125 -12.39 -10.03 -8.43
N ALA G 126 -11.20 -9.66 -8.91
CA ALA G 126 -11.05 -8.97 -10.20
C ALA G 126 -11.68 -9.76 -11.35
N VAL G 127 -11.55 -11.08 -11.28
CA VAL G 127 -12.09 -11.98 -12.30
C VAL G 127 -13.61 -11.98 -12.34
N ASP G 128 -14.24 -11.47 -11.28
CA ASP G 128 -15.70 -11.40 -11.21
C ASP G 128 -16.28 -10.28 -12.08
N ARG G 129 -15.45 -9.29 -12.40
CA ARG G 129 -15.87 -8.14 -13.19
C ARG G 129 -16.01 -8.46 -14.67
N THR G 130 -15.15 -9.35 -15.16
CA THR G 130 -15.09 -9.69 -16.58
C THR G 130 -16.47 -10.03 -17.22
N PRO G 131 -17.28 -10.92 -16.61
CA PRO G 131 -18.62 -11.12 -17.18
C PRO G 131 -19.33 -9.81 -17.46
N PHE G 132 -19.29 -8.89 -16.48
CA PHE G 132 -19.98 -7.60 -16.58
C PHE G 132 -19.35 -6.68 -17.60
N HIS G 133 -18.02 -6.72 -17.70
CA HIS G 133 -17.31 -6.00 -18.75
C HIS G 133 -17.87 -6.41 -20.10
N HIS G 134 -17.92 -7.71 -20.35
CA HIS G 134 -18.41 -8.22 -21.62
C HIS G 134 -19.87 -7.82 -21.85
N LYS G 135 -20.71 -8.05 -20.85
CA LYS G 135 -22.15 -7.74 -20.94
C LYS G 135 -22.38 -6.26 -21.29
N TRP G 136 -21.50 -5.40 -20.80
CA TRP G 136 -21.57 -3.96 -21.08
C TRP G 136 -21.15 -3.65 -22.53
N LEU G 137 -20.08 -4.29 -22.99
CA LEU G 137 -19.45 -3.98 -24.29
C LEU G 137 -20.15 -4.59 -25.50
N GLU G 138 -20.56 -5.85 -25.37
CA GLU G 138 -21.31 -6.55 -26.40
C GLU G 138 -22.46 -5.67 -26.88
N GLY G 139 -22.60 -5.53 -28.20
CA GLY G 139 -23.69 -4.73 -28.78
C GLY G 139 -23.36 -3.24 -28.83
N ARG G 140 -22.71 -2.74 -27.78
CA ARG G 140 -22.20 -1.37 -27.77
C ARG G 140 -20.95 -1.30 -28.65
N ILE G 141 -20.40 -2.48 -28.94
CA ILE G 141 -19.18 -2.61 -29.75
C ILE G 141 -19.50 -2.97 -31.20
N LYS G 142 -20.69 -3.52 -31.43
CA LYS G 142 -21.10 -3.96 -32.77
C LYS G 142 -21.18 -2.80 -33.75
N GLY G 143 -20.54 -3.00 -34.90
CA GLY G 143 -20.37 -1.96 -35.92
C GLY G 143 -19.00 -1.28 -35.85
N LYS G 144 -18.23 -1.60 -34.83
CA LYS G 144 -16.98 -0.87 -34.56
C LYS G 144 -15.78 -1.77 -34.27
N GLU G 145 -15.94 -3.08 -34.49
CA GLU G 145 -14.88 -4.04 -34.17
C GLU G 145 -13.55 -3.78 -34.90
N ASN G 146 -13.63 -3.28 -36.13
CA ASN G 146 -12.43 -2.95 -36.89
C ASN G 146 -11.72 -1.71 -36.37
N GLU G 147 -12.50 -0.78 -35.82
CA GLU G 147 -11.96 0.45 -35.23
C GLU G 147 -11.16 0.14 -33.96
N VAL G 148 -11.67 -0.80 -33.16
CA VAL G 148 -10.92 -1.33 -32.00
C VAL G 148 -9.66 -2.02 -32.52
N ARG G 149 -9.84 -2.87 -33.54
CA ARG G 149 -8.73 -3.61 -34.14
C ARG G 149 -7.61 -2.67 -34.60
N LEU G 150 -7.99 -1.56 -35.22
CA LEU G 150 -7.03 -0.54 -35.63
C LEU G 150 -6.24 0.01 -34.45
N LEU G 151 -6.94 0.36 -33.38
CA LEU G 151 -6.34 0.94 -32.18
C LEU G 151 -5.33 0.01 -31.49
N LYS G 152 -5.71 -1.25 -31.31
CA LYS G 152 -4.81 -2.28 -30.78
C LYS G 152 -3.58 -2.42 -31.65
N GLY G 153 -3.77 -2.40 -32.96
CA GLY G 153 -2.69 -2.55 -33.93
C GLY G 153 -1.71 -1.41 -33.94
N PHE G 154 -2.23 -0.18 -33.78
CA PHE G 154 -1.43 1.04 -33.64
C PHE G 154 -0.51 0.93 -32.43
N LEU G 155 -1.12 0.62 -31.28
CA LEU G 155 -0.40 0.43 -30.03
C LEU G 155 0.61 -0.71 -30.10
N LYS G 156 0.15 -1.91 -30.47
CA LYS G 156 1.00 -3.09 -30.58
C LYS G 156 2.28 -2.81 -31.38
N ALA G 157 2.12 -2.03 -32.47
CA ALA G 157 3.21 -1.66 -33.36
C ALA G 157 4.26 -0.79 -32.70
N ASN G 158 3.83 -0.02 -31.70
CA ASN G 158 4.70 0.89 -30.99
C ASN G 158 5.02 0.41 -29.56
N GLY G 159 4.80 -0.88 -29.33
CA GLY G 159 5.22 -1.55 -28.11
C GLY G 159 4.56 -1.07 -26.83
N ILE G 160 3.30 -0.66 -26.92
CA ILE G 160 2.55 -0.21 -25.75
C ILE G 160 1.14 -0.83 -25.66
N TYR G 161 0.96 -1.99 -26.28
CA TYR G 161 -0.24 -2.77 -26.09
C TYR G 161 0.00 -3.88 -25.08
N GLY G 162 -0.94 -4.02 -24.14
CA GLY G 162 -0.79 -4.93 -23.03
C GLY G 162 -0.69 -4.13 -21.74
N ALA G 163 -1.52 -4.47 -20.76
CA ALA G 163 -1.49 -3.81 -19.47
C ALA G 163 -0.54 -4.54 -18.51
N GLU G 164 -0.04 -5.70 -18.91
CA GLU G 164 0.92 -6.46 -18.10
C GLU G 164 2.14 -5.62 -17.72
N TYR G 165 2.75 -5.94 -16.58
CA TYR G 165 3.89 -5.19 -16.06
C TYR G 165 5.09 -5.17 -17.01
N LYS G 166 5.17 -6.16 -17.88
CA LYS G 166 6.19 -6.22 -18.94
C LYS G 166 6.08 -5.06 -19.93
N VAL G 167 4.88 -4.50 -20.06
CA VAL G 167 4.63 -3.42 -21.02
C VAL G 167 4.16 -2.11 -20.37
N ARG G 168 3.25 -2.24 -19.40
CA ARG G 168 2.61 -1.09 -18.74
C ARG G 168 1.94 -0.17 -19.74
N GLY G 169 1.07 -0.73 -20.56
CA GLY G 169 0.41 0.02 -21.61
C GLY G 169 -1.10 -0.01 -21.47
N PHE G 170 -1.78 -0.15 -22.61
CA PHE G 170 -3.23 -0.16 -22.68
C PHE G 170 -3.73 -1.59 -22.79
N SER G 171 -4.67 -1.96 -21.93
CA SER G 171 -5.29 -3.28 -22.01
C SER G 171 -6.29 -3.30 -23.16
N GLY G 172 -6.58 -4.51 -23.66
CA GLY G 172 -7.58 -4.70 -24.70
C GLY G 172 -8.91 -4.07 -24.34
N TYR G 173 -9.36 -4.32 -23.11
CA TYR G 173 -10.59 -3.73 -22.59
C TYR G 173 -10.57 -2.23 -22.78
N LEU G 174 -9.54 -1.57 -22.26
CA LEU G 174 -9.37 -0.11 -22.37
C LEU G 174 -9.57 0.40 -23.80
N CYS G 175 -8.98 -0.30 -24.78
CA CYS G 175 -9.13 0.03 -26.19
C CYS G 175 -10.59 0.05 -26.63
N GLU G 176 -11.33 -0.99 -26.24
CA GLU G 176 -12.75 -1.08 -26.58
C GLU G 176 -13.50 0.08 -25.94
N LEU G 177 -13.30 0.26 -24.64
CA LEU G 177 -13.84 1.40 -23.90
C LEU G 177 -13.52 2.77 -24.51
N LEU G 178 -12.36 2.87 -25.17
CA LEU G 178 -12.00 4.11 -25.87
C LEU G 178 -12.78 4.29 -27.16
N ILE G 179 -12.94 3.21 -27.92
CA ILE G 179 -13.69 3.24 -29.17
C ILE G 179 -15.18 3.50 -28.94
N VAL G 180 -15.71 2.98 -27.82
CA VAL G 180 -17.09 3.25 -27.41
C VAL G 180 -17.27 4.72 -27.00
N PHE G 181 -16.21 5.33 -26.47
CA PHE G 181 -16.26 6.71 -26.04
C PHE G 181 -16.14 7.69 -27.21
N TYR G 182 -15.14 7.46 -28.06
CA TYR G 182 -14.85 8.38 -29.16
C TYR G 182 -15.50 7.96 -30.48
N GLY G 183 -16.10 6.76 -30.48
CA GLY G 183 -16.91 6.31 -31.61
C GLY G 183 -16.15 5.60 -32.71
N SER G 184 -14.87 5.91 -32.85
CA SER G 184 -14.02 5.36 -33.90
C SER G 184 -12.55 5.54 -33.57
N PHE G 185 -11.67 4.74 -34.18
CA PHE G 185 -10.24 5.05 -34.20
C PHE G 185 -10.10 6.24 -35.14
N LEU G 186 -9.27 7.19 -34.74
CA LEU G 186 -9.07 8.47 -35.43
C LEU G 186 -9.66 9.58 -34.59
N GLU G 187 -10.96 9.51 -34.30
CA GLU G 187 -11.58 10.41 -33.33
C GLU G 187 -10.94 10.22 -31.96
N THR G 188 -10.52 9.00 -31.68
CA THR G 188 -9.71 8.70 -30.50
C THR G 188 -8.33 9.35 -30.65
N VAL G 189 -7.64 9.03 -31.74
CA VAL G 189 -6.31 9.55 -32.01
C VAL G 189 -6.27 11.08 -32.08
N LYS G 190 -7.21 11.67 -32.81
CA LYS G 190 -7.36 13.13 -32.87
C LYS G 190 -7.39 13.70 -31.47
N ASN G 191 -8.41 13.31 -30.72
CA ASN G 191 -8.67 13.83 -29.37
C ASN G 191 -7.64 13.45 -28.32
N ALA G 192 -6.86 12.41 -28.59
CA ALA G 192 -5.86 11.92 -27.63
C ALA G 192 -4.72 12.91 -27.50
N ARG G 193 -4.45 13.63 -28.58
CA ARG G 193 -3.39 14.64 -28.62
C ARG G 193 -3.51 15.69 -27.51
N ARG G 194 -4.70 15.83 -26.95
CA ARG G 194 -4.91 16.78 -25.86
C ARG G 194 -5.17 16.13 -24.50
N TRP G 195 -4.87 14.85 -24.37
CA TRP G 195 -4.88 14.20 -23.06
C TRP G 195 -3.75 14.76 -22.22
N THR G 196 -4.01 14.90 -20.92
CA THR G 196 -2.97 15.29 -19.98
C THR G 196 -2.85 14.24 -18.88
N ARG G 197 -1.78 14.34 -18.10
CA ARG G 197 -1.55 13.46 -16.96
C ARG G 197 -2.61 13.59 -15.87
N ARG G 198 -3.62 14.44 -16.10
CA ARG G 198 -4.75 14.60 -15.17
C ARG G 198 -6.11 14.24 -15.79
N THR G 199 -6.11 13.84 -17.06
CA THR G 199 -7.33 13.51 -17.78
C THR G 199 -8.13 12.37 -17.14
N VAL G 200 -9.44 12.57 -17.05
CA VAL G 200 -10.37 11.57 -16.50
C VAL G 200 -11.44 11.29 -17.56
N ILE G 201 -11.55 10.04 -18.00
CA ILE G 201 -12.53 9.65 -19.02
C ILE G 201 -13.66 8.76 -18.47
N ASP G 202 -14.73 9.39 -17.98
CA ASP G 202 -15.88 8.66 -17.45
C ASP G 202 -16.82 8.27 -18.59
N VAL G 203 -16.67 7.04 -19.07
CA VAL G 203 -17.40 6.56 -20.25
C VAL G 203 -18.92 6.51 -20.00
N ALA G 204 -19.29 6.01 -18.83
CA ALA G 204 -20.69 5.91 -18.40
C ALA G 204 -21.43 7.25 -18.39
N LYS G 205 -20.69 8.32 -18.11
CA LYS G 205 -21.25 9.66 -18.10
C LYS G 205 -20.96 10.38 -19.42
N GLY G 206 -20.15 9.74 -20.26
CA GLY G 206 -19.73 10.33 -21.53
C GLY G 206 -19.16 11.73 -21.37
N GLU G 207 -18.39 11.94 -20.29
CA GLU G 207 -17.74 13.21 -20.02
C GLU G 207 -16.24 13.03 -19.76
N VAL G 208 -15.43 13.90 -20.37
CA VAL G 208 -14.01 13.99 -20.05
C VAL G 208 -13.85 15.07 -19.01
N ARG G 209 -13.08 14.79 -17.96
CA ARG G 209 -12.83 15.80 -16.92
C ARG G 209 -11.41 15.86 -16.37
N LYS G 210 -11.20 16.71 -15.38
CA LYS G 210 -9.88 16.90 -14.81
C LYS G 210 -9.85 16.39 -13.37
N GLY G 211 -8.89 15.51 -13.08
CA GLY G 211 -8.80 14.88 -11.76
C GLY G 211 -7.42 14.94 -11.16
N GLU G 212 -6.99 13.82 -10.57
CA GLU G 212 -5.69 13.76 -9.89
C GLU G 212 -4.57 13.18 -10.74
N GLU G 213 -4.90 12.17 -11.54
CA GLU G 213 -4.00 11.68 -12.60
C GLU G 213 -4.80 10.88 -13.63
N PHE G 214 -4.15 10.51 -14.73
CA PHE G 214 -4.85 9.82 -15.82
C PHE G 214 -5.66 8.67 -15.26
N PHE G 215 -6.98 8.72 -15.49
CA PHE G 215 -7.91 7.80 -14.87
C PHE G 215 -9.05 7.57 -15.84
N VAL G 216 -9.16 6.36 -16.36
CA VAL G 216 -10.30 5.97 -17.19
C VAL G 216 -11.30 5.19 -16.34
N VAL G 217 -12.47 5.80 -16.12
CA VAL G 217 -13.45 5.25 -15.18
C VAL G 217 -14.18 4.03 -15.77
N ASP G 218 -14.03 2.90 -15.08
CA ASP G 218 -14.71 1.66 -15.41
C ASP G 218 -16.22 1.88 -15.32
N PRO G 219 -16.93 1.66 -16.43
CA PRO G 219 -18.38 1.80 -16.45
C PRO G 219 -19.10 0.79 -15.56
N VAL G 220 -18.45 -0.34 -15.29
CA VAL G 220 -19.04 -1.41 -14.49
C VAL G 220 -18.89 -1.16 -12.98
N ASP G 221 -17.71 -0.71 -12.57
CA ASP G 221 -17.42 -0.38 -11.18
C ASP G 221 -16.62 0.92 -11.19
N GLU G 222 -17.31 2.04 -10.98
CA GLU G 222 -16.70 3.36 -11.25
C GLU G 222 -15.63 3.80 -10.24
N LYS G 223 -15.32 2.93 -9.29
CA LYS G 223 -14.17 3.13 -8.41
C LYS G 223 -12.87 2.61 -9.03
N ARG G 224 -13.00 1.81 -10.08
CA ARG G 224 -11.86 1.20 -10.76
C ARG G 224 -11.33 2.04 -11.91
N ASN G 225 -10.00 2.11 -12.00
CA ASN G 225 -9.31 2.82 -13.06
C ASN G 225 -8.84 1.83 -14.13
N VAL G 226 -9.56 1.77 -15.25
CA VAL G 226 -9.23 0.84 -16.34
C VAL G 226 -7.81 1.07 -16.89
N ALA G 227 -7.32 2.30 -16.74
CA ALA G 227 -6.00 2.68 -17.22
C ALA G 227 -4.94 2.55 -16.13
N ALA G 228 -5.27 1.80 -15.09
CA ALA G 228 -4.46 1.73 -13.86
C ALA G 228 -2.98 1.51 -14.09
N ASN G 229 -2.64 0.48 -14.85
CA ASN G 229 -1.22 0.15 -15.02
C ASN G 229 -0.60 0.67 -16.30
N LEU G 230 -1.26 1.64 -16.94
CA LEU G 230 -0.63 2.41 -17.99
C LEU G 230 0.37 3.35 -17.31
N SER G 231 1.61 3.35 -17.79
CA SER G 231 2.66 4.19 -17.21
C SER G 231 2.50 5.61 -17.68
N LEU G 232 3.12 6.56 -16.98
CA LEU G 232 3.13 7.95 -17.43
C LEU G 232 3.92 8.07 -18.74
N ASP G 233 5.03 7.35 -18.83
CA ASP G 233 5.91 7.39 -20.00
C ASP G 233 5.28 6.78 -21.24
N ASN G 234 4.36 5.86 -21.05
CA ASN G 234 3.65 5.28 -22.19
C ASN G 234 2.39 6.05 -22.53
N LEU G 235 1.87 6.82 -21.57
CA LEU G 235 0.78 7.74 -21.85
C LEU G 235 1.33 8.84 -22.75
N ALA G 236 2.46 9.41 -22.31
CA ALA G 236 3.19 10.40 -23.07
C ALA G 236 3.52 9.87 -24.46
N ARG G 237 4.07 8.65 -24.49
CA ARG G 237 4.60 8.07 -25.71
C ARG G 237 3.52 7.94 -26.77
N PHE G 238 2.28 7.73 -26.32
CA PHE G 238 1.10 7.62 -27.18
C PHE G 238 0.60 9.00 -27.58
N VAL G 239 0.34 9.85 -26.59
CA VAL G 239 -0.04 11.25 -26.80
C VAL G 239 0.85 11.91 -27.87
N HIS G 240 2.15 11.62 -27.83
CA HIS G 240 3.08 12.14 -28.82
C HIS G 240 2.90 11.49 -30.19
N LEU G 241 2.62 10.19 -30.21
CA LEU G 241 2.47 9.49 -31.48
C LEU G 241 1.29 10.02 -32.27
N CYS G 242 0.16 10.20 -31.60
CA CYS G 242 -1.04 10.71 -32.24
C CYS G 242 -0.76 12.02 -32.94
N ARG G 243 -0.14 12.95 -32.23
CA ARG G 243 0.29 14.22 -32.82
C ARG G 243 1.15 14.00 -34.05
N GLU G 244 2.16 13.14 -33.90
CA GLU G 244 3.10 12.81 -34.97
C GLU G 244 2.39 12.18 -36.15
N PHE G 245 1.38 11.36 -35.84
CA PHE G 245 0.56 10.70 -36.85
C PHE G 245 -0.29 11.72 -37.59
N MET G 246 -1.31 12.25 -36.91
CA MET G 246 -2.22 13.23 -37.49
C MET G 246 -1.50 14.17 -38.45
N GLU G 247 -0.47 14.83 -37.93
CA GLU G 247 0.32 15.80 -38.69
C GLU G 247 0.90 15.24 -40.00
N ALA G 248 1.45 14.03 -39.97
CA ALA G 248 1.95 13.37 -41.19
C ALA G 248 1.79 11.85 -41.14
N PRO G 249 0.58 11.35 -41.48
CA PRO G 249 0.25 9.93 -41.36
C PRO G 249 0.97 9.05 -42.38
N SER G 250 1.15 7.78 -42.01
CA SER G 250 1.76 6.77 -42.86
C SER G 250 1.39 5.39 -42.35
N LEU G 251 1.43 4.39 -43.23
CA LEU G 251 1.24 3.00 -42.86
C LEU G 251 2.30 2.57 -41.85
N GLY G 252 3.48 3.19 -41.93
CA GLY G 252 4.62 2.90 -41.07
C GLY G 252 4.33 2.81 -39.58
N PHE G 253 3.37 3.61 -39.12
CA PHE G 253 2.94 3.63 -37.72
C PHE G 253 2.31 2.30 -37.24
N PHE G 254 1.92 1.44 -38.18
CA PHE G 254 1.23 0.18 -37.86
C PHE G 254 2.12 -1.06 -37.95
N LYS G 255 3.28 -0.92 -38.57
CA LYS G 255 4.26 -2.00 -38.64
C LYS G 255 5.25 -1.86 -37.46
N PRO G 256 5.78 -2.99 -36.97
CA PRO G 256 6.75 -2.94 -35.87
C PRO G 256 8.10 -2.36 -36.30
N LYS G 257 8.78 -1.67 -35.38
CA LYS G 257 10.10 -1.10 -35.67
C LYS G 257 11.18 -2.15 -35.44
N HIS G 258 11.67 -2.72 -36.55
CA HIS G 258 12.67 -3.80 -36.51
C HIS G 258 13.97 -3.30 -35.89
N PRO G 259 14.52 -4.07 -34.91
CA PRO G 259 15.64 -3.60 -34.08
C PRO G 259 16.87 -3.19 -34.89
N LEU G 260 17.64 -2.26 -34.32
CA LEU G 260 18.79 -1.65 -35.00
C LEU G 260 19.82 -2.67 -35.50
N GLU G 261 20.46 -3.36 -34.54
CA GLU G 261 21.47 -4.41 -34.79
C GLU G 261 22.70 -3.90 -35.54
N ILE G 262 23.69 -3.46 -34.78
CA ILE G 262 24.90 -2.85 -35.34
C ILE G 262 26.18 -3.55 -34.90
N GLU G 263 27.25 -3.33 -35.67
CA GLU G 263 28.54 -4.00 -35.48
C GLU G 263 29.08 -3.81 -34.07
N PRO G 264 29.64 -4.88 -33.46
CA PRO G 264 30.24 -4.79 -32.11
C PRO G 264 31.45 -3.88 -32.09
N GLU G 265 31.72 -3.22 -33.22
CA GLU G 265 32.86 -2.33 -33.38
C GLU G 265 32.42 -0.87 -33.48
N ARG G 266 31.33 -0.61 -34.21
CA ARG G 266 30.76 0.75 -34.29
C ARG G 266 30.21 1.16 -32.93
N LEU G 267 29.65 0.19 -32.21
CA LEU G 267 29.13 0.41 -30.87
C LEU G 267 30.25 0.75 -29.89
N ARG G 268 31.38 0.06 -30.07
CA ARG G 268 32.60 0.35 -29.31
C ARG G 268 33.02 1.80 -29.48
N LYS G 269 32.86 2.32 -30.69
CA LYS G 269 33.28 3.69 -31.02
C LYS G 269 32.35 4.72 -30.41
N ILE G 270 31.06 4.40 -30.36
CA ILE G 270 30.04 5.29 -29.78
C ILE G 270 30.34 5.58 -28.30
N VAL G 271 30.51 4.51 -27.53
CA VAL G 271 30.86 4.61 -26.10
C VAL G 271 32.17 5.39 -25.91
N GLU G 272 33.03 5.34 -26.92
CA GLU G 272 34.25 6.15 -26.96
C GLU G 272 33.95 7.63 -27.17
N GLU G 273 33.16 7.92 -28.20
CA GLU G 273 32.79 9.30 -28.53
C GLU G 273 31.94 9.94 -27.43
N ARG G 274 31.19 9.11 -26.70
CA ARG G 274 30.39 9.55 -25.56
C ARG G 274 31.25 9.70 -24.31
N GLY G 275 32.36 8.97 -24.26
CA GLY G 275 33.28 9.03 -23.12
C GLY G 275 32.66 8.62 -21.81
N THR G 276 31.53 7.92 -21.88
CA THR G 276 30.86 7.40 -20.70
C THR G 276 31.44 6.05 -20.31
N ALA G 277 31.03 5.56 -19.14
CA ALA G 277 31.33 4.21 -18.71
C ALA G 277 30.06 3.39 -18.81
N VAL G 278 30.13 2.31 -19.59
CA VAL G 278 28.97 1.44 -19.81
C VAL G 278 29.26 0.03 -19.31
N PHE G 279 28.37 -0.49 -18.48
CA PHE G 279 28.52 -1.81 -17.88
C PHE G 279 27.18 -2.46 -17.56
N ALA G 280 27.23 -3.74 -17.21
CA ALA G 280 26.03 -4.49 -16.88
C ALA G 280 26.25 -5.44 -15.71
N VAL G 281 25.19 -5.67 -14.95
CA VAL G 281 25.18 -6.75 -13.96
C VAL G 281 24.45 -7.93 -14.59
N LYS G 282 25.12 -9.07 -14.69
CA LYS G 282 24.53 -10.27 -15.26
C LYS G 282 24.33 -11.31 -14.16
N PHE G 283 23.17 -11.97 -14.17
CA PHE G 283 22.89 -13.02 -13.19
C PHE G 283 21.86 -14.00 -13.76
N ARG G 284 21.76 -15.18 -13.14
CA ARG G 284 20.81 -16.19 -13.60
C ARG G 284 19.39 -15.69 -13.34
N LYS G 285 18.51 -15.85 -14.32
CA LYS G 285 17.13 -15.41 -14.21
C LYS G 285 16.33 -16.30 -13.25
N PRO G 286 15.72 -15.69 -12.20
CA PRO G 286 14.82 -16.41 -11.31
C PRO G 286 13.70 -17.12 -12.08
N ASP G 287 13.20 -18.22 -11.54
CA ASP G 287 12.12 -18.95 -12.19
C ASP G 287 10.71 -18.52 -11.73
N ILE G 288 10.32 -17.31 -12.11
CA ILE G 288 8.96 -16.82 -11.88
C ILE G 288 8.38 -16.08 -13.09
N VAL G 289 7.08 -15.79 -13.03
CA VAL G 289 6.35 -15.16 -14.12
C VAL G 289 6.84 -13.72 -14.36
N ASP G 290 6.48 -13.15 -15.51
CA ASP G 290 6.94 -11.82 -15.89
C ASP G 290 6.41 -10.70 -15.01
N ASP G 291 5.14 -10.81 -14.59
CA ASP G 291 4.52 -9.83 -13.69
C ASP G 291 5.12 -9.81 -12.28
N ASN G 292 6.11 -10.67 -12.06
CA ASN G 292 6.84 -10.76 -10.82
C ASN G 292 8.27 -10.33 -11.03
N LEU G 293 8.81 -10.73 -12.18
CA LEU G 293 10.21 -10.50 -12.52
C LEU G 293 10.47 -9.06 -12.93
N TYR G 294 9.63 -8.54 -13.83
CA TYR G 294 9.83 -7.19 -14.35
C TYR G 294 9.73 -6.11 -13.27
N PRO G 295 8.62 -6.06 -12.50
CA PRO G 295 8.58 -5.12 -11.37
C PRO G 295 9.87 -5.12 -10.55
N GLN G 296 10.42 -6.30 -10.28
CA GLN G 296 11.66 -6.46 -9.54
C GLN G 296 12.87 -5.93 -10.31
N LEU G 297 12.99 -6.33 -11.57
CA LEU G 297 14.02 -5.80 -12.46
C LEU G 297 14.04 -4.28 -12.47
N GLU G 298 12.85 -3.67 -12.49
CA GLU G 298 12.72 -2.22 -12.37
C GLU G 298 13.27 -1.72 -11.03
N ARG G 299 12.84 -2.36 -9.94
CA ARG G 299 13.27 -2.02 -8.59
C ARG G 299 14.78 -2.17 -8.45
N ALA G 300 15.31 -3.30 -8.93
CA ALA G 300 16.75 -3.56 -8.87
C ALA G 300 17.51 -2.50 -9.64
N SER G 301 17.05 -2.23 -10.86
CA SER G 301 17.62 -1.21 -11.73
C SER G 301 17.60 0.15 -11.04
N ARG G 302 16.50 0.47 -10.37
CA ARG G 302 16.37 1.74 -9.68
C ARG G 302 17.36 1.87 -8.51
N LYS G 303 17.42 0.83 -7.68
CA LYS G 303 18.25 0.88 -6.46
C LYS G 303 19.73 1.04 -6.78
N ILE G 304 20.20 0.37 -7.83
CA ILE G 304 21.60 0.48 -8.26
C ILE G 304 21.87 1.83 -8.91
N PHE G 305 20.88 2.37 -9.60
CA PHE G 305 20.98 3.69 -10.19
C PHE G 305 21.09 4.72 -9.08
N GLU G 306 20.19 4.62 -8.11
CA GLU G 306 20.18 5.50 -6.95
C GLU G 306 21.52 5.46 -6.22
N PHE G 307 22.10 4.26 -6.13
CA PHE G 307 23.41 4.08 -5.53
C PHE G 307 24.46 4.89 -6.28
N LEU G 308 24.59 4.64 -7.58
CA LEU G 308 25.55 5.31 -8.43
C LEU G 308 25.42 6.84 -8.36
N GLU G 309 24.18 7.29 -8.24
CA GLU G 309 23.85 8.71 -8.13
C GLU G 309 24.32 9.25 -6.78
N ARG G 310 24.02 8.50 -5.73
CA ARG G 310 24.41 8.84 -4.36
C ARG G 310 25.92 8.88 -4.24
N GLU G 311 26.59 7.91 -4.86
CA GLU G 311 28.03 7.76 -4.80
C GLU G 311 28.81 8.70 -5.71
N ASN G 312 28.10 9.53 -6.47
CA ASN G 312 28.69 10.58 -7.31
C ASN G 312 29.34 10.11 -8.59
N PHE G 313 28.83 8.99 -9.12
CA PHE G 313 29.23 8.49 -10.43
C PHE G 313 28.43 9.07 -11.61
N MET G 314 27.46 9.93 -11.29
CA MET G 314 26.60 10.61 -12.29
C MET G 314 26.04 9.68 -13.36
N PRO G 315 25.02 8.89 -13.00
CA PRO G 315 24.46 7.98 -13.98
C PRO G 315 23.57 8.73 -14.98
N LEU G 316 23.69 8.35 -16.25
CA LEU G 316 22.92 8.95 -17.33
C LEU G 316 21.55 8.32 -17.47
N ARG G 317 21.55 7.01 -17.78
CA ARG G 317 20.34 6.24 -17.95
C ARG G 317 20.54 4.79 -17.54
N SER G 318 19.44 4.05 -17.45
CA SER G 318 19.51 2.63 -17.15
C SER G 318 18.51 1.81 -17.97
N ALA G 319 18.83 0.54 -18.20
CA ALA G 319 17.93 -0.36 -18.90
C ALA G 319 18.11 -1.79 -18.40
N PHE G 320 17.21 -2.68 -18.81
CA PHE G 320 17.36 -4.10 -18.50
C PHE G 320 16.92 -4.99 -19.65
N LYS G 321 17.41 -6.22 -19.64
CA LYS G 321 17.05 -7.22 -20.63
C LYS G 321 16.88 -8.55 -19.91
N ALA G 322 15.87 -9.31 -20.32
CA ALA G 322 15.63 -10.64 -19.77
C ALA G 322 15.68 -11.68 -20.87
N SER G 323 16.81 -12.37 -21.00
CA SER G 323 16.93 -13.46 -21.95
C SER G 323 16.42 -14.77 -21.33
N GLU G 324 16.53 -15.87 -22.08
CA GLU G 324 16.09 -17.19 -21.63
C GLU G 324 16.56 -17.56 -20.22
N GLU G 325 17.87 -17.41 -19.98
CA GLU G 325 18.52 -17.97 -18.79
C GLU G 325 19.21 -16.92 -17.91
N PHE G 326 19.55 -15.77 -18.51
CA PHE G 326 20.24 -14.70 -17.80
C PHE G 326 19.48 -13.37 -17.81
N CYS G 327 19.75 -12.54 -16.82
CA CYS G 327 19.22 -11.17 -16.73
C CYS G 327 20.34 -10.14 -16.75
N TYR G 328 20.07 -8.98 -17.36
CA TYR G 328 21.07 -7.92 -17.51
C TYR G 328 20.51 -6.57 -17.10
N LEU G 329 21.06 -5.99 -16.04
CA LEU G 329 20.79 -4.60 -15.68
C LEU G 329 21.88 -3.75 -16.32
N LEU G 330 21.49 -2.72 -17.06
CA LEU G 330 22.44 -1.93 -17.87
C LEU G 330 22.51 -0.49 -17.39
N PHE G 331 23.73 0.05 -17.32
CA PHE G 331 23.93 1.44 -16.85
C PHE G 331 24.94 2.19 -17.70
N GLU G 332 24.67 3.49 -17.87
CA GLU G 332 25.63 4.40 -18.48
C GLU G 332 25.97 5.46 -17.44
N CYS G 333 27.25 5.65 -17.17
CA CYS G 333 27.70 6.62 -16.17
C CYS G 333 28.60 7.69 -16.76
N GLN G 334 28.47 8.91 -16.26
CA GLN G 334 29.25 10.06 -16.76
C GLN G 334 30.68 10.09 -16.21
N ILE G 335 30.89 9.39 -15.10
CA ILE G 335 32.20 9.33 -14.46
C ILE G 335 32.80 7.94 -14.62
N LYS G 336 33.89 7.84 -15.37
CA LYS G 336 34.59 6.57 -15.57
C LYS G 336 35.42 6.23 -14.34
N GLU G 337 35.90 7.26 -13.66
CA GLU G 337 36.74 7.12 -12.47
C GLU G 337 36.72 8.41 -11.67
N ILE G 338 36.54 8.26 -10.36
CA ILE G 338 36.52 9.37 -9.42
C ILE G 338 37.78 9.29 -8.54
N SER G 339 38.16 10.39 -7.90
CA SER G 339 39.35 10.42 -7.05
C SER G 339 39.23 9.48 -5.85
N ARG G 340 40.38 9.05 -5.32
CA ARG G 340 40.43 8.17 -4.15
C ARG G 340 40.00 8.90 -2.87
N VAL G 341 40.43 10.16 -2.76
CA VAL G 341 40.11 10.99 -1.59
C VAL G 341 38.75 11.71 -1.73
N PHE G 342 38.04 11.81 -0.62
CA PHE G 342 36.83 12.62 -0.51
C PHE G 342 36.87 13.36 0.84
N ARG G 343 35.95 14.29 1.07
CA ARG G 343 35.86 14.97 2.36
C ARG G 343 34.74 14.41 3.23
N ARG G 344 34.98 14.35 4.53
CA ARG G 344 34.13 13.57 5.43
C ARG G 344 33.08 14.37 6.20
N MET G 345 33.49 15.46 6.83
CA MET G 345 32.58 16.30 7.62
C MET G 345 32.43 15.78 9.04
N GLY G 346 32.80 16.63 9.99
CA GLY G 346 32.71 16.27 11.39
C GLY G 346 31.86 17.26 12.17
N PRO G 347 32.15 17.39 13.47
CA PRO G 347 31.40 18.27 14.35
C PRO G 347 31.76 19.73 14.17
N GLN G 348 30.85 20.61 14.58
CA GLN G 348 31.13 22.03 14.65
C GLN G 348 32.21 22.26 15.68
N PHE G 349 33.02 23.31 15.49
CA PHE G 349 34.22 23.51 16.29
C PHE G 349 33.95 23.49 17.80
N GLU G 350 32.78 23.99 18.19
CA GLU G 350 32.43 24.16 19.60
C GLU G 350 32.27 22.86 20.38
N ASP G 351 31.95 21.78 19.67
CA ASP G 351 31.74 20.49 20.31
C ASP G 351 33.05 19.83 20.76
N GLU G 352 33.54 20.24 21.93
CA GLU G 352 34.78 19.69 22.51
C GLU G 352 34.84 18.18 22.42
N ARG G 353 33.84 17.53 23.02
CA ARG G 353 33.80 16.08 23.16
C ARG G 353 33.91 15.35 21.84
N ASN G 354 33.13 15.80 20.85
CA ASN G 354 33.07 15.10 19.58
C ASN G 354 34.22 15.42 18.65
N VAL G 355 34.85 16.58 18.85
CA VAL G 355 36.04 16.94 18.06
C VAL G 355 37.22 16.06 18.48
N LYS G 356 37.40 15.90 19.78
CA LYS G 356 38.42 14.99 20.32
C LYS G 356 38.31 13.60 19.68
N LYS G 357 37.13 12.99 19.77
CA LYS G 357 36.86 11.68 19.15
C LYS G 357 37.17 11.68 17.66
N PHE G 358 36.76 12.74 16.98
CA PHE G 358 36.87 12.86 15.53
C PHE G 358 38.31 13.08 15.05
N LEU G 359 39.13 13.70 15.90
CA LEU G 359 40.47 14.10 15.50
C LEU G 359 41.53 13.10 15.95
N SER G 360 41.12 12.13 16.77
CA SER G 360 42.01 11.04 17.17
C SER G 360 42.15 10.01 16.06
N ARG G 361 41.02 9.65 15.45
CA ARG G 361 40.94 8.73 14.31
C ARG G 361 42.17 8.81 13.42
N ASN G 362 42.74 7.66 13.08
CA ASN G 362 43.93 7.63 12.24
C ASN G 362 43.64 7.97 10.78
N ARG G 363 44.41 8.92 10.25
CA ARG G 363 44.24 9.40 8.88
C ARG G 363 45.57 9.70 8.22
N ALA G 364 45.55 9.74 6.89
CA ALA G 364 46.75 10.03 6.11
C ALA G 364 46.98 11.54 5.96
N PHE G 365 45.92 12.33 6.19
CA PHE G 365 45.98 13.78 6.01
C PHE G 365 45.41 14.58 7.18
N ARG G 366 46.06 15.71 7.49
CA ARG G 366 45.56 16.68 8.48
C ARG G 366 44.13 17.13 8.17
N PRO G 367 43.20 16.98 9.13
CA PRO G 367 41.86 17.55 8.97
C PRO G 367 41.89 19.08 9.03
N PHE G 368 40.78 19.71 8.68
CA PHE G 368 40.73 21.15 8.57
C PHE G 368 39.37 21.71 8.97
N ILE G 369 39.36 23.00 9.30
CA ILE G 369 38.13 23.72 9.60
C ILE G 369 37.65 24.44 8.34
N GLU G 370 36.33 24.51 8.18
CA GLU G 370 35.71 25.27 7.10
C GLU G 370 34.29 25.62 7.53
N ASN G 371 33.95 26.91 7.48
CA ASN G 371 32.67 27.42 7.98
C ASN G 371 32.29 26.87 9.35
N GLY G 372 33.26 26.90 10.26
CA GLY G 372 33.05 26.55 11.66
C GLY G 372 32.76 25.08 11.91
N ARG G 373 33.26 24.21 11.04
CA ARG G 373 33.06 22.78 11.18
C ARG G 373 34.33 22.03 10.78
N TRP G 374 34.68 21.01 11.56
CA TRP G 374 35.83 20.18 11.22
C TRP G 374 35.48 19.21 10.10
N TRP G 375 36.26 19.25 9.03
CA TRP G 375 36.16 18.29 7.93
C TRP G 375 37.49 17.54 7.82
N ALA G 376 37.42 16.30 7.35
CA ALA G 376 38.63 15.47 7.19
C ALA G 376 38.66 14.72 5.86
N PHE G 377 39.86 14.57 5.31
CA PHE G 377 40.05 13.82 4.08
C PHE G 377 40.06 12.34 4.38
N GLU G 378 39.41 11.56 3.53
CA GLU G 378 39.37 10.11 3.68
C GLU G 378 39.43 9.38 2.35
N MET G 379 39.62 8.06 2.41
CA MET G 379 39.79 7.25 1.20
C MET G 379 38.53 6.46 0.86
N ARG G 380 38.15 6.52 -0.42
CA ARG G 380 37.01 5.77 -0.93
C ARG G 380 37.29 4.28 -1.03
N LYS G 381 36.24 3.46 -0.83
CA LYS G 381 36.34 2.01 -0.95
C LYS G 381 36.48 1.58 -2.42
N PHE G 382 35.74 2.24 -3.30
CA PHE G 382 35.82 1.99 -4.72
C PHE G 382 35.95 3.32 -5.47
N THR G 383 36.42 3.24 -6.70
CA THR G 383 36.89 4.41 -7.42
C THR G 383 36.35 4.45 -8.85
N THR G 384 35.73 3.36 -9.28
CA THR G 384 35.07 3.28 -10.58
C THR G 384 33.64 2.74 -10.40
N PRO G 385 32.70 3.12 -11.30
CA PRO G 385 31.31 2.69 -11.15
C PRO G 385 31.15 1.17 -11.12
N GLU G 386 31.97 0.47 -11.91
CA GLU G 386 32.00 -0.99 -11.96
C GLU G 386 32.32 -1.61 -10.58
N GLU G 387 33.50 -1.29 -10.04
CA GLU G 387 33.90 -1.66 -8.67
C GLU G 387 32.78 -1.32 -7.67
N GLY G 388 32.24 -0.13 -7.81
CA GLY G 388 31.20 0.37 -6.92
C GLY G 388 30.03 -0.56 -6.79
N VAL G 389 29.48 -0.96 -7.94
CA VAL G 389 28.32 -1.84 -7.99
C VAL G 389 28.63 -3.25 -7.48
N ARG G 390 29.82 -3.78 -7.82
CA ARG G 390 30.26 -5.08 -7.30
C ARG G 390 30.17 -5.08 -5.78
N SER G 391 30.75 -4.04 -5.17
CA SER G 391 30.62 -3.80 -3.75
C SER G 391 29.15 -3.76 -3.35
N TYR G 392 28.37 -2.91 -4.00
CA TYR G 392 26.96 -2.72 -3.66
C TYR G 392 26.09 -3.97 -3.80
N ALA G 393 26.26 -4.72 -4.88
CA ALA G 393 25.46 -5.93 -5.12
C ALA G 393 25.76 -7.05 -4.12
N SER G 394 27.03 -7.15 -3.70
CA SER G 394 27.45 -8.14 -2.72
C SER G 394 26.83 -7.87 -1.36
N THR G 395 26.95 -6.63 -0.89
CA THR G 395 26.41 -6.21 0.41
C THR G 395 24.90 -5.97 0.42
N HIS G 396 24.33 -5.56 -0.71
CA HIS G 396 22.94 -5.10 -0.74
C HIS G 396 21.99 -5.85 -1.68
N TRP G 397 22.28 -7.14 -1.90
CA TRP G 397 21.37 -8.01 -2.65
C TRP G 397 19.97 -7.97 -2.03
N HIS G 398 19.93 -7.75 -0.72
CA HIS G 398 18.69 -7.68 0.06
C HIS G 398 17.64 -6.79 -0.60
N THR G 399 18.07 -5.60 -1.00
CA THR G 399 17.18 -4.54 -1.43
C THR G 399 16.72 -4.66 -2.89
N LEU G 400 17.50 -5.35 -3.71
CA LEU G 400 17.26 -5.37 -5.16
C LEU G 400 16.10 -6.28 -5.60
N GLY G 401 15.09 -6.44 -4.75
CA GLY G 401 13.91 -7.23 -5.11
C GLY G 401 14.03 -8.69 -4.72
N LYS G 402 12.98 -9.19 -4.06
CA LYS G 402 12.92 -10.54 -3.47
C LYS G 402 13.59 -11.65 -4.29
N ASN G 403 12.95 -12.07 -5.38
CA ASN G 403 13.46 -13.15 -6.22
C ASN G 403 14.77 -12.80 -6.92
N VAL G 404 14.87 -11.56 -7.41
CA VAL G 404 16.05 -11.10 -8.13
C VAL G 404 17.29 -11.03 -7.22
N GLY G 405 17.16 -10.36 -6.08
CA GLY G 405 18.26 -10.24 -5.11
C GLY G 405 18.79 -11.59 -4.67
N GLU G 406 17.89 -12.56 -4.53
CA GLU G 406 18.26 -13.92 -4.17
C GLU G 406 19.11 -14.59 -5.24
N SER G 407 18.93 -14.20 -6.50
CA SER G 407 19.80 -14.71 -7.56
C SER G 407 21.11 -13.96 -7.60
N ILE G 408 21.07 -12.69 -7.19
CA ILE G 408 22.27 -11.88 -7.12
C ILE G 408 23.10 -12.32 -5.91
N ARG G 409 22.41 -12.73 -4.84
CA ARG G 409 23.05 -13.36 -3.69
C ARG G 409 23.86 -14.58 -4.17
N GLU G 410 23.20 -15.43 -4.94
CA GLU G 410 23.79 -16.62 -5.55
C GLU G 410 25.03 -16.29 -6.39
N TYR G 411 24.83 -15.45 -7.40
CA TYR G 411 25.85 -15.19 -8.41
C TYR G 411 25.52 -13.95 -9.23
N PHE G 412 26.52 -13.10 -9.44
CA PHE G 412 26.42 -11.96 -10.37
C PHE G 412 27.78 -11.60 -10.97
N GLU G 413 27.76 -10.88 -12.09
CA GLU G 413 28.98 -10.44 -12.76
C GLU G 413 28.88 -8.95 -13.12
N ILE G 414 30.00 -8.35 -13.49
CA ILE G 414 29.98 -7.02 -14.13
C ILE G 414 30.73 -7.05 -15.45
N ILE G 415 29.98 -7.03 -16.55
CA ILE G 415 30.56 -7.05 -17.89
C ILE G 415 30.58 -5.63 -18.45
N SER G 416 31.75 -5.19 -18.92
CA SER G 416 31.93 -3.80 -19.38
C SER G 416 32.91 -3.68 -20.54
N GLY G 417 32.69 -2.67 -21.38
CA GLY G 417 33.55 -2.42 -22.54
C GLY G 417 33.46 -3.51 -23.60
N GLU G 418 34.61 -3.82 -24.22
CA GLU G 418 34.71 -4.80 -25.30
C GLU G 418 33.98 -6.10 -25.00
N LYS G 419 34.10 -6.54 -23.75
CA LYS G 419 33.51 -7.80 -23.28
C LYS G 419 31.98 -7.76 -23.31
N LEU G 420 31.42 -6.58 -23.03
CA LEU G 420 29.97 -6.41 -22.97
C LEU G 420 29.29 -6.55 -24.32
N PHE G 421 29.85 -5.90 -25.34
CA PHE G 421 29.22 -5.82 -26.66
C PHE G 421 29.11 -7.19 -27.34
N LYS G 422 29.84 -8.17 -26.79
CA LYS G 422 29.78 -9.56 -27.23
C LYS G 422 28.52 -10.28 -26.72
N GLU G 423 27.87 -9.67 -25.74
CA GLU G 423 26.67 -10.23 -25.10
C GLU G 423 25.40 -9.90 -25.88
N PRO G 424 24.24 -10.52 -25.53
CA PRO G 424 23.00 -10.26 -26.26
C PRO G 424 22.21 -9.05 -25.74
N VAL G 425 22.89 -7.93 -25.57
CA VAL G 425 22.24 -6.69 -25.13
C VAL G 425 22.41 -5.52 -26.10
N THR G 426 23.15 -5.75 -27.18
CA THR G 426 23.40 -4.74 -28.20
C THR G 426 22.18 -3.88 -28.54
N ALA G 427 21.01 -4.53 -28.62
CA ALA G 427 19.77 -3.86 -29.00
C ALA G 427 19.20 -2.92 -27.93
N GLU G 428 19.44 -3.25 -26.66
CA GLU G 428 18.93 -2.45 -25.53
C GLU G 428 19.85 -1.29 -25.17
N LEU G 429 21.16 -1.48 -25.37
CA LEU G 429 22.14 -0.41 -25.17
C LEU G 429 21.89 0.76 -26.10
N CYS G 430 21.68 0.45 -27.38
CA CYS G 430 21.43 1.46 -28.39
C CYS G 430 20.20 2.30 -28.08
N GLU G 431 19.11 1.63 -27.73
CA GLU G 431 17.84 2.30 -27.43
C GLU G 431 18.01 3.22 -26.25
N MET G 432 18.65 2.70 -25.21
CA MET G 432 19.00 3.45 -24.00
C MET G 432 19.86 4.68 -24.33
N MET G 433 20.88 4.48 -25.16
CA MET G 433 21.78 5.56 -25.58
C MET G 433 21.20 6.44 -26.69
N GLY G 434 20.04 6.05 -27.20
CA GLY G 434 19.35 6.82 -28.24
C GLY G 434 20.13 6.96 -29.53
N VAL G 435 20.69 5.84 -30.00
CA VAL G 435 21.50 5.83 -31.22
C VAL G 435 20.57 5.77 -32.43
N LYS G 436 20.76 6.68 -33.37
CA LYS G 436 20.04 6.64 -34.64
C LYS G 436 20.68 5.64 -35.61
N ASP G 437 19.91 5.19 -36.59
CA ASP G 437 20.38 4.19 -37.54
C ASP G 437 21.13 4.83 -38.73
N MET H 1 55.46 20.89 32.17
CA MET H 1 54.57 22.08 31.95
C MET H 1 55.14 23.35 32.59
N LYS H 2 54.60 23.71 33.76
CA LYS H 2 54.88 25.00 34.42
C LYS H 2 54.47 26.15 33.52
N VAL H 3 53.17 26.42 33.48
CA VAL H 3 52.55 27.41 32.59
C VAL H 3 53.16 28.81 32.73
N GLU H 4 53.42 29.23 33.97
CA GLU H 4 53.99 30.55 34.27
C GLU H 4 55.49 30.67 33.98
N GLU H 5 56.18 29.53 33.90
CA GLU H 5 57.56 29.50 33.43
C GLU H 5 57.56 29.73 31.92
N ILE H 6 56.53 29.20 31.25
CA ILE H 6 56.34 29.35 29.81
C ILE H 6 55.87 30.77 29.48
N LEU H 7 55.04 31.35 30.36
CA LEU H 7 54.57 32.72 30.17
C LEU H 7 55.71 33.73 30.30
N GLU H 8 56.53 33.58 31.32
CA GLU H 8 57.73 34.41 31.49
C GLU H 8 58.68 34.23 30.32
N LYS H 9 58.87 32.98 29.89
CA LYS H 9 59.72 32.64 28.75
C LYS H 9 59.26 33.41 27.51
N ALA H 10 57.96 33.36 27.25
CA ALA H 10 57.37 34.02 26.08
C ALA H 10 57.44 35.55 26.11
N LEU H 11 57.57 36.11 27.31
CA LEU H 11 57.65 37.56 27.48
C LEU H 11 58.82 38.16 26.71
N GLU H 12 60.00 37.58 26.89
CA GLU H 12 61.23 38.05 26.24
C GLU H 12 61.13 37.99 24.70
N LEU H 13 60.27 37.11 24.22
CA LEU H 13 60.03 36.93 22.79
C LEU H 13 59.02 37.95 22.27
N VAL H 14 58.13 38.41 23.14
CA VAL H 14 57.02 39.28 22.74
C VAL H 14 57.20 40.76 23.09
N ILE H 15 58.04 41.04 24.10
CA ILE H 15 58.29 42.42 24.55
C ILE H 15 59.49 43.03 23.82
N PRO H 16 59.29 44.20 23.18
CA PRO H 16 60.34 44.88 22.40
C PRO H 16 61.56 45.24 23.23
N ASP H 17 62.74 45.01 22.65
CA ASP H 17 64.02 45.28 23.28
C ASP H 17 64.27 46.77 23.54
N GLU H 18 65.09 47.07 24.55
CA GLU H 18 65.45 48.44 24.93
C GLU H 18 65.82 49.33 23.73
N GLU H 19 66.57 48.76 22.79
CA GLU H 19 66.97 49.44 21.55
C GLU H 19 65.77 49.78 20.67
N GLU H 20 64.83 48.84 20.55
CA GLU H 20 63.57 49.08 19.83
C GLU H 20 62.77 50.21 20.46
N VAL H 21 62.51 50.09 21.76
CA VAL H 21 61.68 51.06 22.51
C VAL H 21 62.18 52.47 22.25
N ARG H 22 63.43 52.72 22.60
CA ARG H 22 64.04 54.04 22.44
C ARG H 22 64.11 54.43 20.96
N LYS H 23 64.24 53.42 20.09
CA LYS H 23 64.29 53.62 18.65
C LYS H 23 63.04 54.36 18.16
N GLY H 24 61.88 53.87 18.56
CA GLY H 24 60.61 54.52 18.22
C GLY H 24 60.38 55.74 19.07
N ARG H 25 60.83 55.68 20.32
CA ARG H 25 60.71 56.78 21.29
C ARG H 25 61.49 58.02 20.83
N GLU H 26 62.44 57.80 19.91
CA GLU H 26 63.23 58.87 19.32
C GLU H 26 62.57 59.41 18.04
N ALA H 27 61.80 58.55 17.38
CA ALA H 27 61.02 58.93 16.20
C ALA H 27 59.73 59.64 16.59
N GLU H 28 59.23 59.32 17.79
CA GLU H 28 58.05 59.96 18.36
C GLU H 28 58.33 61.42 18.72
N GLU H 29 59.44 61.65 19.43
CA GLU H 29 59.85 63.00 19.84
C GLU H 29 60.00 63.94 18.63
N GLU H 30 60.68 63.45 17.60
CA GLU H 30 60.94 64.22 16.36
C GLU H 30 59.67 64.50 15.58
N LEU H 31 58.77 63.52 15.55
CA LEU H 31 57.49 63.66 14.84
C LEU H 31 56.62 64.76 15.44
N ARG H 32 56.69 64.90 16.77
CA ARG H 32 56.01 65.99 17.47
C ARG H 32 56.58 67.35 17.07
N ARG H 33 57.91 67.44 17.04
CA ARG H 33 58.63 68.67 16.73
C ARG H 33 58.22 69.28 15.39
N ARG H 34 57.81 68.42 14.45
CA ARG H 34 57.45 68.82 13.09
C ARG H 34 55.97 69.20 12.95
N LEU H 35 55.13 68.68 13.84
CA LEU H 35 53.70 68.97 13.85
C LEU H 35 53.39 70.21 14.68
N ASP H 36 53.94 70.25 15.89
CA ASP H 36 53.84 71.42 16.78
C ASP H 36 54.16 72.69 16.03
N GLU H 37 55.12 72.59 15.11
CA GLU H 37 55.53 73.70 14.24
C GLU H 37 54.48 74.07 13.20
N LEU H 38 53.84 73.08 12.58
CA LEU H 38 52.83 73.33 11.55
C LEU H 38 51.46 73.69 12.15
N GLY H 39 51.37 73.63 13.48
CA GLY H 39 50.28 74.29 14.23
C GLY H 39 48.93 73.63 14.35
N VAL H 40 48.73 72.47 13.72
CA VAL H 40 47.43 71.77 13.78
C VAL H 40 47.36 70.73 14.90
N GLU H 41 46.14 70.36 15.27
CA GLU H 41 45.85 69.41 16.33
C GLU H 41 46.20 67.97 15.97
N TYR H 42 46.60 67.20 16.98
CA TYR H 42 46.88 65.77 16.83
C TYR H 42 46.78 65.04 18.17
N VAL H 43 46.48 63.74 18.12
CA VAL H 43 46.73 62.84 19.25
C VAL H 43 47.33 61.53 18.76
N PHE H 44 48.23 60.97 19.57
CA PHE H 44 48.77 59.65 19.29
C PHE H 44 47.80 58.61 19.82
N VAL H 45 47.39 57.70 18.94
CA VAL H 45 46.51 56.60 19.31
C VAL H 45 47.25 55.29 19.05
N GLY H 46 46.64 54.17 19.43
CA GLY H 46 47.12 52.87 19.00
C GLY H 46 48.19 52.19 19.83
N SER H 47 48.77 51.17 19.22
CA SER H 47 49.65 50.22 19.90
C SER H 47 50.91 50.84 20.44
N TYR H 48 51.24 52.04 19.95
CA TYR H 48 52.39 52.77 20.47
C TYR H 48 52.00 53.67 21.62
N ALA H 49 50.97 54.48 21.41
CA ALA H 49 50.51 55.46 22.40
C ALA H 49 50.09 54.80 23.70
N ARG H 50 49.47 53.63 23.59
CA ARG H 50 49.06 52.85 24.75
C ARG H 50 50.15 51.90 25.19
N ASN H 51 51.25 51.88 24.44
CA ASN H 51 52.42 51.08 24.78
C ASN H 51 52.09 49.60 24.78
N THR H 52 51.42 49.15 23.70
CA THR H 52 50.94 47.76 23.59
C THR H 52 51.46 47.00 22.36
N TRP H 53 52.24 47.66 21.49
CA TRP H 53 52.77 47.03 20.27
C TRP H 53 53.67 45.81 20.55
N LEU H 54 53.81 44.96 19.53
CA LEU H 54 54.63 43.75 19.61
C LEU H 54 56.12 43.99 19.35
N LYS H 55 56.94 43.04 19.79
CA LYS H 55 58.36 43.06 19.45
C LYS H 55 58.52 42.82 17.94
N GLY H 56 58.79 43.91 17.21
CA GLY H 56 58.98 43.85 15.77
C GLY H 56 57.83 44.42 14.94
N SER H 57 56.77 44.84 15.63
CA SER H 57 55.60 45.44 14.98
C SER H 57 55.48 46.93 15.34
N LEU H 58 56.63 47.62 15.31
CA LEU H 58 56.69 49.02 15.72
C LEU H 58 56.17 49.98 14.63
N GLU H 59 54.89 50.32 14.74
CA GLU H 59 54.26 51.34 13.90
C GLU H 59 53.57 52.37 14.78
N ILE H 60 53.52 53.62 14.31
CA ILE H 60 52.98 54.73 15.10
C ILE H 60 51.75 55.34 14.41
N ASP H 61 50.60 55.30 15.11
CA ASP H 61 49.34 55.84 14.59
C ASP H 61 49.03 57.24 15.14
N VAL H 62 48.93 58.23 14.24
CA VAL H 62 48.72 59.63 14.64
C VAL H 62 47.54 60.28 13.91
N PHE H 63 46.41 60.37 14.59
CA PHE H 63 45.20 60.97 14.03
C PHE H 63 45.22 62.51 14.14
N LEU H 64 44.66 63.17 13.13
CA LEU H 64 44.56 64.63 13.11
C LEU H 64 43.11 65.03 13.35
N LEU H 65 42.89 65.91 14.32
CA LEU H 65 41.54 66.37 14.65
C LEU H 65 41.17 67.59 13.82
N PHE H 66 39.98 67.53 13.23
CA PHE H 66 39.50 68.58 12.33
C PHE H 66 38.13 69.10 12.77
N PRO H 67 37.87 70.41 12.59
CA PRO H 67 36.59 71.03 12.95
C PRO H 67 35.37 70.29 12.40
N GLU H 68 34.31 70.28 13.21
CA GLU H 68 33.01 69.69 12.86
C GLU H 68 32.39 70.29 11.59
N GLU H 69 32.69 71.56 11.33
CA GLU H 69 32.12 72.29 10.18
C GLU H 69 32.98 72.24 8.92
N PHE H 70 33.30 71.02 8.45
CA PHE H 70 34.13 70.82 7.26
C PHE H 70 33.47 69.99 6.15
N SER H 71 34.29 69.56 5.18
CA SER H 71 33.83 68.69 4.09
C SER H 71 34.86 67.59 3.79
N LYS H 72 34.37 66.50 3.19
CA LYS H 72 35.19 65.31 2.88
C LYS H 72 36.52 65.62 2.17
N GLU H 73 36.47 66.52 1.21
CA GLU H 73 37.67 66.93 0.44
C GLU H 73 38.58 67.80 1.28
N GLU H 74 38.00 68.72 2.04
CA GLU H 74 38.76 69.59 2.93
C GLU H 74 39.51 68.79 3.99
N LEU H 75 39.04 67.58 4.27
CA LEU H 75 39.79 66.59 5.06
C LEU H 75 40.86 65.93 4.19
N ARG H 76 40.42 65.21 3.15
CA ARG H 76 41.31 64.49 2.22
C ARG H 76 42.50 65.33 1.80
N GLU H 77 42.26 66.61 1.57
CA GLU H 77 43.28 67.52 1.05
C GLU H 77 44.24 68.02 2.13
N ARG H 78 43.69 68.59 3.21
CA ARG H 78 44.51 69.15 4.29
C ARG H 78 45.34 68.09 5.02
N GLY H 79 44.80 66.87 5.11
CA GLY H 79 45.48 65.76 5.77
C GLY H 79 46.68 65.23 4.99
N LEU H 80 46.43 64.85 3.74
CA LEU H 80 47.48 64.33 2.85
C LEU H 80 48.57 65.38 2.60
N GLU H 81 48.21 66.65 2.76
CA GLU H 81 49.15 67.76 2.65
C GLU H 81 50.16 67.72 3.80
N ILE H 82 49.67 67.48 5.00
CA ILE H 82 50.50 67.46 6.21
C ILE H 82 51.46 66.27 6.20
N GLY H 83 50.93 65.06 6.01
CA GLY H 83 51.73 63.84 5.98
C GLY H 83 53.04 63.98 5.22
N LYS H 84 52.94 64.23 3.92
CA LYS H 84 54.12 64.31 3.04
C LYS H 84 55.08 65.44 3.39
N ALA H 85 54.56 66.48 4.06
CA ALA H 85 55.36 67.64 4.46
C ALA H 85 55.72 67.59 5.95
N VAL H 86 55.73 66.38 6.52
CA VAL H 86 56.07 66.16 7.93
C VAL H 86 56.84 64.83 8.14
N LEU H 87 56.91 64.03 7.08
CA LEU H 87 57.68 62.79 7.08
C LEU H 87 58.78 62.76 6.02
N ASP H 88 59.84 62.01 6.30
CA ASP H 88 60.99 61.87 5.41
C ASP H 88 60.63 61.09 4.14
N SER H 89 60.08 59.89 4.35
CA SER H 89 59.56 59.05 3.28
C SER H 89 58.03 59.03 3.32
N TYR H 90 57.39 58.86 2.16
CA TYR H 90 55.93 58.91 2.07
C TYR H 90 55.36 58.13 0.88
N GLU H 91 54.09 57.72 1.02
CA GLU H 91 53.30 57.14 -0.07
C GLU H 91 51.80 57.39 0.16
N ILE H 92 50.94 56.50 -0.34
CA ILE H 92 49.50 56.70 -0.28
C ILE H 92 48.68 55.40 -0.07
N ARG H 93 47.48 55.54 0.48
CA ARG H 93 46.54 54.41 0.68
C ARG H 93 45.09 54.86 0.47
N TYR H 94 44.24 53.92 0.07
CA TYR H 94 42.84 54.23 -0.25
C TYR H 94 41.82 53.43 0.57
N ALA H 95 41.90 53.53 1.90
CA ALA H 95 40.88 52.92 2.77
C ALA H 95 39.64 53.81 2.87
N GLU H 96 39.01 53.86 4.05
CA GLU H 96 37.81 54.69 4.27
C GLU H 96 37.99 56.08 3.65
N HIS H 97 38.91 56.86 4.20
CA HIS H 97 39.39 58.07 3.54
C HIS H 97 40.90 57.92 3.37
N PRO H 98 41.41 58.19 2.15
CA PRO H 98 42.84 58.10 1.89
C PRO H 98 43.68 58.74 2.99
N TYR H 99 44.77 58.06 3.35
CA TYR H 99 45.67 58.51 4.42
C TYR H 99 47.13 58.27 4.04
N VAL H 100 48.02 58.94 4.77
CA VAL H 100 49.47 58.81 4.56
C VAL H 100 50.00 57.59 5.31
N HIS H 101 50.98 56.92 4.70
CA HIS H 101 51.77 55.91 5.38
C HIS H 101 53.25 56.19 5.09
N GLY H 102 53.93 56.78 6.06
CA GLY H 102 55.32 57.21 5.87
C GLY H 102 56.33 56.53 6.78
N VAL H 103 57.57 57.04 6.73
CA VAL H 103 58.68 56.55 7.55
C VAL H 103 59.46 57.73 8.12
N VAL H 104 59.47 57.86 9.46
CA VAL H 104 60.24 58.89 10.15
C VAL H 104 61.34 58.28 11.02
N LYS H 105 62.58 58.72 10.77
CA LYS H 105 63.76 58.17 11.43
C LYS H 105 63.82 56.64 11.35
N GLY H 106 63.44 56.12 10.18
CA GLY H 106 63.47 54.68 9.91
C GLY H 106 62.33 53.87 10.53
N VAL H 107 61.33 54.57 11.04
CA VAL H 107 60.18 53.93 11.73
C VAL H 107 58.88 54.21 11.00
N GLU H 108 58.17 53.14 10.61
CA GLU H 108 56.91 53.26 9.88
C GLU H 108 55.87 54.07 10.68
N VAL H 109 55.09 54.87 9.97
CA VAL H 109 54.10 55.75 10.59
C VAL H 109 52.84 55.87 9.73
N ASP H 110 51.68 55.73 10.36
CA ASP H 110 50.40 56.04 9.72
C ASP H 110 49.92 57.43 10.16
N VAL H 111 49.23 58.14 9.27
CA VAL H 111 48.66 59.45 9.59
C VAL H 111 47.25 59.59 9.01
N VAL H 112 46.25 59.51 9.88
CA VAL H 112 44.85 59.56 9.45
C VAL H 112 44.22 60.90 9.84
N PRO H 113 43.48 61.54 8.91
CA PRO H 113 42.66 62.68 9.29
C PRO H 113 41.25 62.25 9.72
N CYS H 114 40.67 62.97 10.68
CA CYS H 114 39.27 62.76 11.08
C CYS H 114 38.68 63.99 11.78
N TYR H 115 37.41 63.89 12.17
CA TYR H 115 36.71 64.99 12.83
C TYR H 115 36.96 65.01 14.34
N LYS H 116 37.05 66.23 14.90
CA LYS H 116 37.15 66.48 16.33
C LYS H 116 36.07 65.73 17.11
N LEU H 117 34.82 66.17 16.96
CA LEU H 117 33.63 65.48 17.49
C LEU H 117 33.49 65.59 19.00
N LYS H 118 32.26 65.85 19.46
CA LYS H 118 32.00 66.00 20.88
C LYS H 118 31.90 64.63 21.56
N GLU H 119 30.75 63.97 21.39
CA GLU H 119 30.50 62.64 21.93
C GLU H 119 30.17 61.66 20.79
N PRO H 120 30.56 60.38 20.92
CA PRO H 120 30.62 59.47 19.75
C PRO H 120 29.32 58.80 19.28
N LYS H 121 28.23 59.56 19.19
CA LYS H 121 27.03 59.08 18.49
C LYS H 121 26.83 59.87 17.18
N ASN H 122 27.75 60.79 16.90
CA ASN H 122 27.80 61.52 15.63
C ASN H 122 28.28 60.62 14.47
N ILE H 123 29.21 59.71 14.80
CA ILE H 123 29.75 58.67 13.88
C ILE H 123 29.99 59.08 12.40
N LYS H 124 30.27 60.36 12.19
CA LYS H 124 30.29 61.01 10.86
C LYS H 124 31.17 60.33 9.79
N SER H 125 32.19 59.59 10.22
CA SER H 125 33.19 59.04 9.28
C SER H 125 33.74 57.66 9.70
N ALA H 126 33.24 57.12 10.81
CA ALA H 126 33.63 55.79 11.36
C ALA H 126 35.07 55.67 11.90
N VAL H 127 36.01 56.41 11.32
CA VAL H 127 37.37 56.55 11.87
C VAL H 127 37.36 57.62 12.97
N ASP H 128 36.21 58.27 13.11
CA ASP H 128 35.97 59.30 14.12
C ASP H 128 35.94 58.74 15.54
N ARG H 129 35.74 57.42 15.66
CA ARG H 129 35.66 56.79 16.97
C ARG H 129 36.99 56.21 17.48
N THR H 130 38.08 56.48 16.76
CA THR H 130 39.40 55.93 17.11
C THR H 130 40.10 56.63 18.29
N PRO H 131 40.05 57.99 18.36
CA PRO H 131 40.64 58.61 19.54
C PRO H 131 39.84 58.32 20.81
N PHE H 132 38.53 58.12 20.65
CA PHE H 132 37.67 57.73 21.75
C PHE H 132 38.10 56.40 22.34
N HIS H 133 38.53 55.48 21.48
CA HIS H 133 39.04 54.19 21.92
C HIS H 133 40.23 54.36 22.84
N HIS H 134 41.16 55.23 22.46
CA HIS H 134 42.33 55.54 23.25
C HIS H 134 41.91 56.06 24.61
N LYS H 135 41.13 57.13 24.59
CA LYS H 135 40.53 57.73 25.77
C LYS H 135 40.05 56.67 26.77
N TRP H 136 39.17 55.80 26.29
CA TRP H 136 38.57 54.74 27.10
C TRP H 136 39.60 53.71 27.58
N LEU H 137 40.65 53.48 26.79
CA LEU H 137 41.60 52.41 27.07
C LEU H 137 42.75 52.74 28.03
N GLU H 138 43.46 53.82 27.77
CA GLU H 138 44.61 54.24 28.60
C GLU H 138 44.24 54.24 30.09
N GLY H 139 45.17 53.79 30.93
CA GLY H 139 44.93 53.74 32.38
C GLY H 139 44.07 52.57 32.81
N ARG H 140 43.01 52.32 32.04
CA ARG H 140 42.21 51.11 32.20
C ARG H 140 43.06 49.93 31.73
N ILE H 141 44.04 50.23 30.89
CA ILE H 141 44.95 49.25 30.32
C ILE H 141 46.27 49.14 31.10
N LYS H 142 46.57 50.16 31.90
CA LYS H 142 47.80 50.21 32.70
C LYS H 142 47.98 48.96 33.56
N GLY H 143 49.20 48.47 33.64
CA GLY H 143 49.52 47.26 34.41
C GLY H 143 49.17 45.97 33.69
N LYS H 144 48.53 46.09 32.53
CA LYS H 144 48.06 44.94 31.76
C LYS H 144 48.70 44.92 30.39
N GLU H 145 49.47 45.97 30.08
CA GLU H 145 50.09 46.14 28.76
C GLU H 145 51.11 45.06 28.39
N ASN H 146 51.34 44.12 29.30
CA ASN H 146 52.12 42.93 28.99
C ASN H 146 51.26 41.73 28.66
N GLU H 147 50.07 41.69 29.26
CA GLU H 147 49.08 40.64 28.99
C GLU H 147 48.50 40.82 27.59
N VAL H 148 48.45 42.08 27.14
CA VAL H 148 48.04 42.42 25.78
C VAL H 148 49.12 41.95 24.80
N ARG H 149 50.37 42.26 25.10
CA ARG H 149 51.49 41.83 24.27
C ARG H 149 51.54 40.31 24.14
N LEU H 150 51.37 39.61 25.26
CA LEU H 150 51.33 38.14 25.27
C LEU H 150 50.26 37.58 24.33
N LEU H 151 49.08 38.18 24.33
CA LEU H 151 47.98 37.76 23.47
C LEU H 151 48.30 37.98 22.00
N LYS H 152 48.61 39.23 21.64
CA LYS H 152 48.96 39.57 20.27
C LYS H 152 50.01 38.62 19.70
N GLY H 153 51.04 38.31 20.51
CA GLY H 153 52.07 37.35 20.13
C GLY H 153 51.52 35.95 19.90
N PHE H 154 50.66 35.51 20.82
CA PHE H 154 49.98 34.21 20.71
C PHE H 154 49.24 34.09 19.39
N LEU H 155 48.58 35.17 19.00
CA LEU H 155 47.89 35.26 17.72
C LEU H 155 48.88 35.36 16.55
N LYS H 156 49.67 36.43 16.52
CA LYS H 156 50.59 36.71 15.40
C LYS H 156 51.31 35.47 14.86
N ALA H 157 51.69 34.56 15.77
CA ALA H 157 52.41 33.34 15.40
C ALA H 157 51.48 32.23 14.90
N ASN H 158 50.18 32.49 14.95
CA ASN H 158 49.18 31.58 14.39
C ASN H 158 48.31 32.25 13.32
N GLY H 159 48.83 33.33 12.77
CA GLY H 159 48.26 33.99 11.58
C GLY H 159 46.86 34.54 11.73
N ILE H 160 46.45 34.83 12.96
CA ILE H 160 45.11 35.36 13.19
C ILE H 160 45.13 36.71 13.90
N TYR H 161 46.28 37.36 13.89
CA TYR H 161 46.35 38.74 14.33
C TYR H 161 46.19 39.69 13.16
N GLY H 162 45.47 40.78 13.39
CA GLY H 162 45.19 41.75 12.36
C GLY H 162 43.78 41.55 11.83
N ALA H 163 43.01 42.63 11.81
CA ALA H 163 41.66 42.60 11.25
C ALA H 163 41.65 43.01 9.77
N GLU H 164 42.84 43.08 9.17
CA GLU H 164 42.99 43.33 7.72
C GLU H 164 42.48 42.13 6.93
N TYR H 165 42.03 42.39 5.70
CA TYR H 165 41.44 41.33 4.88
C TYR H 165 42.42 40.24 4.48
N LYS H 166 43.71 40.51 4.58
CA LYS H 166 44.73 39.49 4.38
C LYS H 166 44.61 38.39 5.44
N VAL H 167 43.91 38.71 6.53
CA VAL H 167 43.86 37.85 7.71
C VAL H 167 42.43 37.52 8.16
N ARG H 168 41.62 38.54 8.40
CA ARG H 168 40.31 38.39 9.05
C ARG H 168 40.50 37.82 10.45
N GLY H 169 41.31 38.49 11.25
CA GLY H 169 41.62 38.03 12.59
C GLY H 169 41.25 39.03 13.66
N PHE H 170 42.03 39.04 14.73
CA PHE H 170 41.77 39.91 15.85
C PHE H 170 42.53 41.22 15.66
N SER H 171 41.82 42.34 15.72
CA SER H 171 42.45 43.65 15.67
C SER H 171 43.17 43.90 16.98
N GLY H 172 44.16 44.78 16.95
CA GLY H 172 44.91 45.17 18.15
C GLY H 172 44.00 45.73 19.23
N TYR H 173 43.02 46.53 18.82
CA TYR H 173 42.02 47.10 19.74
C TYR H 173 41.19 46.02 20.41
N LEU H 174 40.88 44.96 19.67
CA LEU H 174 40.11 43.83 20.19
C LEU H 174 40.91 43.04 21.23
N CYS H 175 42.23 42.98 21.05
CA CYS H 175 43.12 42.32 22.00
C CYS H 175 43.18 43.09 23.31
N GLU H 176 43.22 44.42 23.19
CA GLU H 176 43.23 45.29 24.35
C GLU H 176 41.91 45.17 25.11
N LEU H 177 40.80 45.18 24.38
CA LEU H 177 39.48 45.03 24.99
C LEU H 177 39.29 43.70 25.73
N LEU H 178 39.82 42.62 25.16
CA LEU H 178 39.72 41.29 25.79
C LEU H 178 40.48 41.25 27.10
N ILE H 179 41.66 41.83 27.11
CA ILE H 179 42.51 41.89 28.30
C ILE H 179 41.88 42.75 29.39
N VAL H 180 41.15 43.78 28.98
CA VAL H 180 40.37 44.59 29.91
C VAL H 180 39.25 43.74 30.49
N PHE H 181 38.57 43.01 29.62
CA PHE H 181 37.42 42.22 30.02
C PHE H 181 37.79 41.05 30.92
N TYR H 182 38.85 40.34 30.55
CA TYR H 182 39.21 39.13 31.28
C TYR H 182 40.31 39.35 32.32
N GLY H 183 41.16 40.34 32.07
CA GLY H 183 42.15 40.78 33.06
C GLY H 183 43.49 40.06 33.06
N SER H 184 43.79 39.36 31.96
CA SER H 184 44.98 38.52 31.87
C SER H 184 44.91 37.64 30.62
N PHE H 185 45.96 37.65 29.81
CA PHE H 185 46.12 36.56 28.85
C PHE H 185 46.18 35.34 29.74
N LEU H 186 45.36 34.34 29.42
CA LEU H 186 45.22 33.14 30.25
C LEU H 186 43.80 33.07 30.77
N GLU H 187 43.34 34.15 31.43
CA GLU H 187 41.92 34.25 31.74
C GLU H 187 41.12 34.44 30.45
N THR H 188 41.72 35.17 29.51
CA THR H 188 41.16 35.29 28.17
C THR H 188 41.19 33.92 27.48
N VAL H 189 42.36 33.29 27.46
CA VAL H 189 42.54 32.00 26.79
C VAL H 189 41.64 30.89 27.36
N LYS H 190 41.58 30.78 28.69
CA LYS H 190 40.73 29.78 29.35
C LYS H 190 39.27 29.93 28.93
N ASN H 191 38.75 31.13 29.10
CA ASN H 191 37.34 31.42 28.81
C ASN H 191 36.97 31.27 27.35
N ALA H 192 37.95 31.54 26.49
CA ALA H 192 37.77 31.44 25.05
C ALA H 192 37.37 30.03 24.63
N ARG H 193 37.90 29.03 25.32
CA ARG H 193 37.60 27.63 25.03
C ARG H 193 36.11 27.32 25.06
N ARG H 194 35.31 28.23 25.62
CA ARG H 194 33.86 28.05 25.65
C ARG H 194 33.11 29.09 24.83
N TRP H 195 33.85 29.84 24.00
CA TRP H 195 33.25 30.79 23.07
C TRP H 195 32.54 30.05 21.95
N THR H 196 31.36 30.57 21.58
CA THR H 196 30.54 29.98 20.53
C THR H 196 30.34 31.00 19.43
N ARG H 197 29.85 30.53 18.29
CA ARG H 197 29.58 31.39 17.14
C ARG H 197 28.49 32.43 17.40
N ARG H 198 27.90 32.42 18.59
CA ARG H 198 26.84 33.35 18.95
C ARG H 198 27.11 34.08 20.26
N THR H 199 28.36 34.00 20.71
CA THR H 199 28.82 34.66 21.94
C THR H 199 28.89 36.18 21.78
N VAL H 200 28.26 36.90 22.70
CA VAL H 200 28.31 38.36 22.74
C VAL H 200 29.17 38.77 23.94
N ILE H 201 30.15 39.64 23.72
CA ILE H 201 31.06 40.07 24.79
C ILE H 201 30.95 41.57 25.05
N ASP H 202 29.96 41.94 25.84
CA ASP H 202 29.73 43.34 26.20
C ASP H 202 30.76 43.77 27.25
N VAL H 203 31.74 44.56 26.83
CA VAL H 203 32.82 45.01 27.72
C VAL H 203 32.31 46.02 28.74
N ALA H 204 31.54 47.00 28.25
CA ALA H 204 31.00 48.07 29.09
C ALA H 204 30.06 47.58 30.18
N LYS H 205 29.36 46.47 29.92
CA LYS H 205 28.41 45.92 30.88
C LYS H 205 28.97 44.70 31.61
N GLY H 206 30.23 44.37 31.34
CA GLY H 206 30.94 43.27 31.99
C GLY H 206 30.20 41.95 31.99
N GLU H 207 29.47 41.67 30.91
CA GLU H 207 28.69 40.45 30.81
C GLU H 207 28.85 39.77 29.45
N VAL H 208 28.79 38.44 29.48
CA VAL H 208 28.75 37.60 28.28
C VAL H 208 27.32 37.11 28.12
N ARG H 209 26.77 37.24 26.92
CA ARG H 209 25.42 36.73 26.65
C ARG H 209 25.29 36.07 25.26
N LYS H 210 24.13 35.50 24.99
CA LYS H 210 23.84 34.91 23.68
C LYS H 210 23.34 35.96 22.69
N GLY H 211 23.64 35.75 21.41
CA GLY H 211 23.22 36.69 20.38
C GLY H 211 23.07 36.10 19.00
N GLU H 212 23.14 36.98 18.00
CA GLU H 212 22.93 36.63 16.60
C GLU H 212 24.18 36.00 15.99
N GLU H 213 25.33 36.65 16.21
CA GLU H 213 26.61 36.10 15.80
C GLU H 213 27.63 36.43 16.88
N PHE H 214 28.90 36.06 16.67
CA PHE H 214 29.96 36.42 17.61
C PHE H 214 30.23 37.91 17.56
N PHE H 215 29.67 38.62 18.54
CA PHE H 215 29.67 40.07 18.60
C PHE H 215 30.46 40.48 19.84
N VAL H 216 31.47 41.33 19.65
CA VAL H 216 32.10 42.02 20.79
C VAL H 216 31.65 43.49 20.75
N VAL H 217 30.87 43.90 21.75
CA VAL H 217 30.33 45.25 21.78
C VAL H 217 31.44 46.25 22.11
N ASP H 218 31.60 47.24 21.23
CA ASP H 218 32.49 48.37 21.45
C ASP H 218 31.92 49.18 22.60
N PRO H 219 32.75 49.44 23.63
CA PRO H 219 32.28 50.28 24.73
C PRO H 219 32.20 51.76 24.37
N VAL H 220 32.69 52.13 23.19
CA VAL H 220 32.62 53.51 22.71
C VAL H 220 31.33 53.75 21.93
N ASP H 221 30.99 52.79 21.06
CA ASP H 221 29.69 52.76 20.41
C ASP H 221 29.11 51.35 20.53
N GLU H 222 27.98 51.25 21.21
CA GLU H 222 27.36 49.95 21.51
C GLU H 222 26.85 49.17 20.29
N LYS H 223 26.59 49.87 19.19
CA LYS H 223 26.08 49.23 17.98
C LYS H 223 27.18 48.80 17.00
N ARG H 224 28.44 48.85 17.47
CA ARG H 224 29.62 48.46 16.65
C ARG H 224 30.35 47.21 17.13
N ASN H 225 30.50 46.25 16.21
CA ASN H 225 31.12 44.98 16.53
C ASN H 225 32.64 45.06 16.33
N VAL H 226 33.38 45.18 17.43
CA VAL H 226 34.84 45.20 17.38
C VAL H 226 35.41 44.00 16.62
N ALA H 227 34.73 42.86 16.74
CA ALA H 227 35.19 41.62 16.11
C ALA H 227 34.50 41.36 14.76
N ALA H 228 33.93 42.41 14.17
CA ALA H 228 33.13 42.31 12.96
C ALA H 228 33.81 41.56 11.82
N ASN H 229 35.07 41.89 11.55
CA ASN H 229 35.78 41.30 10.43
C ASN H 229 36.63 40.07 10.77
N LEU H 230 36.49 39.57 12.00
CA LEU H 230 37.08 38.28 12.36
C LEU H 230 36.22 37.19 11.73
N SER H 231 36.83 36.40 10.86
CA SER H 231 36.14 35.31 10.15
C SER H 231 35.69 34.23 11.14
N LEU H 232 34.63 33.51 10.79
CA LEU H 232 34.12 32.41 11.63
C LEU H 232 35.17 31.30 11.79
N ASP H 233 35.87 31.01 10.70
CA ASP H 233 36.92 29.99 10.70
C ASP H 233 38.08 30.34 11.63
N ASN H 234 38.43 31.63 11.67
CA ASN H 234 39.52 32.09 12.53
C ASN H 234 39.17 32.10 14.00
N LEU H 235 37.95 32.53 14.32
CA LEU H 235 37.42 32.36 15.67
C LEU H 235 37.46 30.87 16.04
N ALA H 236 37.04 30.01 15.11
CA ALA H 236 37.09 28.57 15.30
C ALA H 236 38.51 28.08 15.57
N ARG H 237 39.47 28.55 14.77
CA ARG H 237 40.88 28.21 15.00
C ARG H 237 41.43 28.69 16.34
N PHE H 238 41.01 29.88 16.77
CA PHE H 238 41.45 30.43 18.06
C PHE H 238 40.88 29.66 19.25
N VAL H 239 39.58 29.38 19.21
CA VAL H 239 38.91 28.65 20.27
C VAL H 239 39.61 27.32 20.47
N HIS H 240 39.91 26.65 19.35
CA HIS H 240 40.56 25.34 19.40
C HIS H 240 42.00 25.43 19.88
N LEU H 241 42.69 26.49 19.46
CA LEU H 241 44.08 26.66 19.82
C LEU H 241 44.23 26.86 21.33
N CYS H 242 43.29 27.61 21.92
CA CYS H 242 43.23 27.79 23.36
C CYS H 242 43.02 26.46 24.09
N ARG H 243 42.01 25.72 23.65
CA ARG H 243 41.76 24.37 24.18
C ARG H 243 43.03 23.55 24.18
N GLU H 244 43.68 23.50 23.02
CA GLU H 244 44.88 22.70 22.82
C GLU H 244 46.07 23.22 23.63
N PHE H 245 46.07 24.54 23.90
CA PHE H 245 47.07 25.14 24.76
C PHE H 245 46.87 24.66 26.20
N MET H 246 45.81 25.14 26.84
CA MET H 246 45.40 24.69 28.18
C MET H 246 45.64 23.20 28.45
N GLU H 247 45.09 22.35 27.60
CA GLU H 247 45.18 20.89 27.79
C GLU H 247 46.62 20.38 27.85
N ALA H 248 47.51 20.97 27.05
CA ALA H 248 48.92 20.63 27.08
C ALA H 248 49.76 21.83 26.60
N PRO H 249 50.10 22.76 27.52
CA PRO H 249 50.78 24.02 27.17
C PRO H 249 52.19 23.82 26.65
N SER H 250 52.67 24.80 25.88
CA SER H 250 54.00 24.76 25.28
C SER H 250 54.45 26.17 24.92
N LEU H 251 55.75 26.35 24.71
CA LEU H 251 56.27 27.64 24.25
C LEU H 251 56.07 27.78 22.74
N GLY H 252 56.09 26.65 22.03
CA GLY H 252 55.96 26.60 20.57
C GLY H 252 54.72 27.27 19.99
N PHE H 253 53.73 27.50 20.87
CA PHE H 253 52.53 28.27 20.54
C PHE H 253 52.81 29.73 20.22
N PHE H 254 54.00 30.21 20.59
CA PHE H 254 54.40 31.60 20.42
C PHE H 254 55.42 31.78 19.30
N LYS H 255 55.83 30.67 18.72
CA LYS H 255 56.79 30.68 17.62
C LYS H 255 56.04 30.37 16.31
N PRO H 256 56.27 31.19 15.27
CA PRO H 256 55.61 30.94 13.99
C PRO H 256 56.11 29.64 13.36
N LYS H 257 55.21 28.93 12.66
CA LYS H 257 55.58 27.65 12.03
C LYS H 257 56.36 27.92 10.75
N HIS H 258 57.49 27.23 10.60
CA HIS H 258 58.27 27.30 9.36
C HIS H 258 57.63 26.40 8.31
N PRO H 259 57.53 26.88 7.05
CA PRO H 259 56.80 26.17 5.98
C PRO H 259 57.26 24.72 5.74
N LEU H 260 56.43 23.96 5.04
CA LEU H 260 56.69 22.54 4.77
C LEU H 260 57.88 22.30 3.82
N GLU H 261 57.84 22.93 2.64
CA GLU H 261 58.94 22.91 1.66
C GLU H 261 59.50 21.50 1.39
N ILE H 262 58.92 20.82 0.40
CA ILE H 262 59.34 19.47 0.03
C ILE H 262 59.58 19.32 -1.47
N GLU H 263 60.16 18.18 -1.85
CA GLU H 263 60.48 17.86 -3.24
C GLU H 263 59.28 18.04 -4.18
N PRO H 264 59.48 18.69 -5.34
CA PRO H 264 58.46 18.63 -6.39
C PRO H 264 58.14 17.17 -6.75
N GLU H 265 58.97 16.25 -6.26
CA GLU H 265 58.77 14.82 -6.50
C GLU H 265 57.74 14.18 -5.57
N ARG H 266 57.86 14.43 -4.27
CA ARG H 266 56.95 13.85 -3.28
C ARG H 266 55.53 14.38 -3.47
N LEU H 267 55.42 15.68 -3.72
CA LEU H 267 54.14 16.34 -3.97
C LEU H 267 53.42 15.73 -5.16
N ARG H 268 54.18 15.41 -6.21
CA ARG H 268 53.68 14.75 -7.42
C ARG H 268 53.02 13.40 -7.10
N LYS H 269 53.56 12.70 -6.12
CA LYS H 269 53.12 11.36 -5.76
C LYS H 269 51.93 11.36 -4.80
N ILE H 270 51.80 12.44 -4.02
CA ILE H 270 50.64 12.64 -3.16
C ILE H 270 49.39 12.85 -4.02
N VAL H 271 49.50 13.72 -5.03
CA VAL H 271 48.43 13.97 -6.01
C VAL H 271 48.10 12.68 -6.76
N GLU H 272 49.17 11.95 -7.13
CA GLU H 272 49.06 10.62 -7.73
C GLU H 272 48.26 9.66 -6.86
N GLU H 273 48.47 9.75 -5.54
CA GLU H 273 47.82 8.85 -4.59
C GLU H 273 46.43 9.32 -4.17
N ARG H 274 46.19 10.63 -4.29
CA ARG H 274 44.86 11.20 -4.01
C ARG H 274 43.96 11.07 -5.23
N GLY H 275 44.58 11.07 -6.41
CA GLY H 275 43.89 10.88 -7.68
C GLY H 275 43.03 12.06 -8.07
N THR H 276 43.45 13.25 -7.65
CA THR H 276 42.69 14.47 -7.90
C THR H 276 43.31 15.32 -8.99
N ALA H 277 42.49 16.21 -9.56
CA ALA H 277 42.94 17.19 -10.51
C ALA H 277 43.31 18.43 -9.74
N VAL H 278 44.61 18.74 -9.70
CA VAL H 278 45.13 19.88 -8.97
C VAL H 278 45.73 20.85 -9.96
N PHE H 279 45.24 22.09 -9.96
CA PHE H 279 45.65 23.06 -10.96
C PHE H 279 45.54 24.48 -10.43
N ALA H 280 46.27 25.39 -11.07
CA ALA H 280 46.30 26.79 -10.65
C ALA H 280 45.95 27.74 -11.79
N VAL H 281 45.36 28.87 -11.43
CA VAL H 281 45.05 29.94 -12.37
C VAL H 281 46.00 31.10 -12.10
N LYS H 282 47.01 31.23 -12.95
CA LYS H 282 48.03 32.28 -12.81
C LYS H 282 47.67 33.54 -13.58
N PHE H 283 48.07 34.69 -13.04
CA PHE H 283 47.94 35.97 -13.73
C PHE H 283 48.78 37.03 -13.02
N ARG H 284 49.01 38.17 -13.68
CA ARG H 284 49.80 39.23 -13.06
C ARG H 284 49.00 39.92 -11.96
N LYS H 285 49.60 40.01 -10.78
CA LYS H 285 49.01 40.73 -9.65
C LYS H 285 48.76 42.17 -10.05
N PRO H 286 47.55 42.69 -9.77
CA PRO H 286 47.26 44.10 -10.01
C PRO H 286 48.01 44.98 -9.01
N ASP H 287 48.29 46.23 -9.40
CA ASP H 287 49.00 47.16 -8.53
C ASP H 287 48.05 47.91 -7.58
N ILE H 288 47.49 47.17 -6.62
CA ILE H 288 46.66 47.76 -5.56
C ILE H 288 46.99 47.18 -4.18
N VAL H 289 46.58 47.90 -3.13
CA VAL H 289 46.85 47.52 -1.74
C VAL H 289 46.18 46.21 -1.31
N ASP H 290 46.63 45.68 -0.18
CA ASP H 290 46.14 44.41 0.34
C ASP H 290 44.66 44.42 0.70
N ASP H 291 44.21 45.47 1.39
CA ASP H 291 42.78 45.63 1.74
C ASP H 291 41.85 45.65 0.52
N ASN H 292 42.45 45.82 -0.68
CA ASN H 292 41.72 45.81 -1.94
C ASN H 292 41.85 44.48 -2.69
N LEU H 293 43.08 44.01 -2.83
CA LEU H 293 43.38 42.78 -3.58
C LEU H 293 42.77 41.53 -2.97
N TYR H 294 42.96 41.35 -1.65
CA TYR H 294 42.60 40.10 -0.99
C TYR H 294 41.10 39.74 -1.00
N PRO H 295 40.20 40.67 -0.60
CA PRO H 295 38.78 40.33 -0.75
C PRO H 295 38.43 39.94 -2.18
N GLN H 296 39.12 40.51 -3.17
CA GLN H 296 38.92 40.15 -4.58
C GLN H 296 39.42 38.75 -4.88
N LEU H 297 40.67 38.45 -4.52
CA LEU H 297 41.23 37.11 -4.64
C LEU H 297 40.28 36.05 -4.07
N GLU H 298 39.62 36.40 -2.97
CA GLU H 298 38.61 35.55 -2.34
C GLU H 298 37.39 35.36 -3.26
N ARG H 299 36.84 36.46 -3.79
CA ARG H 299 35.68 36.39 -4.69
C ARG H 299 36.00 35.60 -5.96
N ALA H 300 37.14 35.89 -6.57
CA ALA H 300 37.62 35.17 -7.74
C ALA H 300 37.65 33.67 -7.46
N SER H 301 38.21 33.31 -6.31
CA SER H 301 38.34 31.92 -5.90
C SER H 301 36.99 31.26 -5.66
N ARG H 302 36.06 31.99 -5.05
CA ARG H 302 34.70 31.50 -4.81
C ARG H 302 33.95 31.26 -6.12
N LYS H 303 33.98 32.26 -6.99
CA LYS H 303 33.25 32.23 -8.25
C LYS H 303 33.68 31.08 -9.18
N ILE H 304 34.97 30.81 -9.22
CA ILE H 304 35.50 29.68 -9.98
C ILE H 304 35.13 28.37 -9.29
N PHE H 305 35.13 28.37 -7.96
CA PHE H 305 34.78 27.18 -7.19
C PHE H 305 33.36 26.80 -7.53
N GLU H 306 32.45 27.77 -7.41
CA GLU H 306 31.04 27.58 -7.71
C GLU H 306 30.81 27.12 -9.14
N PHE H 307 31.74 27.46 -10.04
CA PHE H 307 31.70 26.96 -11.40
C PHE H 307 32.01 25.46 -11.41
N LEU H 308 33.16 25.10 -10.83
CA LEU H 308 33.56 23.70 -10.73
C LEU H 308 32.50 22.84 -10.05
N GLU H 309 31.88 23.40 -9.01
CA GLU H 309 30.74 22.81 -8.31
C GLU H 309 29.60 22.53 -9.27
N ARG H 310 29.23 23.56 -10.03
CA ARG H 310 28.05 23.58 -10.88
C ARG H 310 28.16 22.62 -12.04
N GLU H 311 29.33 22.60 -12.69
CA GLU H 311 29.58 21.78 -13.87
C GLU H 311 30.01 20.37 -13.48
N ASN H 312 29.87 20.05 -12.19
CA ASN H 312 30.00 18.70 -11.67
C ASN H 312 31.39 18.11 -11.76
N PHE H 313 32.39 18.97 -11.57
CA PHE H 313 33.77 18.54 -11.38
C PHE H 313 34.09 18.27 -9.91
N MET H 314 33.11 18.51 -9.04
CA MET H 314 33.21 18.21 -7.61
C MET H 314 34.52 18.67 -6.98
N PRO H 315 34.71 19.99 -6.81
CA PRO H 315 35.95 20.46 -6.24
C PRO H 315 36.03 20.15 -4.74
N LEU H 316 37.26 19.96 -4.24
CA LEU H 316 37.51 19.68 -2.84
C LEU H 316 37.73 20.94 -2.02
N ARG H 317 38.84 21.63 -2.29
CA ARG H 317 39.19 22.87 -1.59
C ARG H 317 39.78 23.89 -2.55
N SER H 318 39.80 25.16 -2.13
CA SER H 318 40.46 26.21 -2.91
C SER H 318 41.44 26.99 -2.04
N ALA H 319 42.43 27.61 -2.70
CA ALA H 319 43.44 28.41 -2.02
C ALA H 319 43.96 29.46 -2.99
N PHE H 320 44.63 30.48 -2.46
CA PHE H 320 45.26 31.48 -3.31
C PHE H 320 46.59 31.95 -2.74
N LYS H 321 47.43 32.47 -3.61
CA LYS H 321 48.67 33.07 -3.20
C LYS H 321 48.94 34.32 -4.02
N ALA H 322 49.27 35.41 -3.35
CA ALA H 322 49.76 36.61 -4.02
C ALA H 322 51.27 36.63 -3.82
N SER H 323 52.01 36.81 -4.92
CA SER H 323 53.46 36.81 -4.84
C SER H 323 54.05 38.16 -5.27
N GLU H 324 55.28 38.14 -5.78
CA GLU H 324 55.92 39.32 -6.31
C GLU H 324 55.13 40.00 -7.43
N GLU H 325 55.08 39.33 -8.58
CA GLU H 325 54.35 39.88 -9.72
C GLU H 325 53.10 39.07 -10.08
N PHE H 326 53.06 37.80 -9.67
CA PHE H 326 51.97 36.90 -10.02
C PHE H 326 50.96 36.68 -8.89
N CYS H 327 49.81 36.12 -9.28
CA CYS H 327 48.79 35.61 -8.35
C CYS H 327 48.39 34.20 -8.74
N TYR H 328 47.98 33.40 -7.76
CA TYR H 328 47.68 31.99 -8.01
C TYR H 328 46.38 31.55 -7.34
N LEU H 329 45.36 31.28 -8.14
CA LEU H 329 44.14 30.66 -7.62
C LEU H 329 44.28 29.16 -7.75
N LEU H 330 44.29 28.46 -6.62
CA LEU H 330 44.61 27.02 -6.57
C LEU H 330 43.37 26.18 -6.31
N PHE H 331 43.23 25.08 -7.06
CA PHE H 331 42.07 24.19 -6.91
C PHE H 331 42.43 22.70 -6.94
N GLU H 332 41.60 21.91 -6.25
CA GLU H 332 41.71 20.45 -6.26
C GLU H 332 40.32 19.87 -6.51
N CYS H 333 40.19 19.05 -7.56
CA CYS H 333 38.91 18.45 -7.91
C CYS H 333 38.94 16.92 -7.87
N GLN H 334 37.79 16.32 -7.60
CA GLN H 334 37.66 14.86 -7.49
C GLN H 334 37.43 14.23 -8.87
N ILE H 335 37.01 15.04 -9.83
CA ILE H 335 36.75 14.57 -11.19
C ILE H 335 37.76 15.15 -12.16
N LYS H 336 38.61 14.27 -12.69
CA LYS H 336 39.67 14.67 -13.60
C LYS H 336 39.14 14.83 -15.00
N GLU H 337 38.16 13.99 -15.35
CA GLU H 337 37.57 14.00 -16.67
C GLU H 337 36.12 13.56 -16.58
N ILE H 338 35.27 14.21 -17.36
CA ILE H 338 33.85 13.90 -17.38
C ILE H 338 33.41 13.55 -18.80
N SER H 339 32.38 12.73 -18.92
CA SER H 339 31.89 12.26 -20.22
C SER H 339 31.47 13.43 -21.11
N ARG H 340 31.75 13.29 -22.41
CA ARG H 340 31.39 14.28 -23.42
C ARG H 340 29.88 14.49 -23.47
N VAL H 341 29.12 13.40 -23.31
CA VAL H 341 27.68 13.44 -23.44
C VAL H 341 27.04 13.80 -22.09
N PHE H 342 25.86 14.42 -22.14
CA PHE H 342 25.09 14.74 -20.93
C PHE H 342 23.59 14.86 -21.21
N ARG H 343 22.80 15.13 -20.16
CA ARG H 343 21.35 15.24 -20.25
C ARG H 343 20.90 16.69 -20.34
N ARG H 344 19.94 16.96 -21.23
CA ARG H 344 19.51 18.34 -21.43
C ARG H 344 18.29 18.73 -20.61
N MET H 345 17.20 18.00 -20.77
CA MET H 345 15.89 18.35 -20.20
C MET H 345 15.10 19.23 -21.15
N GLY H 346 13.84 18.86 -21.34
CA GLY H 346 12.93 19.62 -22.18
C GLY H 346 11.61 19.90 -21.48
N PRO H 347 10.55 20.06 -22.27
CA PRO H 347 9.23 20.37 -21.76
C PRO H 347 8.50 19.08 -21.43
N GLN H 348 7.46 19.19 -20.61
CA GLN H 348 6.60 18.04 -20.35
C GLN H 348 5.90 17.64 -21.64
N PHE H 349 5.59 16.36 -21.77
CA PHE H 349 5.02 15.84 -23.01
C PHE H 349 3.78 16.60 -23.48
N GLU H 350 3.04 17.18 -22.54
CA GLU H 350 1.82 17.94 -22.83
C GLU H 350 2.06 19.14 -23.74
N ASP H 351 3.05 19.95 -23.37
CA ASP H 351 3.39 21.20 -24.04
C ASP H 351 3.71 20.97 -25.52
N GLU H 352 2.67 20.95 -26.36
CA GLU H 352 2.82 20.56 -27.77
C GLU H 352 3.83 21.40 -28.53
N ARG H 353 3.89 22.70 -28.21
CA ARG H 353 4.72 23.60 -29.01
C ARG H 353 6.20 23.56 -28.66
N ASN H 354 6.53 23.76 -27.39
CA ASN H 354 7.93 23.72 -26.97
C ASN H 354 8.58 22.40 -27.33
N VAL H 355 7.75 21.37 -27.47
CA VAL H 355 8.22 20.03 -27.81
C VAL H 355 8.71 19.95 -29.26
N LYS H 356 7.96 20.55 -30.19
CA LYS H 356 8.38 20.55 -31.60
C LYS H 356 9.60 21.44 -31.78
N LYS H 357 9.71 22.45 -30.92
CA LYS H 357 10.91 23.30 -30.85
C LYS H 357 12.09 22.54 -30.24
N PHE H 358 11.83 21.76 -29.20
CA PHE H 358 12.86 20.97 -28.53
C PHE H 358 13.40 19.85 -29.42
N LEU H 359 12.49 19.19 -30.13
CA LEU H 359 12.84 18.08 -31.01
C LEU H 359 13.26 18.53 -32.40
N SER H 360 13.09 19.83 -32.68
CA SER H 360 13.50 20.40 -33.96
C SER H 360 15.02 20.46 -34.05
N ARG H 361 15.63 20.85 -32.94
CA ARG H 361 17.07 21.05 -32.83
C ARG H 361 17.84 19.83 -33.35
N ASN H 362 18.98 20.09 -34.00
CA ASN H 362 19.76 19.02 -34.59
C ASN H 362 20.75 18.41 -33.58
N ARG H 363 20.68 17.09 -33.41
CA ARG H 363 21.45 16.37 -32.39
C ARG H 363 21.95 15.01 -32.89
N ALA H 364 23.04 14.52 -32.28
CA ALA H 364 23.62 13.23 -32.66
C ALA H 364 22.82 12.04 -32.14
N PHE H 365 22.14 12.22 -31.01
CA PHE H 365 21.35 11.13 -30.40
C PHE H 365 19.87 11.48 -30.18
N ARG H 366 19.01 10.53 -30.53
CA ARG H 366 17.55 10.68 -30.38
C ARG H 366 17.14 10.98 -28.94
N PRO H 367 16.34 12.03 -28.73
CA PRO H 367 15.74 12.32 -27.43
C PRO H 367 14.91 11.15 -26.88
N PHE H 368 14.34 11.32 -25.69
CA PHE H 368 13.55 10.27 -25.05
C PHE H 368 12.64 10.84 -23.97
N ILE H 369 11.68 10.05 -23.53
CA ILE H 369 10.80 10.44 -22.43
C ILE H 369 11.26 9.80 -21.13
N GLU H 370 11.19 10.56 -20.05
CA GLU H 370 11.43 10.04 -18.71
C GLU H 370 10.57 10.79 -17.71
N ASN H 371 9.73 10.04 -16.99
CA ASN H 371 8.76 10.58 -16.03
C ASN H 371 7.95 11.76 -16.57
N GLY H 372 7.43 11.57 -17.78
CA GLY H 372 6.58 12.55 -18.44
C GLY H 372 7.30 13.81 -18.89
N ARG H 373 8.54 13.65 -19.34
CA ARG H 373 9.34 14.80 -19.78
C ARG H 373 10.31 14.39 -20.87
N TRP H 374 10.54 15.28 -21.81
CA TRP H 374 11.51 15.04 -22.86
C TRP H 374 12.91 15.35 -22.36
N TRP H 375 13.86 14.46 -22.68
CA TRP H 375 15.27 14.68 -22.38
C TRP H 375 16.09 14.39 -23.62
N ALA H 376 17.25 15.02 -23.73
CA ALA H 376 18.09 14.88 -24.91
C ALA H 376 19.57 14.81 -24.59
N PHE H 377 20.29 13.96 -25.34
CA PHE H 377 21.73 13.83 -25.19
C PHE H 377 22.47 14.91 -25.99
N GLU H 378 23.24 15.72 -25.29
CA GLU H 378 24.07 16.75 -25.92
C GLU H 378 25.55 16.62 -25.54
N MET H 379 26.41 17.36 -26.24
CA MET H 379 27.84 17.32 -25.97
C MET H 379 28.31 18.52 -25.16
N ARG H 380 29.21 18.28 -24.19
CA ARG H 380 29.77 19.35 -23.38
C ARG H 380 30.83 20.13 -24.15
N LYS H 381 30.93 21.42 -23.83
CA LYS H 381 31.91 22.32 -24.42
C LYS H 381 33.36 21.93 -24.05
N PHE H 382 33.51 21.34 -22.85
CA PHE H 382 34.81 21.00 -22.27
C PHE H 382 34.73 19.73 -21.42
N THR H 383 35.87 19.05 -21.27
CA THR H 383 35.88 17.69 -20.74
C THR H 383 36.68 17.49 -19.43
N THR H 384 37.64 18.37 -19.17
CA THR H 384 38.39 18.37 -17.89
C THR H 384 38.12 19.68 -17.14
N PRO H 385 38.36 19.69 -15.80
CA PRO H 385 38.20 20.94 -15.04
C PRO H 385 39.04 22.10 -15.57
N GLU H 386 40.29 21.81 -15.92
CA GLU H 386 41.21 22.80 -16.47
C GLU H 386 40.63 23.48 -17.71
N GLU H 387 40.15 22.68 -18.66
CA GLU H 387 39.47 23.17 -19.86
C GLU H 387 38.24 24.00 -19.50
N GLY H 388 37.58 23.64 -18.40
CA GLY H 388 36.38 24.32 -17.94
C GLY H 388 36.68 25.70 -17.40
N VAL H 389 37.67 25.79 -16.53
CA VAL H 389 38.09 27.05 -15.93
C VAL H 389 38.67 27.98 -16.99
N ARG H 390 39.32 27.39 -18.00
CA ARG H 390 39.90 28.14 -19.10
C ARG H 390 38.81 28.85 -19.90
N SER H 391 37.69 28.15 -20.09
CA SER H 391 36.50 28.71 -20.72
C SER H 391 35.80 29.75 -19.82
N TYR H 392 35.63 29.41 -18.54
CA TYR H 392 34.96 30.30 -17.58
C TYR H 392 35.71 31.61 -17.35
N ALA H 393 37.04 31.52 -17.23
CA ALA H 393 37.89 32.68 -17.02
C ALA H 393 37.80 33.67 -18.18
N SER H 394 37.69 33.17 -19.41
CA SER H 394 37.67 34.02 -20.60
C SER H 394 36.34 34.76 -20.77
N THR H 395 35.26 34.08 -20.37
CA THR H 395 33.89 34.54 -20.60
C THR H 395 33.34 35.31 -19.39
N HIS H 396 33.92 35.05 -18.23
CA HIS H 396 33.41 35.63 -16.98
C HIS H 396 34.48 36.33 -16.16
N TRP H 397 35.40 37.01 -16.84
CA TRP H 397 36.47 37.74 -16.16
C TRP H 397 35.90 38.87 -15.31
N HIS H 398 34.88 39.54 -15.83
CA HIS H 398 34.27 40.71 -15.17
C HIS H 398 33.75 40.40 -13.77
N THR H 399 33.27 39.17 -13.58
CA THR H 399 32.64 38.77 -12.32
C THR H 399 33.64 38.27 -11.28
N LEU H 400 34.93 38.29 -11.61
CA LEU H 400 35.95 37.80 -10.70
C LEU H 400 36.60 38.92 -9.90
N GLY H 401 35.81 39.94 -9.56
CA GLY H 401 36.33 41.11 -8.87
C GLY H 401 36.90 42.11 -9.85
N LYS H 402 36.80 43.39 -9.53
CA LYS H 402 37.15 44.47 -10.45
C LYS H 402 38.60 44.43 -10.93
N ASN H 403 39.55 44.74 -10.04
CA ASN H 403 40.96 44.80 -10.39
C ASN H 403 41.58 43.46 -10.80
N VAL H 404 41.13 42.38 -10.18
CA VAL H 404 41.62 41.04 -10.53
C VAL H 404 41.04 40.57 -11.86
N GLY H 405 39.74 40.74 -12.05
CA GLY H 405 39.05 40.32 -13.27
C GLY H 405 39.63 40.97 -14.50
N GLU H 406 39.97 42.26 -14.38
CA GLU H 406 40.60 43.01 -15.46
C GLU H 406 42.02 42.55 -15.74
N SER H 407 42.72 42.06 -14.71
CA SER H 407 44.07 41.51 -14.89
C SER H 407 44.04 40.13 -15.54
N ILE H 408 42.89 39.47 -15.47
CA ILE H 408 42.68 38.18 -16.13
C ILE H 408 42.30 38.39 -17.59
N ARG H 409 41.42 39.36 -17.84
CA ARG H 409 41.05 39.70 -19.21
C ARG H 409 42.29 39.95 -20.06
N GLU H 410 43.33 40.50 -19.45
CA GLU H 410 44.59 40.74 -20.14
C GLU H 410 45.45 39.49 -20.26
N TYR H 411 45.57 38.73 -19.17
CA TYR H 411 46.42 37.55 -19.15
C TYR H 411 46.04 36.59 -18.05
N PHE H 412 45.84 35.33 -18.41
CA PHE H 412 45.65 34.26 -17.44
C PHE H 412 46.12 32.95 -18.01
N GLU H 413 46.40 31.99 -17.14
CA GLU H 413 47.01 30.73 -17.52
C GLU H 413 46.59 29.62 -16.57
N ILE H 414 46.29 28.44 -17.12
CA ILE H 414 45.99 27.28 -16.30
C ILE H 414 47.23 26.37 -16.26
N ILE H 415 47.73 26.14 -15.04
CA ILE H 415 48.91 25.30 -14.86
C ILE H 415 48.53 24.07 -14.03
N SER H 416 48.92 22.90 -14.52
CA SER H 416 48.57 21.64 -13.84
C SER H 416 49.71 20.64 -13.82
N GLY H 417 49.66 19.73 -12.85
CA GLY H 417 50.64 18.64 -12.72
C GLY H 417 52.05 19.14 -12.48
N GLU H 418 53.02 18.36 -12.96
CA GLU H 418 54.45 18.61 -12.72
C GLU H 418 54.94 20.02 -13.08
N LYS H 419 54.16 20.71 -13.92
CA LYS H 419 54.44 22.10 -14.30
C LYS H 419 54.14 23.03 -13.12
N LEU H 420 53.07 22.71 -12.39
CA LEU H 420 52.60 23.50 -11.26
C LEU H 420 53.62 23.58 -10.12
N PHE H 421 54.22 22.44 -9.80
CA PHE H 421 55.13 22.34 -8.66
C PHE H 421 56.43 23.15 -8.86
N LYS H 422 56.58 23.76 -10.04
CA LYS H 422 57.75 24.59 -10.33
C LYS H 422 57.50 26.06 -9.99
N GLU H 423 56.25 26.36 -9.62
CA GLU H 423 55.83 27.71 -9.25
C GLU H 423 55.89 27.86 -7.73
N PRO H 424 55.98 29.11 -7.22
CA PRO H 424 56.16 29.34 -5.78
C PRO H 424 54.89 29.11 -4.93
N VAL H 425 54.26 27.94 -5.06
CA VAL H 425 52.99 27.66 -4.39
C VAL H 425 52.97 26.38 -3.53
N THR H 426 54.13 25.74 -3.38
CA THR H 426 54.23 24.43 -2.70
C THR H 426 53.60 24.39 -1.30
N ALA H 427 53.87 25.41 -0.49
CA ALA H 427 53.37 25.46 0.90
C ALA H 427 51.85 25.63 0.97
N GLU H 428 51.33 26.45 0.06
CA GLU H 428 49.89 26.73 -0.02
C GLU H 428 49.09 25.53 -0.52
N LEU H 429 49.77 24.63 -1.23
CA LEU H 429 49.17 23.38 -1.69
C LEU H 429 49.10 22.33 -0.58
N CYS H 430 50.22 22.12 0.12
CA CYS H 430 50.30 21.17 1.22
C CYS H 430 49.32 21.56 2.32
N GLU H 431 49.27 22.85 2.62
CA GLU H 431 48.29 23.42 3.52
C GLU H 431 46.90 22.98 3.08
N MET H 432 46.59 23.27 1.81
CA MET H 432 45.27 23.01 1.23
C MET H 432 44.90 21.53 1.24
N MET H 433 45.81 20.68 0.77
CA MET H 433 45.60 19.24 0.73
C MET H 433 45.71 18.58 2.10
N GLY H 434 46.04 19.38 3.11
CA GLY H 434 46.18 18.91 4.49
C GLY H 434 47.33 17.93 4.65
N VAL H 435 48.49 18.31 4.11
CA VAL H 435 49.68 17.48 4.19
C VAL H 435 50.38 17.67 5.53
N LYS H 436 50.71 16.54 6.15
CA LYS H 436 51.56 16.50 7.34
C LYS H 436 52.95 16.05 6.90
N ASP H 437 53.97 16.36 7.69
CA ASP H 437 55.31 15.83 7.42
C ASP H 437 55.70 14.72 8.41
N MET I 1 -24.13 17.82 36.19
CA MET I 1 -24.57 18.69 37.33
C MET I 1 -23.97 20.09 37.24
N LYS I 2 -24.44 20.85 36.24
CA LYS I 2 -23.85 22.12 35.80
C LYS I 2 -22.57 21.85 35.00
N VAL I 3 -22.78 21.57 33.71
CA VAL I 3 -21.72 21.23 32.75
C VAL I 3 -20.36 21.90 33.00
N GLU I 4 -20.35 23.23 32.97
CA GLU I 4 -19.09 23.99 32.99
C GLU I 4 -18.40 24.08 34.36
N GLU I 5 -19.03 23.53 35.39
CA GLU I 5 -18.41 23.45 36.71
C GLU I 5 -17.75 22.10 36.95
N ILE I 6 -18.14 21.10 36.15
CA ILE I 6 -17.39 19.85 36.08
C ILE I 6 -16.01 20.17 35.52
N LEU I 7 -16.00 20.91 34.42
CA LEU I 7 -14.76 21.33 33.76
C LEU I 7 -13.82 21.99 34.76
N GLU I 8 -14.36 22.94 35.54
CA GLU I 8 -13.66 23.55 36.66
C GLU I 8 -12.87 22.55 37.50
N LYS I 9 -13.54 21.50 37.95
CA LYS I 9 -12.92 20.47 38.78
C LYS I 9 -12.00 19.57 37.96
N ALA I 10 -12.45 19.21 36.75
CA ALA I 10 -11.70 18.34 35.85
C ALA I 10 -10.35 18.94 35.44
N LEU I 11 -10.30 20.27 35.35
CA LEU I 11 -9.07 20.99 35.06
C LEU I 11 -7.91 20.56 35.97
N GLU I 12 -8.19 20.39 37.26
CA GLU I 12 -7.14 19.99 38.21
C GLU I 12 -6.53 18.63 37.88
N LEU I 13 -7.36 17.70 37.42
CA LEU I 13 -6.90 16.38 36.99
C LEU I 13 -6.01 16.48 35.76
N VAL I 14 -6.21 17.56 35.00
CA VAL I 14 -5.61 17.77 33.69
C VAL I 14 -4.35 18.66 33.66
N ILE I 15 -4.34 19.74 34.43
CA ILE I 15 -3.17 20.66 34.49
C ILE I 15 -2.06 20.06 35.34
N PRO I 16 -0.80 20.14 34.87
CA PRO I 16 0.34 19.75 35.70
C PRO I 16 0.56 20.69 36.90
N ASP I 17 0.90 20.10 38.04
CA ASP I 17 1.03 20.84 39.30
C ASP I 17 2.33 21.65 39.38
N GLU I 18 2.34 22.57 40.36
CA GLU I 18 3.49 23.42 40.71
C GLU I 18 4.88 22.79 40.57
N GLU I 19 5.05 21.64 41.22
CA GLU I 19 6.33 20.94 41.28
C GLU I 19 6.76 20.54 39.87
N GLU I 20 5.79 20.02 39.10
CA GLU I 20 6.04 19.40 37.80
C GLU I 20 6.41 20.38 36.70
N VAL I 21 5.79 21.56 36.71
CA VAL I 21 6.07 22.60 35.70
C VAL I 21 7.48 23.16 35.89
N ARG I 22 7.81 23.45 37.15
CA ARG I 22 9.13 23.96 37.51
C ARG I 22 10.17 22.84 37.42
N LYS I 23 9.71 21.60 37.54
CA LYS I 23 10.54 20.42 37.33
C LYS I 23 11.07 20.41 35.90
N GLY I 24 10.17 20.66 34.96
CA GLY I 24 10.53 20.73 33.55
C GLY I 24 11.30 21.97 33.22
N ARG I 25 10.99 23.06 33.93
CA ARG I 25 11.62 24.33 33.68
C ARG I 25 13.12 24.29 33.94
N GLU I 26 13.50 23.63 35.03
CA GLU I 26 14.91 23.47 35.38
C GLU I 26 15.60 22.58 34.35
N ALA I 27 14.85 21.61 33.82
CA ALA I 27 15.34 20.69 32.79
C ALA I 27 15.52 21.37 31.44
N GLU I 28 14.47 22.07 30.99
CA GLU I 28 14.54 22.91 29.79
C GLU I 28 15.80 23.77 29.83
N GLU I 29 16.02 24.42 30.96
CA GLU I 29 17.19 25.27 31.16
C GLU I 29 18.51 24.56 30.89
N GLU I 30 18.78 23.45 31.58
CA GLU I 30 20.04 22.71 31.39
C GLU I 30 20.17 22.17 29.97
N LEU I 31 19.07 21.67 29.43
CA LEU I 31 19.05 21.20 28.05
C LEU I 31 19.42 22.33 27.09
N ARG I 32 18.91 23.54 27.36
CA ARG I 32 19.28 24.72 26.58
C ARG I 32 20.78 25.00 26.72
N ARG I 33 21.25 25.08 27.96
CA ARG I 33 22.65 25.40 28.27
C ARG I 33 23.61 24.43 27.58
N ARG I 34 23.24 23.15 27.55
CA ARG I 34 24.10 22.09 27.01
C ARG I 34 24.18 22.12 25.49
N LEU I 35 23.14 22.61 24.85
CA LEU I 35 23.09 22.70 23.39
C LEU I 35 23.79 23.95 22.89
N ASP I 36 23.58 25.06 23.59
CA ASP I 36 24.24 26.33 23.25
C ASP I 36 25.75 26.17 23.20
N GLU I 37 26.30 25.40 24.14
CA GLU I 37 27.74 25.16 24.22
C GLU I 37 28.23 24.19 23.13
N LEU I 38 27.36 23.87 22.18
CA LEU I 38 27.73 23.05 21.02
C LEU I 38 27.41 23.78 19.71
N GLY I 39 27.00 25.04 19.84
CA GLY I 39 26.72 25.92 18.70
C GLY I 39 25.88 25.30 17.60
N VAL I 40 24.77 24.67 17.99
CA VAL I 40 23.92 23.98 17.03
C VAL I 40 22.50 24.53 17.08
N GLU I 41 21.86 24.59 15.90
CA GLU I 41 20.51 25.13 15.78
C GLU I 41 19.45 24.10 16.20
N TYR I 42 18.54 24.53 17.08
CA TYR I 42 17.47 23.67 17.60
C TYR I 42 16.19 24.48 17.84
N VAL I 43 15.04 23.87 17.59
CA VAL I 43 13.78 24.44 18.08
C VAL I 43 13.15 23.48 19.06
N PHE I 44 12.51 24.02 20.09
CA PHE I 44 11.77 23.22 21.04
C PHE I 44 10.36 23.07 20.50
N VAL I 45 9.92 21.83 20.32
CA VAL I 45 8.60 21.60 19.78
C VAL I 45 7.75 20.83 20.79
N GLY I 46 6.59 20.37 20.34
CA GLY I 46 5.79 19.42 21.10
C GLY I 46 4.96 20.06 22.18
N SER I 47 4.30 19.21 22.97
CA SER I 47 3.37 19.66 23.98
C SER I 47 4.05 20.41 25.12
N TYR I 48 5.35 20.20 25.31
CA TYR I 48 6.06 20.97 26.34
C TYR I 48 6.26 22.42 25.92
N ALA I 49 6.79 22.61 24.72
CA ALA I 49 7.12 23.95 24.23
C ALA I 49 5.88 24.79 24.07
N ARG I 50 4.83 24.18 23.50
CA ARG I 50 3.55 24.84 23.33
C ARG I 50 2.73 24.84 24.62
N ASN I 51 3.31 24.26 25.67
CA ASN I 51 2.71 24.24 27.00
C ASN I 51 1.28 23.68 27.00
N THR I 52 1.11 22.57 26.30
CA THR I 52 -0.18 21.87 26.24
C THR I 52 -0.04 20.46 26.80
N TRP I 53 1.08 20.19 27.47
CA TRP I 53 1.36 18.84 27.96
C TRP I 53 0.48 18.49 29.16
N LEU I 54 0.04 17.23 29.19
CA LEU I 54 -0.89 16.75 30.18
C LEU I 54 -0.19 16.51 31.54
N LYS I 55 -0.98 16.40 32.60
CA LYS I 55 -0.45 16.12 33.94
C LYS I 55 0.30 14.79 33.93
N GLY I 56 1.55 14.81 34.41
CA GLY I 56 2.37 13.61 34.53
C GLY I 56 2.76 12.98 33.20
N SER I 57 2.90 13.81 32.17
CA SER I 57 3.35 13.37 30.86
C SER I 57 4.45 14.30 30.34
N LEU I 58 5.16 14.93 31.26
CA LEU I 58 6.23 15.86 30.92
C LEU I 58 7.30 15.19 30.07
N GLU I 59 7.40 15.64 28.83
CA GLU I 59 8.34 15.11 27.86
C GLU I 59 8.78 16.25 26.95
N ILE I 60 10.05 16.60 27.05
CA ILE I 60 10.62 17.70 26.25
C ILE I 60 11.10 17.16 24.92
N ASP I 61 10.64 17.78 23.83
CA ASP I 61 10.98 17.37 22.48
C ASP I 61 11.79 18.45 21.78
N VAL I 62 13.00 18.09 21.35
CA VAL I 62 13.96 19.04 20.78
C VAL I 62 14.39 18.57 19.40
N PHE I 63 14.20 19.44 18.42
CA PHE I 63 14.60 19.15 17.05
C PHE I 63 15.87 19.87 16.69
N LEU I 64 16.85 19.13 16.20
CA LEU I 64 18.08 19.73 15.72
C LEU I 64 17.85 20.18 14.29
N LEU I 65 18.43 21.32 13.92
CA LEU I 65 18.15 21.90 12.61
C LEU I 65 19.41 21.92 11.75
N PHE I 66 19.36 21.15 10.67
CA PHE I 66 20.51 20.95 9.80
C PHE I 66 20.29 21.47 8.40
N PRO I 67 21.32 22.08 7.81
CA PRO I 67 21.27 22.61 6.45
C PRO I 67 20.68 21.62 5.46
N GLU I 68 19.80 22.13 4.60
CA GLU I 68 19.10 21.36 3.57
C GLU I 68 20.02 20.50 2.72
N GLU I 69 21.27 20.94 2.58
CA GLU I 69 22.21 20.31 1.66
C GLU I 69 23.07 19.24 2.32
N PHE I 70 22.61 18.69 3.45
CA PHE I 70 23.37 17.65 4.16
C PHE I 70 23.36 16.32 3.40
N SER I 71 22.87 15.26 4.04
CA SER I 71 22.71 13.94 3.41
C SER I 71 22.09 13.02 4.44
N LYS I 72 21.17 12.16 3.99
CA LYS I 72 20.40 11.30 4.89
C LYS I 72 21.27 10.63 5.96
N GLU I 73 22.54 10.40 5.63
CA GLU I 73 23.54 9.87 6.57
C GLU I 73 24.17 10.94 7.45
N GLU I 74 24.49 12.08 6.85
CA GLU I 74 25.27 13.13 7.50
C GLU I 74 24.57 13.75 8.72
N LEU I 75 23.28 14.04 8.59
CA LEU I 75 22.49 14.57 9.71
C LEU I 75 22.15 13.47 10.69
N ARG I 76 22.04 12.25 10.17
CA ARG I 76 21.74 11.08 10.98
C ARG I 76 22.88 10.90 11.98
N GLU I 77 24.10 11.12 11.50
CA GLU I 77 25.32 10.89 12.25
C GLU I 77 25.59 11.99 13.27
N ARG I 78 25.31 13.23 12.88
CA ARG I 78 25.60 14.39 13.70
C ARG I 78 24.57 14.52 14.82
N GLY I 79 23.32 14.26 14.49
CA GLY I 79 22.20 14.30 15.44
C GLY I 79 22.34 13.32 16.59
N LEU I 80 22.77 12.10 16.27
CA LEU I 80 23.11 11.12 17.30
C LEU I 80 24.26 11.62 18.16
N GLU I 81 25.34 12.06 17.51
CA GLU I 81 26.49 12.64 18.19
C GLU I 81 26.08 13.70 19.22
N ILE I 82 25.25 14.63 18.78
CA ILE I 82 24.76 15.71 19.63
C ILE I 82 23.79 15.21 20.70
N GLY I 83 22.82 14.41 20.28
CA GLY I 83 21.86 13.79 21.20
C GLY I 83 22.56 13.13 22.37
N LYS I 84 23.41 12.15 22.05
CA LYS I 84 24.23 11.45 23.05
C LYS I 84 25.05 12.41 23.93
N ALA I 85 25.55 13.48 23.34
CA ALA I 85 26.41 14.43 24.05
C ALA I 85 25.66 15.23 25.11
N VAL I 86 24.40 15.53 24.84
CA VAL I 86 23.65 16.50 25.64
C VAL I 86 22.79 15.86 26.74
N LEU I 87 22.39 14.61 26.55
CA LEU I 87 21.54 13.91 27.51
C LEU I 87 22.32 13.12 28.56
N ASP I 88 21.73 12.99 29.76
CA ASP I 88 22.38 12.32 30.90
C ASP I 88 22.55 10.82 30.69
N SER I 89 21.47 10.07 30.88
CA SER I 89 21.49 8.65 30.57
C SER I 89 20.58 8.42 29.38
N TYR I 90 21.18 8.07 28.25
CA TYR I 90 20.47 8.03 26.98
C TYR I 90 20.16 6.63 26.47
N GLU I 91 19.50 6.60 25.32
CA GLU I 91 19.15 5.37 24.62
C GLU I 91 18.83 5.71 23.18
N ILE I 92 19.56 5.09 22.25
CA ILE I 92 19.27 5.20 20.83
C ILE I 92 17.98 4.46 20.50
N ARG I 93 17.09 5.13 19.77
CA ARG I 93 15.82 4.55 19.38
C ARG I 93 15.66 4.65 17.87
N TYR I 94 15.02 3.65 17.27
CA TYR I 94 14.94 3.57 15.83
C TYR I 94 13.56 3.93 15.28
N ALA I 95 13.52 5.04 14.55
CA ALA I 95 12.30 5.57 13.96
C ALA I 95 12.52 5.90 12.48
N GLU I 96 11.89 6.99 12.04
CA GLU I 96 12.13 7.56 10.71
C GLU I 96 13.62 7.43 10.42
N HIS I 97 14.41 8.19 11.16
CA HIS I 97 15.84 7.98 11.23
C HIS I 97 16.23 7.98 12.69
N PRO I 98 17.35 7.30 13.04
CA PRO I 98 17.71 7.16 14.44
C PRO I 98 17.76 8.51 15.14
N TYR I 99 17.16 8.56 16.32
CA TYR I 99 17.20 9.73 17.20
C TYR I 99 17.55 9.25 18.60
N VAL I 100 17.84 10.17 19.50
CA VAL I 100 18.21 9.82 20.86
C VAL I 100 17.07 10.15 21.84
N HIS I 101 16.81 9.23 22.74
CA HIS I 101 15.91 9.46 23.86
C HIS I 101 16.70 9.33 25.14
N GLY I 102 16.45 10.23 26.08
CA GLY I 102 17.20 10.21 27.33
C GLY I 102 16.48 10.94 28.44
N VAL I 103 17.27 11.30 29.46
CA VAL I 103 16.76 12.02 30.59
C VAL I 103 17.69 13.20 30.85
N VAL I 104 17.12 14.31 31.31
CA VAL I 104 17.90 15.46 31.79
C VAL I 104 17.29 15.92 33.11
N LYS I 105 18.11 15.99 34.16
CA LYS I 105 17.65 16.35 35.50
C LYS I 105 16.33 15.65 35.84
N GLY I 106 16.30 14.33 35.60
CA GLY I 106 15.13 13.51 35.88
C GLY I 106 13.89 13.84 35.05
N VAL I 107 14.10 14.37 33.85
CA VAL I 107 12.99 14.67 32.93
C VAL I 107 13.31 14.09 31.55
N GLU I 108 12.38 13.29 31.03
CA GLU I 108 12.58 12.62 29.75
C GLU I 108 12.64 13.60 28.58
N VAL I 109 13.55 13.36 27.65
CA VAL I 109 13.73 14.22 26.48
C VAL I 109 13.94 13.41 25.21
N ASP I 110 13.22 13.76 24.14
CA ASP I 110 13.52 13.26 22.81
C ASP I 110 14.34 14.30 22.07
N VAL I 111 15.40 13.86 21.40
CA VAL I 111 16.19 14.75 20.54
C VAL I 111 16.26 14.15 19.15
N VAL I 112 15.58 14.80 18.20
CA VAL I 112 15.48 14.30 16.84
C VAL I 112 16.19 15.23 15.87
N PRO I 113 17.03 14.68 14.98
CA PRO I 113 17.56 15.52 13.91
C PRO I 113 16.57 15.63 12.76
N CYS I 114 16.60 16.77 12.06
CA CYS I 114 15.80 16.98 10.85
C CYS I 114 16.42 18.09 10.01
N TYR I 115 15.89 18.29 8.81
CA TYR I 115 16.37 19.34 7.91
C TYR I 115 15.75 20.69 8.25
N LYS I 116 16.49 21.76 7.90
CA LYS I 116 16.07 23.14 8.16
C LYS I 116 14.86 23.55 7.30
N LEU I 117 14.97 23.37 5.98
CA LEU I 117 13.86 23.58 5.02
C LEU I 117 13.20 24.96 5.12
N LYS I 118 13.14 25.68 4.00
CA LYS I 118 12.53 27.00 3.97
C LYS I 118 11.01 26.96 4.03
N GLU I 119 10.40 26.14 3.18
CA GLU I 119 8.95 26.07 3.07
C GLU I 119 8.42 24.65 2.81
N PRO I 120 7.16 24.38 3.20
CA PRO I 120 6.67 23.00 3.15
C PRO I 120 6.09 22.59 1.79
N LYS I 121 6.94 22.56 0.77
CA LYS I 121 6.59 21.99 -0.53
C LYS I 121 7.42 20.74 -0.73
N ASN I 122 8.74 20.87 -0.58
CA ASN I 122 9.66 19.74 -0.56
C ASN I 122 9.73 19.10 0.83
N ILE I 123 8.56 18.83 1.42
CA ILE I 123 8.45 18.19 2.73
C ILE I 123 8.81 16.69 2.64
N LYS I 124 10.05 16.39 3.02
CA LYS I 124 10.71 15.13 2.65
C LYS I 124 10.97 14.18 3.84
N SER I 125 9.92 13.92 4.61
CA SER I 125 9.92 13.00 5.77
C SER I 125 9.07 13.58 6.89
N ALA I 126 8.30 12.72 7.55
CA ALA I 126 7.35 13.13 8.61
C ALA I 126 7.94 14.15 9.59
N VAL I 127 9.19 13.91 10.00
CA VAL I 127 9.89 14.76 10.97
C VAL I 127 9.90 16.21 10.55
N ASP I 128 10.31 16.47 9.31
CA ASP I 128 10.52 17.81 8.76
C ASP I 128 9.27 18.69 8.83
N ARG I 129 8.10 18.07 8.87
CA ARG I 129 6.84 18.79 9.05
C ARG I 129 6.73 19.40 10.45
N THR I 130 7.22 18.68 11.47
CA THR I 130 7.05 19.07 12.87
C THR I 130 7.36 20.56 13.15
N PRO I 131 8.56 21.06 12.77
CA PRO I 131 8.83 22.49 13.01
C PRO I 131 7.71 23.39 12.51
N PHE I 132 7.22 23.10 11.30
CA PHE I 132 6.15 23.88 10.66
C PHE I 132 4.83 23.83 11.42
N HIS I 133 4.52 22.67 12.04
CA HIS I 133 3.33 22.54 12.88
C HIS I 133 3.43 23.46 14.08
N HIS I 134 4.58 23.43 14.74
CA HIS I 134 4.85 24.28 15.89
C HIS I 134 4.73 25.76 15.54
N LYS I 135 5.30 26.15 14.40
CA LYS I 135 5.20 27.52 13.92
C LYS I 135 3.74 27.91 13.73
N TRP I 136 2.99 27.07 13.00
CA TRP I 136 1.58 27.31 12.74
C TRP I 136 0.78 27.47 14.03
N LEU I 137 1.14 26.69 15.05
CA LEU I 137 0.43 26.68 16.33
C LEU I 137 0.82 27.84 17.25
N GLU I 138 1.94 27.69 17.96
CA GLU I 138 2.48 28.73 18.85
C GLU I 138 1.95 30.12 18.47
N GLY I 139 1.15 30.70 19.37
CA GLY I 139 0.51 32.00 19.09
C GLY I 139 -0.97 31.86 18.79
N ARG I 140 -1.31 30.97 17.87
CA ARG I 140 -2.69 30.64 17.53
C ARG I 140 -3.34 29.82 18.65
N ILE I 141 -2.51 29.07 19.37
CA ILE I 141 -2.95 28.23 20.48
C ILE I 141 -3.03 29.02 21.80
N LYS I 142 -2.27 30.11 21.87
CA LYS I 142 -2.14 30.90 23.10
C LYS I 142 -3.52 31.37 23.56
N GLY I 143 -3.80 31.15 24.84
CA GLY I 143 -5.10 31.44 25.44
C GLY I 143 -5.98 30.21 25.61
N LYS I 144 -5.60 29.12 24.92
CA LYS I 144 -6.41 27.92 24.86
C LYS I 144 -5.67 26.67 25.33
N GLU I 145 -4.48 26.86 25.90
CA GLU I 145 -3.67 25.73 26.36
C GLU I 145 -4.46 24.77 27.25
N ASN I 146 -5.11 25.31 28.29
CA ASN I 146 -5.96 24.52 29.18
C ASN I 146 -7.16 23.87 28.50
N GLU I 147 -7.63 24.46 27.41
CA GLU I 147 -8.71 23.89 26.62
C GLU I 147 -8.23 22.62 25.93
N VAL I 148 -7.02 22.66 25.37
CA VAL I 148 -6.39 21.47 24.79
C VAL I 148 -6.26 20.38 25.85
N ARG I 149 -5.70 20.76 26.99
CA ARG I 149 -5.42 19.82 28.07
C ARG I 149 -6.67 19.04 28.50
N LEU I 150 -7.83 19.69 28.46
CA LEU I 150 -9.10 19.01 28.64
C LEU I 150 -9.27 17.90 27.60
N LEU I 151 -9.20 18.26 26.32
CA LEU I 151 -9.41 17.31 25.22
C LEU I 151 -8.52 16.08 25.35
N LYS I 152 -7.22 16.30 25.52
CA LYS I 152 -6.27 15.20 25.76
C LYS I 152 -6.67 14.35 26.97
N GLY I 153 -6.95 15.01 28.08
CA GLY I 153 -7.35 14.34 29.33
C GLY I 153 -8.60 13.48 29.15
N PHE I 154 -9.61 14.07 28.52
CA PHE I 154 -10.87 13.39 28.19
C PHE I 154 -10.57 12.15 27.36
N LEU I 155 -9.71 12.31 26.35
CA LEU I 155 -9.35 11.22 25.46
C LEU I 155 -8.56 10.13 26.17
N LYS I 156 -7.47 10.50 26.81
CA LYS I 156 -6.60 9.53 27.50
C LYS I 156 -7.39 8.69 28.49
N ALA I 157 -8.38 9.32 29.13
CA ALA I 157 -9.23 8.68 30.14
C ALA I 157 -10.03 7.53 29.57
N ASN I 158 -10.50 7.69 28.33
CA ASN I 158 -11.23 6.64 27.64
C ASN I 158 -10.33 5.94 26.62
N GLY I 159 -9.02 6.11 26.83
CA GLY I 159 -7.99 5.35 26.13
C GLY I 159 -7.93 5.48 24.62
N ILE I 160 -8.24 6.65 24.11
CA ILE I 160 -8.08 6.92 22.68
C ILE I 160 -7.16 8.11 22.40
N TYR I 161 -6.32 8.44 23.36
CA TYR I 161 -5.25 9.39 23.10
C TYR I 161 -4.04 8.65 22.57
N GLY I 162 -3.40 9.23 21.56
CA GLY I 162 -2.22 8.64 20.94
C GLY I 162 -2.55 8.08 19.57
N ALA I 163 -1.73 8.43 18.59
CA ALA I 163 -1.94 7.98 17.21
C ALA I 163 -1.03 6.81 16.85
N GLU I 164 -0.33 6.27 17.84
CA GLU I 164 0.49 5.08 17.64
C GLU I 164 -0.38 3.88 17.32
N TYR I 165 0.20 2.88 16.66
CA TYR I 165 -0.57 1.70 16.26
C TYR I 165 -1.15 0.95 17.44
N LYS I 166 -0.59 1.16 18.62
CA LYS I 166 -1.07 0.51 19.83
C LYS I 166 -2.44 1.05 20.25
N VAL I 167 -2.76 2.25 19.79
CA VAL I 167 -4.00 2.94 20.19
C VAL I 167 -4.94 3.23 19.01
N ARG I 168 -4.38 3.61 17.86
CA ARG I 168 -5.14 4.11 16.72
C ARG I 168 -6.14 5.19 17.14
N GLY I 169 -5.64 6.19 17.84
CA GLY I 169 -6.48 7.26 18.35
C GLY I 169 -6.13 8.63 17.79
N PHE I 170 -6.44 9.66 18.59
CA PHE I 170 -6.19 11.04 18.23
C PHE I 170 -4.77 11.42 18.62
N SER I 171 -4.00 11.96 17.68
CA SER I 171 -2.65 12.44 17.97
C SER I 171 -2.70 13.72 18.82
N GLY I 172 -1.58 14.05 19.47
CA GLY I 172 -1.48 15.28 20.24
C GLY I 172 -1.68 16.51 19.37
N TYR I 173 -1.09 16.49 18.19
CA TYR I 173 -1.25 17.56 17.21
C TYR I 173 -2.72 17.69 16.80
N LEU I 174 -3.40 16.54 16.65
CA LEU I 174 -4.80 16.53 16.26
C LEU I 174 -5.68 17.28 17.25
N CYS I 175 -5.47 17.04 18.54
CA CYS I 175 -6.19 17.75 19.59
C CYS I 175 -6.05 19.25 19.43
N GLU I 176 -4.80 19.72 19.35
CA GLU I 176 -4.50 21.15 19.24
C GLU I 176 -5.19 21.79 18.03
N LEU I 177 -5.11 21.15 16.86
CA LEU I 177 -5.84 21.59 15.67
C LEU I 177 -7.34 21.68 15.89
N LEU I 178 -7.90 20.70 16.60
CA LEU I 178 -9.34 20.68 16.91
C LEU I 178 -9.75 21.83 17.82
N ILE I 179 -8.88 22.17 18.76
CA ILE I 179 -9.14 23.26 19.69
C ILE I 179 -9.05 24.62 18.97
N VAL I 180 -8.04 24.78 18.12
CA VAL I 180 -7.90 25.99 17.31
C VAL I 180 -9.15 26.20 16.46
N PHE I 181 -9.61 25.10 15.86
CA PHE I 181 -10.78 25.10 14.99
C PHE I 181 -12.08 25.46 15.72
N TYR I 182 -12.29 24.86 16.89
CA TYR I 182 -13.55 24.98 17.62
C TYR I 182 -13.53 26.00 18.76
N GLY I 183 -12.36 26.59 19.01
CA GLY I 183 -12.24 27.65 20.00
C GLY I 183 -12.06 27.16 21.43
N SER I 184 -12.71 26.05 21.77
CA SER I 184 -12.63 25.49 23.11
C SER I 184 -12.99 24.01 23.12
N PHE I 185 -12.48 23.27 24.11
CA PHE I 185 -13.07 21.99 24.46
C PHE I 185 -14.50 22.33 24.85
N LEU I 186 -15.43 21.46 24.45
CA LEU I 186 -16.85 21.66 24.75
C LEU I 186 -17.59 22.06 23.49
N GLU I 187 -17.03 23.01 22.75
CA GLU I 187 -17.56 23.36 21.43
C GLU I 187 -17.08 22.30 20.44
N THR I 188 -15.92 21.72 20.76
CA THR I 188 -15.38 20.57 20.05
C THR I 188 -16.26 19.35 20.31
N VAL I 189 -16.48 19.04 21.58
CA VAL I 189 -17.29 17.91 22.01
C VAL I 189 -18.73 18.07 21.55
N LYS I 190 -19.31 19.24 21.81
CA LYS I 190 -20.68 19.58 21.44
C LYS I 190 -20.89 19.36 19.95
N ASN I 191 -19.88 19.73 19.17
CA ASN I 191 -19.96 19.71 17.72
C ASN I 191 -19.55 18.36 17.12
N ALA I 192 -18.79 17.58 17.88
CA ALA I 192 -18.35 16.25 17.45
C ALA I 192 -19.52 15.27 17.42
N ARG I 193 -20.53 15.54 18.26
CA ARG I 193 -21.73 14.71 18.32
C ARG I 193 -22.34 14.51 16.94
N ARG I 194 -22.00 15.38 16.00
CA ARG I 194 -22.57 15.32 14.66
C ARG I 194 -21.56 14.92 13.59
N TRP I 195 -20.34 14.57 14.00
CA TRP I 195 -19.33 14.09 13.07
C TRP I 195 -19.79 12.79 12.42
N THR I 196 -19.72 12.73 11.10
CA THR I 196 -19.96 11.50 10.38
C THR I 196 -18.63 10.90 9.90
N ARG I 197 -18.68 9.69 9.35
CA ARG I 197 -17.49 9.01 8.85
C ARG I 197 -17.05 9.55 7.50
N ARG I 198 -17.83 10.47 6.97
CA ARG I 198 -17.44 11.20 5.77
C ARG I 198 -17.01 12.64 6.06
N THR I 199 -17.09 13.06 7.32
CA THR I 199 -16.70 14.41 7.74
C THR I 199 -15.26 14.77 7.37
N VAL I 200 -15.06 16.02 6.94
CA VAL I 200 -13.76 16.57 6.58
C VAL I 200 -13.62 17.93 7.26
N ILE I 201 -12.52 18.13 7.98
CA ILE I 201 -12.29 19.37 8.74
C ILE I 201 -11.05 20.13 8.23
N ASP I 202 -11.29 21.05 7.30
CA ASP I 202 -10.22 21.93 6.79
C ASP I 202 -10.03 23.07 7.79
N VAL I 203 -8.90 23.07 8.48
CA VAL I 203 -8.66 24.07 9.54
C VAL I 203 -8.33 25.43 8.96
N ALA I 204 -7.36 25.47 8.05
CA ALA I 204 -6.90 26.70 7.42
C ALA I 204 -8.05 27.48 6.76
N LYS I 205 -8.89 26.77 6.01
CA LYS I 205 -10.04 27.40 5.40
C LYS I 205 -11.18 27.57 6.40
N GLY I 206 -11.13 26.82 7.50
CA GLY I 206 -12.12 26.93 8.58
C GLY I 206 -13.53 26.53 8.20
N GLU I 207 -13.66 25.42 7.47
CA GLU I 207 -14.95 24.93 6.99
C GLU I 207 -15.02 23.42 7.06
N VAL I 208 -16.20 22.90 7.40
CA VAL I 208 -16.42 21.45 7.51
C VAL I 208 -17.27 20.97 6.33
N ARG I 209 -16.67 20.21 5.43
CA ARG I 209 -17.40 19.68 4.26
C ARG I 209 -17.56 18.17 4.31
N LYS I 210 -18.30 17.61 3.34
CA LYS I 210 -18.42 16.16 3.19
C LYS I 210 -17.33 15.66 2.27
N GLY I 211 -16.60 14.65 2.72
CA GLY I 211 -15.54 14.04 1.92
C GLY I 211 -15.85 12.60 1.56
N GLU I 212 -14.84 11.76 1.68
CA GLU I 212 -14.91 10.36 1.25
C GLU I 212 -14.57 9.44 2.42
N GLU I 213 -13.95 10.03 3.43
CA GLU I 213 -13.47 9.34 4.63
C GLU I 213 -12.99 10.43 5.59
N PHE I 214 -13.13 10.18 6.89
CA PHE I 214 -12.78 11.17 7.91
C PHE I 214 -11.38 11.72 7.69
N PHE I 215 -11.30 13.04 7.55
CA PHE I 215 -10.08 13.67 7.08
C PHE I 215 -9.91 15.03 7.75
N VAL I 216 -8.93 15.14 8.65
CA VAL I 216 -8.52 16.43 9.17
C VAL I 216 -7.39 16.95 8.27
N VAL I 217 -7.63 18.11 7.64
CA VAL I 217 -6.66 18.69 6.71
C VAL I 217 -5.57 19.43 7.47
N ASP I 218 -4.33 18.97 7.29
CA ASP I 218 -3.15 19.57 7.89
C ASP I 218 -2.93 20.96 7.31
N PRO I 219 -3.07 22.00 8.14
CA PRO I 219 -2.88 23.39 7.70
C PRO I 219 -1.54 23.60 7.00
N VAL I 220 -0.59 22.68 7.23
CA VAL I 220 0.75 22.78 6.67
C VAL I 220 0.89 22.04 5.34
N ASP I 221 0.12 20.96 5.18
CA ASP I 221 0.16 20.14 3.97
C ASP I 221 -1.25 19.64 3.69
N GLU I 222 -1.98 20.36 2.84
CA GLU I 222 -3.38 20.04 2.56
C GLU I 222 -3.58 18.64 1.95
N LYS I 223 -2.48 17.98 1.63
CA LYS I 223 -2.50 16.59 1.19
C LYS I 223 -2.50 15.60 2.35
N ARG I 224 -2.05 16.07 3.52
CA ARG I 224 -1.83 15.20 4.68
C ARG I 224 -3.03 15.15 5.63
N ASN I 225 -3.38 13.93 6.04
CA ASN I 225 -4.50 13.72 6.95
C ASN I 225 -4.04 13.54 8.39
N VAL I 226 -4.29 14.56 9.21
CA VAL I 226 -3.85 14.57 10.61
C VAL I 226 -4.48 13.41 11.40
N ALA I 227 -5.60 12.89 10.90
CA ALA I 227 -6.31 11.81 11.58
C ALA I 227 -6.12 10.44 10.91
N ALA I 228 -5.14 10.35 10.03
CA ALA I 228 -4.93 9.17 9.21
C ALA I 228 -4.95 7.87 9.98
N ASN I 229 -4.34 7.84 11.17
CA ASN I 229 -4.24 6.59 11.92
C ASN I 229 -5.32 6.40 13.00
N LEU I 230 -6.29 7.32 13.05
CA LEU I 230 -7.46 7.15 13.90
C LEU I 230 -8.40 6.15 13.24
N SER I 231 -8.63 5.02 13.90
CA SER I 231 -9.47 3.95 13.36
C SER I 231 -10.92 4.38 13.28
N LEU I 232 -11.65 3.84 12.32
CA LEU I 232 -13.07 4.15 12.20
C LEU I 232 -13.79 3.98 13.53
N ASP I 233 -13.52 2.87 14.22
CA ASP I 233 -14.21 2.53 15.46
C ASP I 233 -13.87 3.49 16.61
N ASN I 234 -12.62 3.93 16.67
CA ASN I 234 -12.23 4.87 17.71
C ASN I 234 -12.80 6.27 17.50
N LEU I 235 -13.12 6.59 16.25
CA LEU I 235 -13.90 7.80 15.95
C LEU I 235 -15.32 7.60 16.47
N ALA I 236 -15.87 6.42 16.22
CA ALA I 236 -17.20 6.05 16.70
C ALA I 236 -17.28 6.19 18.22
N ARG I 237 -16.26 5.67 18.89
CA ARG I 237 -16.20 5.74 20.34
C ARG I 237 -16.22 7.18 20.81
N PHE I 238 -15.49 8.04 20.11
CA PHE I 238 -15.43 9.45 20.50
C PHE I 238 -16.72 10.21 20.19
N VAL I 239 -17.26 10.00 18.99
CA VAL I 239 -18.56 10.57 18.62
C VAL I 239 -19.57 10.27 19.73
N HIS I 240 -19.78 8.98 19.99
CA HIS I 240 -20.73 8.51 21.00
C HIS I 240 -20.39 8.96 22.43
N LEU I 241 -19.10 9.07 22.72
CA LEU I 241 -18.65 9.54 24.03
C LEU I 241 -19.15 10.95 24.29
N CYS I 242 -19.18 11.76 23.25
CA CYS I 242 -19.59 13.14 23.34
C CYS I 242 -21.09 13.27 23.62
N ARG I 243 -21.90 12.45 22.94
CA ARG I 243 -23.34 12.42 23.19
C ARG I 243 -23.63 12.03 24.64
N GLU I 244 -23.02 10.93 25.08
CA GLU I 244 -23.14 10.48 26.46
C GLU I 244 -22.66 11.53 27.46
N PHE I 245 -21.66 12.33 27.07
CA PHE I 245 -21.15 13.38 27.95
C PHE I 245 -22.07 14.59 28.03
N MET I 246 -22.48 15.09 26.87
CA MET I 246 -23.34 16.26 26.80
C MET I 246 -24.54 16.11 27.72
N GLU I 247 -25.14 14.92 27.71
CA GLU I 247 -26.33 14.64 28.51
C GLU I 247 -26.06 14.44 29.99
N ALA I 248 -25.20 13.49 30.34
CA ALA I 248 -24.92 13.23 31.75
C ALA I 248 -23.47 13.54 32.11
N PRO I 249 -23.10 14.84 32.15
CA PRO I 249 -21.71 15.18 32.42
C PRO I 249 -21.31 14.81 33.84
N SER I 250 -20.14 14.19 33.98
CA SER I 250 -19.52 13.94 35.27
C SER I 250 -18.00 13.93 35.08
N LEU I 251 -17.26 14.23 36.14
CA LEU I 251 -15.81 14.17 36.08
C LEU I 251 -15.33 12.70 36.07
N GLY I 252 -16.28 11.79 35.88
CA GLY I 252 -16.00 10.37 35.67
C GLY I 252 -15.45 10.11 34.28
N PHE I 253 -15.81 10.97 33.33
CA PHE I 253 -15.28 10.93 31.96
C PHE I 253 -13.77 11.20 31.89
N PHE I 254 -13.23 11.83 32.93
CA PHE I 254 -11.83 12.28 32.94
C PHE I 254 -10.90 11.44 33.82
N LYS I 255 -11.47 10.47 34.54
CA LYS I 255 -10.67 9.50 35.29
C LYS I 255 -10.61 8.20 34.49
N PRO I 256 -9.44 7.53 34.49
CA PRO I 256 -9.29 6.30 33.71
C PRO I 256 -10.02 5.12 34.38
N LYS I 257 -10.55 4.20 33.58
CA LYS I 257 -11.25 3.03 34.11
C LYS I 257 -10.24 1.89 34.28
N HIS I 258 -9.84 1.63 35.51
CA HIS I 258 -8.80 0.63 35.78
C HIS I 258 -9.33 -0.80 35.66
N PRO I 259 -8.46 -1.75 35.22
CA PRO I 259 -8.88 -3.13 34.93
C PRO I 259 -9.84 -3.73 35.96
N LEU I 260 -10.82 -4.47 35.44
CA LEU I 260 -11.87 -5.10 36.26
C LEU I 260 -11.29 -5.94 37.41
N GLU I 261 -10.38 -6.86 37.06
CA GLU I 261 -9.68 -7.74 38.02
C GLU I 261 -10.64 -8.63 38.81
N ILE I 262 -10.79 -9.88 38.38
CA ILE I 262 -11.69 -10.82 39.04
C ILE I 262 -11.11 -12.22 39.22
N GLU I 263 -11.62 -12.93 40.23
CA GLU I 263 -11.23 -14.31 40.56
C GLU I 263 -11.20 -15.13 39.27
N PRO I 264 -10.18 -15.98 39.10
CA PRO I 264 -10.24 -16.91 37.97
C PRO I 264 -11.52 -17.75 38.01
N GLU I 265 -12.00 -18.10 39.20
CA GLU I 265 -13.20 -18.93 39.35
C GLU I 265 -14.50 -18.26 38.90
N ARG I 266 -14.58 -16.95 39.00
CA ARG I 266 -15.73 -16.20 38.50
C ARG I 266 -15.74 -16.22 36.97
N LEU I 267 -14.60 -15.85 36.38
CA LEU I 267 -14.41 -15.84 34.94
C LEU I 267 -14.68 -17.21 34.34
N ARG I 268 -14.51 -18.24 35.16
CA ARG I 268 -14.82 -19.61 34.75
C ARG I 268 -16.33 -19.81 34.61
N LYS I 269 -17.09 -19.30 35.57
CA LYS I 269 -18.54 -19.46 35.56
C LYS I 269 -19.22 -18.64 34.46
N ILE I 270 -18.62 -17.50 34.12
CA ILE I 270 -19.15 -16.63 33.06
C ILE I 270 -19.06 -17.35 31.71
N VAL I 271 -17.88 -17.91 31.42
CA VAL I 271 -17.63 -18.68 30.20
C VAL I 271 -18.56 -19.90 30.12
N GLU I 272 -18.86 -20.48 31.28
CA GLU I 272 -19.81 -21.58 31.38
C GLU I 272 -21.21 -21.09 31.03
N GLU I 273 -21.65 -20.01 31.68
CA GLU I 273 -22.97 -19.43 31.41
C GLU I 273 -23.12 -19.08 29.93
N ARG I 274 -22.08 -18.47 29.36
CA ARG I 274 -22.06 -18.09 27.95
C ARG I 274 -22.15 -19.29 27.02
N GLY I 275 -21.61 -20.42 27.48
CA GLY I 275 -21.60 -21.67 26.72
C GLY I 275 -20.67 -21.64 25.53
N THR I 276 -19.76 -20.67 25.51
CA THR I 276 -18.83 -20.50 24.42
C THR I 276 -17.56 -21.27 24.66
N ALA I 277 -16.83 -21.52 23.58
CA ALA I 277 -15.48 -22.04 23.64
C ALA I 277 -14.54 -20.86 23.62
N VAL I 278 -13.82 -20.67 24.72
CA VAL I 278 -12.83 -19.59 24.82
C VAL I 278 -11.43 -20.18 24.97
N PHE I 279 -10.58 -19.86 23.99
CA PHE I 279 -9.20 -20.33 23.93
C PHE I 279 -8.30 -19.22 23.46
N ALA I 280 -6.99 -19.43 23.55
CA ALA I 280 -6.02 -18.43 23.16
C ALA I 280 -4.79 -19.07 22.55
N VAL I 281 -4.15 -18.37 21.62
CA VAL I 281 -2.88 -18.84 21.07
C VAL I 281 -1.73 -18.09 21.74
N LYS I 282 -0.88 -18.84 22.45
CA LYS I 282 0.26 -18.28 23.18
C LYS I 282 1.57 -18.52 22.41
N PHE I 283 2.43 -17.51 22.39
CA PHE I 283 3.74 -17.61 21.74
C PHE I 283 4.73 -16.58 22.27
N ARG I 284 6.01 -16.81 22.04
CA ARG I 284 7.06 -15.88 22.45
C ARG I 284 6.78 -14.54 21.75
N LYS I 285 6.83 -13.45 22.49
CA LYS I 285 6.59 -12.12 21.93
C LYS I 285 7.83 -11.65 21.18
N PRO I 286 7.70 -11.39 19.86
CA PRO I 286 8.81 -10.99 18.99
C PRO I 286 9.55 -9.76 19.49
N ASP I 287 10.84 -9.69 19.18
CA ASP I 287 11.69 -8.62 19.66
C ASP I 287 11.58 -7.36 18.78
N ILE I 288 10.36 -6.82 18.67
CA ILE I 288 10.13 -5.62 17.86
C ILE I 288 9.35 -4.53 18.59
N VAL I 289 9.49 -3.31 18.08
CA VAL I 289 8.69 -2.16 18.53
C VAL I 289 7.20 -2.44 18.41
N ASP I 290 6.41 -1.67 19.15
CA ASP I 290 4.96 -1.79 19.14
C ASP I 290 4.35 -1.61 17.75
N ASP I 291 4.84 -0.60 17.03
CA ASP I 291 4.29 -0.23 15.73
C ASP I 291 4.47 -1.31 14.65
N ASN I 292 5.34 -2.27 14.94
CA ASN I 292 5.48 -3.46 14.12
C ASN I 292 4.64 -4.60 14.66
N LEU I 293 4.66 -4.76 15.98
CA LEU I 293 4.01 -5.87 16.66
C LEU I 293 2.50 -5.82 16.54
N TYR I 294 1.92 -4.67 16.85
CA TYR I 294 0.47 -4.54 16.93
C TYR I 294 -0.25 -4.73 15.60
N PRO I 295 0.13 -3.98 14.54
CA PRO I 295 -0.54 -4.27 13.28
C PRO I 295 -0.45 -5.76 12.92
N GLN I 296 0.63 -6.43 13.33
CA GLN I 296 0.78 -7.87 13.12
C GLN I 296 -0.18 -8.69 13.98
N LEU I 297 -0.26 -8.36 15.27
CA LEU I 297 -1.22 -9.00 16.19
C LEU I 297 -2.66 -8.85 15.70
N GLU I 298 -2.96 -7.71 15.08
CA GLU I 298 -4.24 -7.48 14.44
C GLU I 298 -4.41 -8.40 13.24
N ARG I 299 -3.34 -8.55 12.44
CA ARG I 299 -3.37 -9.39 11.24
C ARG I 299 -3.55 -10.86 11.59
N ALA I 300 -2.77 -11.34 12.55
CA ALA I 300 -2.83 -12.71 13.00
C ALA I 300 -4.22 -13.00 13.56
N SER I 301 -4.68 -12.08 14.42
CA SER I 301 -5.99 -12.19 15.04
C SER I 301 -7.09 -12.28 13.99
N ARG I 302 -7.04 -11.39 13.01
CA ARG I 302 -8.02 -11.38 11.92
C ARG I 302 -7.99 -12.71 11.18
N LYS I 303 -6.82 -13.06 10.67
CA LYS I 303 -6.65 -14.22 9.82
C LYS I 303 -7.15 -15.51 10.44
N ILE I 304 -6.95 -15.67 11.75
CA ILE I 304 -7.39 -16.88 12.44
C ILE I 304 -8.88 -16.83 12.71
N PHE I 305 -9.38 -15.66 13.03
CA PHE I 305 -10.81 -15.42 13.20
C PHE I 305 -11.52 -15.82 11.92
N GLU I 306 -11.01 -15.27 10.82
CA GLU I 306 -11.54 -15.47 9.48
C GLU I 306 -11.57 -16.95 9.12
N PHE I 307 -10.56 -17.69 9.58
CA PHE I 307 -10.47 -19.13 9.39
C PHE I 307 -11.61 -19.82 10.12
N LEU I 308 -11.85 -19.43 11.37
CA LEU I 308 -12.90 -20.02 12.18
C LEU I 308 -14.29 -19.79 11.61
N GLU I 309 -14.49 -18.62 10.99
CA GLU I 309 -15.72 -18.31 10.28
C GLU I 309 -15.95 -19.34 9.17
N ARG I 310 -14.95 -19.47 8.31
CA ARG I 310 -14.98 -20.30 7.12
C ARG I 310 -15.02 -21.79 7.43
N GLU I 311 -14.59 -22.16 8.63
CA GLU I 311 -14.62 -23.56 9.05
C GLU I 311 -15.86 -23.89 9.87
N ASN I 312 -16.80 -22.93 9.92
CA ASN I 312 -18.10 -23.08 10.58
C ASN I 312 -18.07 -23.28 12.09
N PHE I 313 -17.15 -22.58 12.75
CA PHE I 313 -17.07 -22.60 14.21
C PHE I 313 -17.73 -21.38 14.82
N MET I 314 -18.11 -20.43 13.97
CA MET I 314 -18.89 -19.26 14.35
C MET I 314 -18.26 -18.44 15.47
N PRO I 315 -17.13 -17.78 15.17
CA PRO I 315 -16.49 -16.93 16.18
C PRO I 315 -17.34 -15.71 16.50
N LEU I 316 -17.20 -15.19 17.73
CA LEU I 316 -17.98 -14.03 18.18
C LEU I 316 -17.16 -12.75 18.15
N ARG I 317 -16.16 -12.68 19.05
CA ARG I 317 -15.16 -11.62 19.04
C ARG I 317 -13.78 -12.25 19.08
N SER I 318 -12.76 -11.40 19.04
CA SER I 318 -11.39 -11.78 19.29
C SER I 318 -10.68 -10.59 19.90
N ALA I 319 -9.47 -10.81 20.40
CA ALA I 319 -8.66 -9.77 21.03
C ALA I 319 -7.27 -10.36 21.20
N PHE I 320 -6.34 -9.53 21.65
CA PHE I 320 -4.95 -9.94 21.81
C PHE I 320 -4.27 -9.20 22.94
N LYS I 321 -3.37 -9.87 23.65
CA LYS I 321 -2.53 -9.19 24.62
C LYS I 321 -1.05 -9.42 24.36
N ALA I 322 -0.26 -8.39 24.66
CA ALA I 322 1.20 -8.47 24.61
C ALA I 322 1.76 -8.27 26.00
N SER I 323 2.30 -9.34 26.58
CA SER I 323 2.93 -9.26 27.90
C SER I 323 4.42 -8.97 27.75
N GLU I 324 5.16 -9.17 28.84
CA GLU I 324 6.60 -9.03 28.83
C GLU I 324 7.26 -10.08 27.93
N GLU I 325 7.00 -11.35 28.26
CA GLU I 325 7.62 -12.50 27.62
C GLU I 325 6.79 -13.03 26.46
N PHE I 326 5.46 -13.03 26.61
CA PHE I 326 4.57 -13.71 25.66
C PHE I 326 3.56 -12.80 24.95
N CYS I 327 2.84 -13.39 24.00
CA CYS I 327 1.71 -12.77 23.32
C CYS I 327 0.56 -13.76 23.30
N TYR I 328 -0.66 -13.24 23.30
CA TYR I 328 -1.85 -14.09 23.33
C TYR I 328 -2.88 -13.60 22.34
N LEU I 329 -3.29 -14.48 21.44
CA LEU I 329 -4.42 -14.18 20.56
C LEU I 329 -5.65 -14.87 21.13
N LEU I 330 -6.60 -14.07 21.62
CA LEU I 330 -7.78 -14.58 22.31
C LEU I 330 -8.93 -14.75 21.35
N PHE I 331 -9.74 -15.79 21.58
CA PHE I 331 -10.85 -16.10 20.68
C PHE I 331 -12.04 -16.67 21.45
N GLU I 332 -13.25 -16.25 21.05
CA GLU I 332 -14.46 -16.79 21.65
C GLU I 332 -15.38 -17.32 20.56
N CYS I 333 -15.74 -18.60 20.65
CA CYS I 333 -16.54 -19.25 19.61
C CYS I 333 -17.86 -19.82 20.09
N GLN I 334 -18.87 -19.74 19.23
CA GLN I 334 -20.20 -20.25 19.55
C GLN I 334 -20.27 -21.77 19.50
N ILE I 335 -19.43 -22.38 18.67
CA ILE I 335 -19.41 -23.83 18.51
C ILE I 335 -18.24 -24.47 19.26
N LYS I 336 -18.56 -25.21 20.33
CA LYS I 336 -17.56 -25.91 21.11
C LYS I 336 -17.04 -27.13 20.36
N GLU I 337 -17.92 -27.70 19.53
CA GLU I 337 -17.65 -28.92 18.80
C GLU I 337 -18.65 -29.13 17.67
N ILE I 338 -18.14 -29.50 16.51
CA ILE I 338 -18.94 -29.78 15.34
C ILE I 338 -18.89 -31.29 15.01
N SER I 339 -19.81 -31.75 14.17
CA SER I 339 -19.90 -33.18 13.85
C SER I 339 -18.73 -33.68 13.00
N ARG I 340 -18.39 -34.95 13.18
CA ARG I 340 -17.26 -35.55 12.47
C ARG I 340 -17.49 -35.59 10.96
N VAL I 341 -18.77 -35.71 10.56
CA VAL I 341 -19.14 -35.79 9.14
C VAL I 341 -19.48 -34.41 8.55
N PHE I 342 -19.20 -34.24 7.26
CA PHE I 342 -19.60 -33.04 6.52
C PHE I 342 -20.01 -33.32 5.06
N ARG I 343 -20.48 -32.30 4.37
CA ARG I 343 -20.91 -32.42 2.97
C ARG I 343 -19.82 -31.96 2.02
N ARG I 344 -19.62 -32.69 0.92
CA ARG I 344 -18.53 -32.38 0.01
C ARG I 344 -18.87 -31.45 -1.13
N MET I 345 -19.85 -31.86 -1.94
CA MET I 345 -20.13 -31.26 -3.24
C MET I 345 -19.22 -31.84 -4.31
N GLY I 346 -19.84 -32.46 -5.30
CA GLY I 346 -19.16 -33.01 -6.45
C GLY I 346 -19.71 -32.36 -7.70
N PRO I 347 -19.61 -33.05 -8.84
CA PRO I 347 -20.01 -32.49 -10.12
C PRO I 347 -21.52 -32.43 -10.28
N GLN I 348 -21.98 -31.64 -11.23
CA GLN I 348 -23.37 -31.72 -11.66
C GLN I 348 -23.58 -33.09 -12.32
N PHE I 349 -24.83 -33.58 -12.33
CA PHE I 349 -25.11 -34.94 -12.78
C PHE I 349 -24.64 -35.24 -14.22
N GLU I 350 -24.57 -34.21 -15.06
CA GLU I 350 -24.23 -34.34 -16.48
C GLU I 350 -22.79 -34.78 -16.73
N ASP I 351 -21.92 -34.50 -15.78
CA ASP I 351 -20.48 -34.65 -15.96
C ASP I 351 -20.04 -36.12 -15.84
N GLU I 352 -20.23 -36.89 -16.91
CA GLU I 352 -19.99 -38.33 -16.87
C GLU I 352 -18.62 -38.68 -16.29
N ARG I 353 -17.58 -38.07 -16.85
CA ARG I 353 -16.19 -38.30 -16.45
C ARG I 353 -15.91 -37.97 -14.98
N ASN I 354 -16.24 -36.75 -14.58
CA ASN I 354 -15.99 -36.28 -13.22
C ASN I 354 -16.80 -37.02 -12.18
N VAL I 355 -18.00 -37.45 -12.56
CA VAL I 355 -18.88 -38.17 -11.64
C VAL I 355 -18.27 -39.50 -11.22
N LYS I 356 -17.91 -40.34 -12.18
CA LYS I 356 -17.36 -41.66 -11.87
C LYS I 356 -15.97 -41.58 -11.21
N LYS I 357 -15.24 -40.50 -11.47
CA LYS I 357 -13.96 -40.24 -10.80
C LYS I 357 -14.19 -39.92 -9.32
N PHE I 358 -15.21 -39.11 -9.07
CA PHE I 358 -15.58 -38.63 -7.73
C PHE I 358 -16.28 -39.74 -6.94
N LEU I 359 -17.06 -40.56 -7.64
CA LEU I 359 -17.83 -41.62 -7.03
C LEU I 359 -16.99 -42.90 -6.90
N SER I 360 -15.78 -42.85 -7.45
CA SER I 360 -14.82 -43.94 -7.35
C SER I 360 -14.05 -43.93 -6.04
N ARG I 361 -13.68 -42.72 -5.58
CA ARG I 361 -12.92 -42.52 -4.34
C ARG I 361 -13.52 -43.30 -3.16
N ASN I 362 -12.65 -43.91 -2.36
CA ASN I 362 -13.09 -44.84 -1.31
C ASN I 362 -13.62 -44.12 -0.07
N ARG I 363 -14.83 -44.49 0.33
CA ARG I 363 -15.57 -43.72 1.34
C ARG I 363 -16.27 -44.53 2.42
N ALA I 364 -16.96 -43.82 3.31
CA ALA I 364 -17.67 -44.41 4.43
C ALA I 364 -19.18 -44.55 4.17
N PHE I 365 -19.78 -43.55 3.53
CA PHE I 365 -21.22 -43.54 3.26
C PHE I 365 -21.55 -43.23 1.80
N ARG I 366 -22.50 -43.98 1.24
CA ARG I 366 -23.03 -43.74 -0.11
C ARG I 366 -23.20 -42.25 -0.39
N PRO I 367 -22.60 -41.75 -1.48
CA PRO I 367 -22.93 -40.42 -2.00
C PRO I 367 -24.38 -40.31 -2.48
N PHE I 368 -24.83 -39.09 -2.80
CA PHE I 368 -26.22 -38.82 -3.12
C PHE I 368 -26.39 -37.62 -4.06
N ILE I 369 -27.58 -37.49 -4.65
CA ILE I 369 -27.90 -36.36 -5.54
C ILE I 369 -28.89 -35.40 -4.92
N GLU I 370 -28.60 -34.11 -5.03
CA GLU I 370 -29.47 -33.06 -4.53
C GLU I 370 -29.33 -31.81 -5.40
N ASN I 371 -30.45 -31.40 -6.01
CA ASN I 371 -30.49 -30.28 -6.96
C ASN I 371 -29.57 -30.47 -8.17
N GLY I 372 -29.57 -31.70 -8.69
CA GLY I 372 -28.79 -32.06 -9.86
C GLY I 372 -27.29 -32.00 -9.61
N ARG I 373 -26.87 -32.33 -8.41
CA ARG I 373 -25.46 -32.32 -8.08
C ARG I 373 -25.13 -33.45 -7.11
N TRP I 374 -23.95 -34.03 -7.28
CA TRP I 374 -23.50 -35.11 -6.42
C TRP I 374 -22.82 -34.55 -5.18
N TRP I 375 -23.19 -35.09 -4.03
CA TRP I 375 -22.59 -34.72 -2.75
C TRP I 375 -22.13 -35.99 -2.05
N ALA I 376 -21.14 -35.88 -1.18
CA ALA I 376 -20.69 -37.04 -0.39
C ALA I 376 -20.45 -36.67 1.07
N PHE I 377 -20.73 -37.62 1.96
CA PHE I 377 -20.41 -37.45 3.37
C PHE I 377 -18.96 -37.84 3.61
N GLU I 378 -18.16 -36.93 4.15
CA GLU I 378 -16.77 -37.21 4.48
C GLU I 378 -16.46 -36.82 5.93
N MET I 379 -15.30 -37.25 6.45
CA MET I 379 -14.89 -36.90 7.81
C MET I 379 -14.08 -35.61 7.84
N ARG I 380 -14.29 -34.79 8.87
CA ARG I 380 -13.46 -33.59 9.06
C ARG I 380 -12.11 -34.00 9.63
N LYS I 381 -11.08 -33.19 9.35
CA LYS I 381 -9.78 -33.40 9.96
C LYS I 381 -9.86 -33.09 11.45
N PHE I 382 -10.40 -31.92 11.77
CA PHE I 382 -10.52 -31.46 13.15
C PHE I 382 -11.96 -31.08 13.45
N THR I 383 -12.31 -31.13 14.74
CA THR I 383 -13.70 -31.22 15.15
C THR I 383 -14.08 -30.24 16.28
N THR I 384 -13.08 -29.59 16.87
CA THR I 384 -13.28 -28.51 17.83
C THR I 384 -12.53 -27.29 17.32
N PRO I 385 -12.92 -26.07 17.74
CA PRO I 385 -12.21 -24.87 17.28
C PRO I 385 -10.78 -24.82 17.80
N GLU I 386 -10.57 -25.39 18.99
CA GLU I 386 -9.25 -25.51 19.59
C GLU I 386 -8.32 -26.36 18.70
N GLU I 387 -8.78 -27.56 18.32
CA GLU I 387 -8.06 -28.44 17.39
C GLU I 387 -7.80 -27.74 16.06
N GLY I 388 -8.84 -27.07 15.56
CA GLY I 388 -8.80 -26.43 14.25
C GLY I 388 -7.77 -25.35 14.09
N VAL I 389 -7.62 -24.50 15.11
CA VAL I 389 -6.66 -23.42 15.07
C VAL I 389 -5.24 -23.95 15.20
N ARG I 390 -5.07 -24.98 16.04
CA ARG I 390 -3.79 -25.66 16.20
C ARG I 390 -3.26 -26.13 14.84
N SER I 391 -4.15 -26.62 14.00
CA SER I 391 -3.81 -26.98 12.62
C SER I 391 -3.47 -25.75 11.79
N TYR I 392 -4.35 -24.75 11.75
CA TYR I 392 -4.13 -23.54 10.97
C TYR I 392 -2.84 -22.82 11.37
N ALA I 393 -2.64 -22.63 12.68
CA ALA I 393 -1.43 -21.98 13.18
C ALA I 393 -0.16 -22.70 12.73
N SER I 394 -0.20 -24.03 12.75
CA SER I 394 0.90 -24.87 12.28
C SER I 394 1.12 -24.69 10.78
N THR I 395 0.05 -24.85 10.02
CA THR I 395 0.11 -25.02 8.58
C THR I 395 0.02 -23.71 7.78
N HIS I 396 -0.35 -22.62 8.44
CA HIS I 396 -0.54 -21.33 7.78
C HIS I 396 0.11 -20.15 8.52
N TRP I 397 1.25 -20.42 9.15
CA TRP I 397 2.00 -19.43 9.91
C TRP I 397 2.42 -18.21 9.06
N HIS I 398 2.80 -18.46 7.80
CA HIS I 398 3.31 -17.42 6.89
C HIS I 398 2.37 -16.24 6.74
N THR I 399 1.09 -16.52 6.98
CA THR I 399 0.03 -15.59 6.70
C THR I 399 -0.24 -14.69 7.91
N LEU I 400 0.26 -15.10 9.08
CA LEU I 400 -0.05 -14.42 10.33
C LEU I 400 0.86 -13.23 10.64
N GLY I 401 1.34 -12.56 9.60
CA GLY I 401 2.20 -11.40 9.76
C GLY I 401 3.65 -11.79 9.97
N LYS I 402 4.54 -11.08 9.27
CA LYS I 402 5.98 -11.40 9.18
C LYS I 402 6.61 -11.98 10.44
N ASN I 403 6.85 -11.14 11.46
CA ASN I 403 7.56 -11.54 12.68
C ASN I 403 6.74 -12.44 13.62
N VAL I 404 5.46 -12.14 13.76
CA VAL I 404 4.55 -12.94 14.59
C VAL I 404 4.38 -14.37 14.06
N GLY I 405 4.29 -14.51 12.74
CA GLY I 405 4.21 -15.82 12.10
C GLY I 405 5.46 -16.62 12.40
N GLU I 406 6.61 -15.97 12.28
CA GLU I 406 7.91 -16.56 12.58
C GLU I 406 8.02 -17.08 14.01
N SER I 407 7.52 -16.31 14.97
CA SER I 407 7.57 -16.71 16.39
C SER I 407 6.69 -17.91 16.68
N ILE I 408 5.68 -18.12 15.83
CA ILE I 408 4.78 -19.25 15.96
C ILE I 408 5.42 -20.50 15.37
N ARG I 409 6.07 -20.36 14.21
CA ARG I 409 6.80 -21.48 13.61
C ARG I 409 7.82 -22.05 14.60
N GLU I 410 8.31 -21.19 15.50
CA GLU I 410 9.26 -21.60 16.52
C GLU I 410 8.55 -22.39 17.62
N TYR I 411 7.51 -21.80 18.19
CA TYR I 411 6.70 -22.40 19.25
C TYR I 411 5.37 -21.67 19.43
N PHE I 412 4.30 -22.45 19.60
CA PHE I 412 3.02 -21.89 20.05
C PHE I 412 2.24 -22.87 20.91
N GLU I 413 1.26 -22.35 21.63
CA GLU I 413 0.41 -23.12 22.52
C GLU I 413 -1.05 -22.68 22.38
N ILE I 414 -1.96 -23.64 22.29
CA ILE I 414 -3.38 -23.35 22.46
C ILE I 414 -3.74 -23.55 23.94
N ILE I 415 -4.20 -22.48 24.58
CA ILE I 415 -4.65 -22.58 25.95
C ILE I 415 -6.15 -22.30 26.04
N SER I 416 -6.86 -23.11 26.81
CA SER I 416 -8.29 -22.92 27.02
C SER I 416 -8.70 -23.40 28.40
N GLY I 417 -9.78 -22.84 28.92
CA GLY I 417 -10.31 -23.23 30.22
C GLY I 417 -9.38 -22.94 31.37
N GLU I 418 -9.40 -23.81 32.38
CA GLU I 418 -8.70 -23.59 33.65
C GLU I 418 -7.27 -23.10 33.49
N LYS I 419 -6.58 -23.64 32.49
CA LYS I 419 -5.18 -23.31 32.24
C LYS I 419 -5.02 -21.89 31.66
N LEU I 420 -6.02 -21.43 30.91
CA LEU I 420 -5.96 -20.10 30.29
C LEU I 420 -6.18 -19.00 31.31
N PHE I 421 -7.08 -19.24 32.26
CA PHE I 421 -7.45 -18.19 33.21
C PHE I 421 -6.29 -17.83 34.14
N LYS I 422 -5.34 -18.76 34.28
CA LYS I 422 -4.13 -18.53 35.07
C LYS I 422 -3.14 -17.57 34.38
N GLU I 423 -3.30 -17.38 33.08
CA GLU I 423 -2.44 -16.48 32.30
C GLU I 423 -2.84 -15.02 32.54
N PRO I 424 -1.96 -14.06 32.23
CA PRO I 424 -2.33 -12.65 32.39
C PRO I 424 -3.17 -12.13 31.24
N VAL I 425 -4.35 -12.71 31.06
CA VAL I 425 -5.28 -12.28 30.01
C VAL I 425 -6.69 -11.99 30.56
N THR I 426 -6.82 -12.03 31.89
CA THR I 426 -8.13 -11.92 32.53
C THR I 426 -8.79 -10.57 32.24
N ALA I 427 -7.99 -9.52 32.24
CA ALA I 427 -8.49 -8.18 31.94
C ALA I 427 -9.06 -8.06 30.53
N GLU I 428 -8.34 -8.61 29.55
CA GLU I 428 -8.67 -8.46 28.13
C GLU I 428 -9.75 -9.43 27.66
N LEU I 429 -10.02 -10.46 28.47
CA LEU I 429 -11.08 -11.43 28.19
C LEU I 429 -12.44 -10.86 28.52
N CYS I 430 -12.56 -10.23 29.69
CA CYS I 430 -13.80 -9.57 30.11
C CYS I 430 -14.18 -8.49 29.11
N GLU I 431 -13.19 -7.65 28.80
CA GLU I 431 -13.31 -6.58 27.84
C GLU I 431 -13.94 -7.10 26.56
N MET I 432 -13.38 -8.21 26.07
CA MET I 432 -13.82 -8.88 24.86
C MET I 432 -15.27 -9.33 24.99
N MET I 433 -15.60 -9.85 26.16
CA MET I 433 -16.90 -10.50 26.38
C MET I 433 -18.01 -9.55 26.81
N GLY I 434 -17.65 -8.33 27.18
CA GLY I 434 -18.62 -7.31 27.55
C GLY I 434 -19.04 -7.41 29.00
N VAL I 435 -18.25 -8.11 29.81
CA VAL I 435 -18.52 -8.33 31.23
C VAL I 435 -18.60 -7.02 32.00
N LYS I 436 -19.69 -6.83 32.75
CA LYS I 436 -19.86 -5.66 33.62
C LYS I 436 -19.37 -5.96 35.02
N ASP I 437 -19.06 -4.93 35.80
CA ASP I 437 -18.73 -5.15 37.21
C ASP I 437 -19.89 -4.77 38.13
N MET J 1 -25.51 -59.49 -18.40
CA MET J 1 -24.94 -59.04 -19.70
C MET J 1 -25.53 -59.77 -20.91
N LYS J 2 -25.19 -59.29 -22.11
CA LYS J 2 -25.87 -59.62 -23.36
C LYS J 2 -27.30 -59.07 -23.32
N VAL J 3 -27.41 -57.82 -23.74
CA VAL J 3 -28.57 -56.95 -23.51
C VAL J 3 -29.94 -57.57 -23.81
N GLU J 4 -30.17 -57.94 -25.07
CA GLU J 4 -31.49 -58.35 -25.55
C GLU J 4 -32.18 -59.46 -24.76
N GLU J 5 -31.39 -60.35 -24.16
CA GLU J 5 -31.93 -61.42 -23.32
C GLU J 5 -32.52 -60.85 -22.05
N ILE J 6 -31.79 -59.90 -21.46
CA ILE J 6 -32.24 -59.19 -20.27
C ILE J 6 -33.55 -58.48 -20.57
N LEU J 7 -33.67 -57.98 -21.80
CA LEU J 7 -34.87 -57.29 -22.23
C LEU J 7 -36.07 -58.23 -22.38
N GLU J 8 -35.85 -59.41 -22.93
CA GLU J 8 -36.92 -60.39 -23.15
C GLU J 8 -37.37 -61.01 -21.83
N LYS J 9 -36.41 -61.19 -20.92
CA LYS J 9 -36.66 -61.72 -19.58
C LYS J 9 -37.39 -60.71 -18.71
N ALA J 10 -37.24 -59.42 -19.04
CA ALA J 10 -37.88 -58.35 -18.28
C ALA J 10 -39.31 -58.12 -18.73
N LEU J 11 -39.62 -58.53 -19.96
CA LEU J 11 -40.97 -58.43 -20.51
C LEU J 11 -41.95 -59.20 -19.65
N GLU J 12 -41.54 -60.37 -19.18
CA GLU J 12 -42.37 -61.21 -18.31
C GLU J 12 -42.63 -60.56 -16.95
N LEU J 13 -41.70 -59.71 -16.51
CA LEU J 13 -41.87 -58.93 -15.28
C LEU J 13 -42.81 -57.74 -15.47
N VAL J 14 -43.00 -57.32 -16.72
CA VAL J 14 -43.68 -56.05 -17.01
C VAL J 14 -44.94 -56.13 -17.90
N ILE J 15 -45.14 -57.27 -18.56
CA ILE J 15 -46.32 -57.47 -19.42
C ILE J 15 -47.38 -58.29 -18.67
N PRO J 16 -48.63 -57.76 -18.62
CA PRO J 16 -49.72 -58.31 -17.82
C PRO J 16 -50.04 -59.79 -18.07
N ASP J 17 -50.51 -60.46 -17.01
CA ASP J 17 -50.99 -61.85 -17.03
C ASP J 17 -52.09 -62.06 -18.07
N GLU J 18 -52.21 -63.30 -18.55
CA GLU J 18 -53.32 -63.70 -19.40
C GLU J 18 -54.66 -63.53 -18.68
N GLU J 19 -54.65 -63.81 -17.38
CA GLU J 19 -55.82 -63.57 -16.52
C GLU J 19 -56.09 -62.09 -16.35
N GLU J 20 -55.06 -61.37 -15.90
CA GLU J 20 -55.12 -59.93 -15.64
C GLU J 20 -55.79 -59.15 -16.77
N VAL J 21 -55.35 -59.40 -18.00
CA VAL J 21 -55.90 -58.73 -19.19
C VAL J 21 -57.41 -58.96 -19.32
N ARG J 22 -57.83 -60.21 -19.16
CA ARG J 22 -59.24 -60.53 -19.30
C ARG J 22 -60.04 -60.10 -18.06
N LYS J 23 -59.35 -59.86 -16.96
CA LYS J 23 -59.96 -59.25 -15.76
C LYS J 23 -60.50 -57.88 -16.11
N GLY J 24 -59.68 -57.10 -16.82
CA GLY J 24 -60.05 -55.75 -17.26
C GLY J 24 -60.96 -55.75 -18.46
N ARG J 25 -60.70 -56.64 -19.42
CA ARG J 25 -61.55 -56.86 -20.58
C ARG J 25 -63.00 -57.00 -20.15
N GLU J 26 -63.21 -57.90 -19.20
CA GLU J 26 -64.52 -58.18 -18.64
C GLU J 26 -65.05 -56.96 -17.90
N ALA J 27 -64.16 -56.26 -17.19
CA ALA J 27 -64.51 -55.05 -16.46
C ALA J 27 -64.79 -53.86 -17.38
N GLU J 28 -64.11 -53.81 -18.52
CA GLU J 28 -64.27 -52.73 -19.49
C GLU J 28 -65.57 -52.88 -20.28
N GLU J 29 -65.84 -54.11 -20.75
CA GLU J 29 -67.07 -54.41 -21.47
C GLU J 29 -68.30 -54.20 -20.58
N GLU J 30 -68.13 -54.47 -19.28
CA GLU J 30 -69.18 -54.23 -18.28
C GLU J 30 -69.36 -52.76 -17.97
N LEU J 31 -68.27 -51.99 -17.97
CA LEU J 31 -68.35 -50.56 -17.71
C LEU J 31 -69.00 -49.80 -18.87
N ARG J 32 -68.92 -50.37 -20.08
CA ARG J 32 -69.63 -49.81 -21.24
C ARG J 32 -71.14 -50.02 -21.08
N ARG J 33 -71.51 -51.14 -20.46
CA ARG J 33 -72.90 -51.57 -20.31
C ARG J 33 -73.75 -50.59 -19.50
N ARG J 34 -73.17 -50.03 -18.43
CA ARG J 34 -73.89 -49.16 -17.50
C ARG J 34 -73.86 -47.68 -17.90
N LEU J 35 -73.02 -47.34 -18.88
CA LEU J 35 -72.89 -45.96 -19.33
C LEU J 35 -73.74 -45.63 -20.55
N ASP J 36 -73.86 -46.59 -21.48
CA ASP J 36 -74.80 -46.46 -22.59
C ASP J 36 -76.22 -46.53 -22.03
N GLU J 37 -76.36 -47.25 -20.91
CA GLU J 37 -77.57 -47.27 -20.10
C GLU J 37 -78.00 -45.85 -19.73
N LEU J 38 -77.14 -45.15 -18.99
CA LEU J 38 -77.37 -43.75 -18.61
C LEU J 38 -77.28 -42.79 -19.81
N GLY J 39 -76.80 -43.31 -20.94
CA GLY J 39 -76.80 -42.59 -22.22
C GLY J 39 -76.03 -41.28 -22.29
N VAL J 40 -74.84 -41.25 -21.70
CA VAL J 40 -73.99 -40.05 -21.74
C VAL J 40 -72.66 -40.33 -22.45
N GLU J 41 -72.14 -39.32 -23.15
CA GLU J 41 -70.88 -39.40 -23.86
C GLU J 41 -69.70 -39.69 -22.93
N TYR J 42 -68.77 -40.52 -23.40
CA TYR J 42 -67.56 -40.91 -22.65
C TYR J 42 -66.45 -41.39 -23.58
N VAL J 43 -65.21 -41.27 -23.14
CA VAL J 43 -64.06 -41.88 -23.82
C VAL J 43 -63.24 -42.66 -22.81
N PHE J 44 -62.75 -43.83 -23.22
CA PHE J 44 -61.75 -44.54 -22.44
C PHE J 44 -60.39 -43.94 -22.77
N VAL J 45 -59.65 -43.54 -21.73
CA VAL J 45 -58.32 -42.96 -21.90
C VAL J 45 -57.29 -43.74 -21.08
N GLY J 46 -56.04 -43.28 -21.14
CA GLY J 46 -54.99 -43.81 -20.28
C GLY J 46 -54.38 -45.13 -20.69
N SER J 47 -53.71 -45.76 -19.74
CA SER J 47 -52.84 -46.90 -19.99
C SER J 47 -53.60 -48.16 -20.33
N TYR J 48 -54.89 -48.20 -20.04
CA TYR J 48 -55.72 -49.33 -20.46
C TYR J 48 -56.26 -49.13 -21.88
N ALA J 49 -56.82 -47.95 -22.14
CA ALA J 49 -57.41 -47.63 -23.43
C ALA J 49 -56.36 -47.63 -24.54
N ARG J 50 -55.12 -47.35 -24.16
CA ARG J 50 -54.00 -47.43 -25.08
C ARG J 50 -53.24 -48.73 -24.90
N ASN J 51 -53.74 -49.59 -24.01
CA ASN J 51 -53.17 -50.91 -23.74
C ASN J 51 -51.66 -50.84 -23.51
N THR J 52 -51.26 -50.07 -22.50
CA THR J 52 -49.85 -49.92 -22.13
C THR J 52 -49.56 -50.22 -20.65
N TRP J 53 -50.59 -50.17 -19.81
CA TRP J 53 -50.47 -50.38 -18.35
C TRP J 53 -49.56 -51.56 -18.01
N LEU J 54 -48.77 -51.43 -16.96
CA LEU J 54 -47.85 -52.51 -16.63
C LEU J 54 -48.40 -53.51 -15.60
N LYS J 55 -47.77 -54.68 -15.56
CA LYS J 55 -48.12 -55.81 -14.71
C LYS J 55 -48.55 -55.37 -13.31
N GLY J 56 -49.74 -55.81 -12.90
CA GLY J 56 -50.26 -55.51 -11.56
C GLY J 56 -50.43 -54.04 -11.24
N SER J 57 -50.68 -53.23 -12.27
CA SER J 57 -50.98 -51.81 -12.11
C SER J 57 -52.22 -51.46 -12.91
N LEU J 58 -53.09 -52.44 -13.08
CA LEU J 58 -54.29 -52.35 -13.90
C LEU J 58 -55.31 -51.37 -13.31
N GLU J 59 -55.66 -50.36 -14.10
CA GLU J 59 -56.71 -49.40 -13.74
C GLU J 59 -57.20 -48.65 -14.97
N ILE J 60 -58.53 -48.55 -15.10
CA ILE J 60 -59.14 -47.91 -16.26
C ILE J 60 -59.53 -46.45 -15.96
N ASP J 61 -58.99 -45.54 -16.77
CA ASP J 61 -59.37 -44.12 -16.71
C ASP J 61 -60.48 -43.85 -17.73
N VAL J 62 -61.60 -43.33 -17.27
CA VAL J 62 -62.76 -43.08 -18.15
C VAL J 62 -63.24 -41.64 -18.03
N PHE J 63 -62.87 -40.81 -19.01
CA PHE J 63 -63.29 -39.41 -19.04
C PHE J 63 -64.73 -39.26 -19.53
N LEU J 64 -65.43 -38.28 -18.96
CA LEU J 64 -66.80 -37.97 -19.37
C LEU J 64 -66.81 -36.71 -20.21
N LEU J 65 -67.71 -36.65 -21.18
CA LEU J 65 -67.77 -35.52 -22.10
C LEU J 65 -69.00 -34.65 -21.90
N PHE J 66 -68.76 -33.41 -21.49
CA PHE J 66 -69.81 -32.42 -21.27
C PHE J 66 -69.68 -31.25 -22.25
N PRO J 67 -70.82 -30.79 -22.82
CA PRO J 67 -70.84 -29.64 -23.71
C PRO J 67 -70.12 -28.41 -23.15
N GLU J 68 -69.47 -27.68 -24.05
CA GLU J 68 -68.68 -26.49 -23.74
C GLU J 68 -69.50 -25.42 -23.02
N GLU J 69 -70.82 -25.58 -23.04
CA GLU J 69 -71.77 -24.57 -22.54
C GLU J 69 -72.25 -24.83 -21.09
N PHE J 70 -71.55 -25.70 -20.37
CA PHE J 70 -71.90 -26.02 -18.98
C PHE J 70 -71.17 -25.16 -17.93
N SER J 71 -71.19 -25.64 -16.68
CA SER J 71 -70.52 -24.96 -15.57
C SER J 71 -69.83 -25.99 -14.67
N LYS J 72 -68.88 -25.52 -13.86
CA LYS J 72 -68.03 -26.38 -13.01
C LYS J 72 -68.80 -27.17 -11.96
N GLU J 73 -69.77 -26.52 -11.31
CA GLU J 73 -70.61 -27.17 -10.31
C GLU J 73 -71.57 -28.13 -11.01
N GLU J 74 -71.92 -27.76 -12.24
CA GLU J 74 -72.79 -28.57 -13.08
C GLU J 74 -72.01 -29.70 -13.75
N LEU J 75 -70.69 -29.71 -13.55
CA LEU J 75 -69.86 -30.86 -13.90
C LEU J 75 -69.79 -31.79 -12.71
N ARG J 76 -69.33 -31.24 -11.58
CA ARG J 76 -69.16 -31.99 -10.34
C ARG J 76 -70.41 -32.80 -10.00
N GLU J 77 -71.55 -32.10 -9.91
CA GLU J 77 -72.81 -32.71 -9.51
C GLU J 77 -73.30 -33.73 -10.53
N ARG J 78 -73.07 -33.47 -11.81
CA ARG J 78 -73.46 -34.39 -12.89
C ARG J 78 -72.54 -35.61 -12.96
N GLY J 79 -71.22 -35.36 -12.91
CA GLY J 79 -70.21 -36.42 -13.03
C GLY J 79 -70.08 -37.30 -11.81
N LEU J 80 -69.93 -36.68 -10.64
CA LEU J 80 -69.82 -37.40 -9.36
C LEU J 80 -71.07 -38.23 -9.09
N GLU J 81 -72.16 -37.89 -9.76
CA GLU J 81 -73.41 -38.64 -9.71
C GLU J 81 -73.29 -39.92 -10.54
N ILE J 82 -72.74 -39.78 -11.76
CA ILE J 82 -72.58 -40.91 -12.69
C ILE J 82 -71.61 -41.96 -12.14
N GLY J 83 -70.58 -41.52 -11.43
CA GLY J 83 -69.66 -42.43 -10.76
C GLY J 83 -70.37 -43.29 -9.74
N LYS J 84 -70.99 -42.65 -8.76
CA LYS J 84 -71.71 -43.30 -7.65
C LYS J 84 -72.61 -44.45 -8.11
N ALA J 85 -73.45 -44.18 -9.11
CA ALA J 85 -74.40 -45.16 -9.62
C ALA J 85 -74.04 -45.63 -11.03
N VAL J 86 -72.88 -46.27 -11.13
CA VAL J 86 -72.37 -46.93 -12.34
C VAL J 86 -71.24 -47.89 -11.92
N LEU J 87 -70.72 -47.64 -10.72
CA LEU J 87 -69.65 -48.44 -10.13
C LEU J 87 -70.14 -49.25 -8.92
N ASP J 88 -69.40 -50.32 -8.61
CA ASP J 88 -69.74 -51.21 -7.50
C ASP J 88 -69.41 -50.55 -6.15
N SER J 89 -68.12 -50.30 -5.93
CA SER J 89 -67.63 -49.57 -4.77
C SER J 89 -67.23 -48.16 -5.21
N TYR J 90 -67.48 -47.17 -4.36
CA TYR J 90 -67.22 -45.77 -4.72
C TYR J 90 -66.86 -44.89 -3.53
N GLU J 91 -65.95 -43.94 -3.77
CA GLU J 91 -65.76 -42.77 -2.89
C GLU J 91 -65.03 -41.62 -3.59
N ILE J 92 -65.31 -40.40 -3.14
CA ILE J 92 -64.93 -39.15 -3.82
C ILE J 92 -63.47 -38.74 -3.56
N ARG J 93 -62.83 -38.13 -4.56
CA ARG J 93 -61.45 -37.60 -4.44
C ARG J 93 -61.36 -36.10 -4.69
N TYR J 94 -60.26 -35.48 -4.23
CA TYR J 94 -60.12 -34.02 -4.24
C TYR J 94 -58.86 -33.50 -4.94
N ALA J 95 -58.65 -33.91 -6.20
CA ALA J 95 -57.47 -33.44 -6.96
C ALA J 95 -57.75 -32.10 -7.66
N GLU J 96 -57.41 -32.00 -8.95
CA GLU J 96 -57.75 -30.82 -9.76
C GLU J 96 -59.26 -30.70 -9.86
N HIS J 97 -59.86 -31.45 -10.77
CA HIS J 97 -61.29 -31.60 -10.80
C HIS J 97 -61.66 -32.71 -9.83
N PRO J 98 -62.81 -32.57 -9.14
CA PRO J 98 -63.34 -33.67 -8.36
C PRO J 98 -63.66 -34.86 -9.26
N TYR J 99 -63.25 -36.06 -8.84
CA TYR J 99 -63.53 -37.29 -9.58
C TYR J 99 -63.79 -38.48 -8.67
N VAL J 100 -64.54 -39.46 -9.17
CA VAL J 100 -64.84 -40.67 -8.44
C VAL J 100 -63.73 -41.71 -8.62
N HIS J 101 -63.22 -42.22 -7.51
CA HIS J 101 -62.38 -43.41 -7.51
C HIS J 101 -63.23 -44.59 -7.08
N GLY J 102 -63.07 -45.72 -7.77
CA GLY J 102 -63.85 -46.91 -7.44
C GLY J 102 -63.32 -48.23 -7.99
N VAL J 103 -64.18 -49.23 -7.95
CA VAL J 103 -63.86 -50.57 -8.46
C VAL J 103 -65.03 -51.10 -9.28
N VAL J 104 -64.74 -51.97 -10.24
CA VAL J 104 -65.74 -52.64 -11.05
C VAL J 104 -65.23 -54.05 -11.38
N LYS J 105 -66.02 -55.06 -11.02
CA LYS J 105 -65.61 -56.46 -11.13
C LYS J 105 -64.23 -56.71 -10.50
N GLY J 106 -63.92 -55.97 -9.44
CA GLY J 106 -62.64 -56.09 -8.75
C GLY J 106 -61.47 -55.51 -9.54
N VAL J 107 -61.76 -54.52 -10.38
CA VAL J 107 -60.74 -53.83 -11.17
C VAL J 107 -60.91 -52.31 -11.02
N GLU J 108 -59.84 -51.64 -10.60
CA GLU J 108 -59.87 -50.22 -10.23
C GLU J 108 -60.22 -49.28 -11.38
N VAL J 109 -60.94 -48.21 -11.07
CA VAL J 109 -61.44 -47.28 -12.10
C VAL J 109 -61.51 -45.82 -11.61
N ASP J 110 -61.03 -44.91 -12.45
CA ASP J 110 -61.22 -43.47 -12.26
C ASP J 110 -62.32 -42.97 -13.20
N VAL J 111 -63.14 -42.02 -12.74
CA VAL J 111 -64.18 -41.42 -13.56
C VAL J 111 -64.09 -39.89 -13.49
N VAL J 112 -63.51 -39.29 -14.52
CA VAL J 112 -63.22 -37.86 -14.51
C VAL J 112 -64.18 -37.11 -15.43
N PRO J 113 -64.85 -36.08 -14.90
CA PRO J 113 -65.61 -35.19 -15.76
C PRO J 113 -64.70 -34.14 -16.43
N CYS J 114 -65.03 -33.75 -17.66
CA CYS J 114 -64.34 -32.68 -18.38
C CYS J 114 -65.19 -32.13 -19.53
N TYR J 115 -64.67 -31.11 -20.20
CA TYR J 115 -65.36 -30.46 -21.32
C TYR J 115 -65.00 -31.05 -22.68
N LYS J 116 -65.98 -31.05 -23.59
CA LYS J 116 -65.83 -31.56 -24.96
C LYS J 116 -64.75 -30.80 -25.76
N LEU J 117 -64.97 -29.50 -25.97
CA LEU J 117 -64.00 -28.59 -26.62
C LEU J 117 -63.72 -28.87 -28.10
N LYS J 118 -63.75 -27.82 -28.91
CA LYS J 118 -63.41 -27.93 -30.33
C LYS J 118 -61.96 -28.36 -30.51
N GLU J 119 -61.04 -27.52 -30.03
CA GLU J 119 -59.60 -27.72 -30.22
C GLU J 119 -58.82 -27.46 -28.92
N PRO J 120 -57.52 -27.84 -28.87
CA PRO J 120 -56.75 -27.71 -27.64
C PRO J 120 -56.01 -26.38 -27.44
N LYS J 121 -56.59 -25.28 -27.92
CA LYS J 121 -56.15 -23.92 -27.55
C LYS J 121 -57.09 -23.36 -26.49
N ASN J 122 -58.19 -24.08 -26.24
CA ASN J 122 -59.21 -23.70 -25.25
C ASN J 122 -58.74 -23.87 -23.80
N ILE J 123 -58.19 -25.05 -23.48
CA ILE J 123 -57.74 -25.42 -22.12
C ILE J 123 -58.58 -24.84 -20.97
N LYS J 124 -59.87 -25.12 -21.00
CA LYS J 124 -60.83 -24.51 -20.09
C LYS J 124 -60.76 -25.05 -18.65
N SER J 125 -60.07 -26.17 -18.44
CA SER J 125 -59.84 -26.71 -17.09
C SER J 125 -58.68 -27.72 -16.96
N ALA J 126 -57.69 -27.63 -17.85
CA ALA J 126 -56.43 -28.43 -17.80
C ALA J 126 -56.56 -29.94 -18.05
N VAL J 127 -57.59 -30.57 -17.47
CA VAL J 127 -57.90 -31.98 -17.74
C VAL J 127 -58.54 -32.17 -19.11
N ASP J 128 -59.05 -31.07 -19.66
CA ASP J 128 -59.68 -31.06 -20.98
C ASP J 128 -58.66 -31.40 -22.08
N ARG J 129 -57.40 -31.51 -21.69
CA ARG J 129 -56.30 -31.81 -22.58
C ARG J 129 -56.19 -33.31 -22.88
N THR J 130 -56.55 -34.13 -21.88
CA THR J 130 -56.32 -35.58 -21.91
C THR J 130 -56.96 -36.37 -23.08
N PRO J 131 -58.23 -36.07 -23.44
CA PRO J 131 -58.81 -36.75 -24.62
C PRO J 131 -58.00 -36.51 -25.90
N PHE J 132 -57.47 -35.31 -26.05
CA PHE J 132 -56.63 -34.95 -27.21
C PHE J 132 -55.31 -35.71 -27.23
N HIS J 133 -54.82 -36.10 -26.05
CA HIS J 133 -53.65 -36.97 -25.93
C HIS J 133 -53.89 -38.29 -26.63
N HIS J 134 -55.03 -38.87 -26.27
CA HIS J 134 -55.45 -40.18 -26.77
C HIS J 134 -55.50 -40.21 -28.28
N LYS J 135 -56.11 -39.18 -28.88
CA LYS J 135 -56.23 -39.07 -30.34
C LYS J 135 -54.88 -38.84 -31.02
N TRP J 136 -53.82 -38.64 -30.23
CA TRP J 136 -52.47 -38.43 -30.76
C TRP J 136 -51.59 -39.67 -30.65
N LEU J 137 -51.77 -40.45 -29.58
CA LEU J 137 -50.93 -41.61 -29.32
C LEU J 137 -51.45 -42.91 -29.94
N GLU J 138 -52.77 -43.12 -29.90
CA GLU J 138 -53.38 -44.30 -30.52
C GLU J 138 -52.93 -44.40 -31.98
N GLY J 139 -52.65 -45.62 -32.43
CA GLY J 139 -52.10 -45.83 -33.77
C GLY J 139 -50.61 -45.55 -33.81
N ARG J 140 -50.22 -44.36 -33.36
CA ARG J 140 -48.81 -43.94 -33.35
C ARG J 140 -47.98 -44.75 -32.36
N ILE J 141 -48.66 -45.47 -31.47
CA ILE J 141 -48.00 -46.28 -30.44
C ILE J 141 -48.14 -47.80 -30.67
N LYS J 142 -48.94 -48.19 -31.66
CA LYS J 142 -49.10 -49.61 -31.98
C LYS J 142 -47.76 -50.28 -32.28
N GLY J 143 -47.62 -51.52 -31.83
CA GLY J 143 -46.38 -52.30 -31.98
C GLY J 143 -45.23 -51.75 -31.15
N LYS J 144 -45.58 -50.89 -30.18
CA LYS J 144 -44.60 -50.15 -29.41
C LYS J 144 -45.01 -50.18 -27.94
N GLU J 145 -46.21 -50.71 -27.69
CA GLU J 145 -46.77 -50.78 -26.33
C GLU J 145 -45.92 -51.59 -25.37
N ASN J 146 -45.18 -52.56 -25.88
CA ASN J 146 -44.25 -53.32 -25.05
C ASN J 146 -42.98 -52.56 -24.71
N GLU J 147 -42.54 -51.70 -25.62
CA GLU J 147 -41.41 -50.81 -25.35
C GLU J 147 -41.81 -49.84 -24.24
N VAL J 148 -43.04 -49.33 -24.30
CA VAL J 148 -43.57 -48.43 -23.29
C VAL J 148 -43.63 -49.12 -21.93
N ARG J 149 -44.14 -50.35 -21.90
CA ARG J 149 -44.22 -51.13 -20.68
C ARG J 149 -42.85 -51.31 -20.06
N LEU J 150 -41.87 -51.64 -20.89
CA LEU J 150 -40.48 -51.80 -20.45
C LEU J 150 -39.97 -50.56 -19.71
N LEU J 151 -40.19 -49.38 -20.29
CA LEU J 151 -39.80 -48.13 -19.66
C LEU J 151 -40.45 -47.95 -18.30
N LYS J 152 -41.78 -47.91 -18.26
CA LYS J 152 -42.54 -47.76 -17.01
C LYS J 152 -42.03 -48.68 -15.91
N GLY J 153 -41.75 -49.93 -16.28
CA GLY J 153 -41.17 -50.92 -15.36
C GLY J 153 -39.82 -50.49 -14.82
N PHE J 154 -38.91 -50.19 -15.75
CA PHE J 154 -37.57 -49.68 -15.42
C PHE J 154 -37.64 -48.57 -14.38
N LEU J 155 -38.47 -47.56 -14.66
CA LEU J 155 -38.74 -46.46 -13.75
C LEU J 155 -39.36 -46.94 -12.43
N LYS J 156 -40.55 -47.53 -12.50
CA LYS J 156 -41.25 -48.06 -11.33
C LYS J 156 -40.33 -48.74 -10.33
N ALA J 157 -39.44 -49.58 -10.84
CA ALA J 157 -38.55 -50.41 -10.03
C ALA J 157 -37.44 -49.60 -9.37
N ASN J 158 -37.25 -48.37 -9.86
CA ASN J 158 -36.31 -47.43 -9.23
C ASN J 158 -37.04 -46.20 -8.67
N GLY J 159 -38.33 -46.40 -8.36
CA GLY J 159 -39.15 -45.42 -7.65
C GLY J 159 -39.33 -44.05 -8.29
N ILE J 160 -39.14 -43.95 -9.59
CA ILE J 160 -39.32 -42.67 -10.28
C ILE J 160 -40.46 -42.68 -11.30
N TYR J 161 -41.39 -43.62 -11.14
CA TYR J 161 -42.58 -43.63 -11.98
C TYR J 161 -43.75 -42.90 -11.34
N GLY J 162 -44.40 -42.05 -12.13
CA GLY J 162 -45.59 -41.35 -11.71
C GLY J 162 -45.30 -39.88 -11.45
N ALA J 163 -46.18 -39.02 -11.93
CA ALA J 163 -46.05 -37.58 -11.73
C ALA J 163 -46.77 -37.11 -10.47
N GLU J 164 -47.33 -38.04 -9.70
CA GLU J 164 -47.96 -37.71 -8.42
C GLU J 164 -46.92 -37.12 -7.47
N TYR J 165 -47.35 -36.17 -6.64
CA TYR J 165 -46.43 -35.41 -5.79
C TYR J 165 -45.65 -36.28 -4.80
N LYS J 166 -46.18 -37.46 -4.51
CA LYS J 166 -45.49 -38.43 -3.68
C LYS J 166 -44.21 -38.95 -4.35
N VAL J 167 -44.07 -38.70 -5.65
CA VAL J 167 -42.96 -39.24 -6.44
C VAL J 167 -42.16 -38.15 -7.19
N ARG J 168 -42.88 -37.32 -7.96
CA ARG J 168 -42.28 -36.31 -8.82
C ARG J 168 -41.42 -36.91 -9.93
N GLY J 169 -41.98 -37.90 -10.63
CA GLY J 169 -41.25 -38.57 -11.70
C GLY J 169 -41.93 -38.41 -13.03
N PHE J 170 -41.65 -39.35 -13.94
CA PHE J 170 -42.25 -39.38 -15.26
C PHE J 170 -43.67 -39.93 -15.17
N SER J 171 -44.62 -39.18 -15.73
CA SER J 171 -46.00 -39.65 -15.85
C SER J 171 -46.05 -40.68 -16.97
N GLY J 172 -47.04 -41.58 -16.91
CA GLY J 172 -47.24 -42.59 -17.93
C GLY J 172 -47.29 -41.98 -19.33
N TYR J 173 -47.95 -40.82 -19.43
CA TYR J 173 -48.03 -40.09 -20.69
C TYR J 173 -46.63 -39.79 -21.21
N LEU J 174 -45.83 -39.10 -20.40
CA LEU J 174 -44.44 -38.78 -20.73
C LEU J 174 -43.65 -39.99 -21.26
N CYS J 175 -43.83 -41.15 -20.61
CA CYS J 175 -43.20 -42.39 -21.05
C CYS J 175 -43.57 -42.71 -22.48
N GLU J 176 -44.86 -42.68 -22.77
CA GLU J 176 -45.36 -43.02 -24.10
C GLU J 176 -44.73 -42.11 -25.17
N LEU J 177 -44.70 -40.80 -24.87
CA LEU J 177 -44.07 -39.82 -25.75
C LEU J 177 -42.59 -40.13 -25.98
N LEU J 178 -41.88 -40.44 -24.90
CA LEU J 178 -40.47 -40.82 -24.98
C LEU J 178 -40.23 -42.03 -25.86
N ILE J 179 -41.21 -42.92 -25.95
CA ILE J 179 -41.11 -44.08 -26.81
C ILE J 179 -41.45 -43.70 -28.26
N VAL J 180 -42.51 -42.92 -28.43
CA VAL J 180 -42.86 -42.39 -29.75
C VAL J 180 -41.66 -41.67 -30.34
N PHE J 181 -41.04 -40.81 -29.53
CA PHE J 181 -39.91 -40.00 -29.96
C PHE J 181 -38.70 -40.85 -30.34
N TYR J 182 -38.12 -41.57 -29.38
CA TYR J 182 -36.90 -42.34 -29.61
C TYR J 182 -37.10 -43.69 -30.32
N GLY J 183 -38.36 -44.10 -30.47
CA GLY J 183 -38.68 -45.31 -31.24
C GLY J 183 -38.74 -46.60 -30.44
N SER J 184 -38.14 -46.59 -29.25
CA SER J 184 -38.11 -47.76 -28.37
C SER J 184 -37.45 -47.46 -27.04
N PHE J 185 -37.75 -48.26 -26.03
CA PHE J 185 -36.93 -48.35 -24.84
C PHE J 185 -35.56 -48.80 -25.34
N LEU J 186 -34.50 -48.26 -24.74
CA LEU J 186 -33.12 -48.55 -25.14
C LEU J 186 -32.55 -47.44 -25.99
N GLU J 187 -33.25 -47.06 -27.07
CA GLU J 187 -32.85 -45.83 -27.75
C GLU J 187 -33.21 -44.66 -26.85
N THR J 188 -34.25 -44.83 -26.04
CA THR J 188 -34.56 -43.88 -24.97
C THR J 188 -33.44 -43.93 -23.94
N VAL J 189 -33.16 -45.12 -23.44
CA VAL J 189 -32.15 -45.31 -22.41
C VAL J 189 -30.77 -44.83 -22.86
N LYS J 190 -30.35 -45.22 -24.06
CA LYS J 190 -29.06 -44.78 -24.62
C LYS J 190 -29.01 -43.26 -24.76
N ASN J 191 -30.05 -42.69 -25.36
CA ASN J 191 -30.08 -41.26 -25.64
C ASN J 191 -30.31 -40.35 -24.42
N ALA J 192 -30.88 -40.91 -23.36
CA ALA J 192 -31.15 -40.15 -22.14
C ALA J 192 -29.88 -39.91 -21.35
N ARG J 193 -28.83 -40.67 -21.67
CA ARG J 193 -27.53 -40.55 -21.02
C ARG J 193 -26.81 -39.26 -21.36
N ARG J 194 -27.34 -38.53 -22.34
CA ARG J 194 -26.77 -37.25 -22.72
C ARG J 194 -27.73 -36.08 -22.45
N TRP J 195 -28.78 -36.36 -21.68
CA TRP J 195 -29.70 -35.34 -21.23
C TRP J 195 -29.05 -34.40 -20.23
N THR J 196 -29.29 -33.11 -20.40
CA THR J 196 -28.88 -32.11 -19.43
C THR J 196 -30.14 -31.53 -18.77
N ARG J 197 -29.93 -30.70 -17.75
CA ARG J 197 -31.04 -30.04 -17.08
C ARG J 197 -31.73 -29.02 -17.99
N ARG J 198 -31.15 -28.83 -19.18
CA ARG J 198 -31.60 -27.81 -20.11
C ARG J 198 -32.18 -28.36 -21.42
N THR J 199 -32.29 -29.68 -21.53
CA THR J 199 -32.71 -30.30 -22.78
C THR J 199 -34.21 -30.18 -23.05
N VAL J 200 -34.55 -29.85 -24.29
CA VAL J 200 -35.93 -29.72 -24.75
C VAL J 200 -36.25 -30.84 -25.74
N ILE J 201 -37.28 -31.61 -25.45
CA ILE J 201 -37.72 -32.69 -26.35
C ILE J 201 -39.05 -32.32 -27.00
N ASP J 202 -38.96 -31.83 -28.24
CA ASP J 202 -40.15 -31.47 -29.02
C ASP J 202 -40.55 -32.64 -29.91
N VAL J 203 -41.59 -33.36 -29.49
CA VAL J 203 -41.95 -34.63 -30.11
C VAL J 203 -42.57 -34.44 -31.49
N ALA J 204 -43.48 -33.47 -31.59
CA ALA J 204 -44.17 -33.16 -32.85
C ALA J 204 -43.25 -32.57 -33.92
N LYS J 205 -42.15 -31.95 -33.49
CA LYS J 205 -41.17 -31.36 -34.38
C LYS J 205 -40.00 -32.31 -34.57
N GLY J 206 -40.00 -33.38 -33.75
CA GLY J 206 -38.96 -34.42 -33.79
C GLY J 206 -37.56 -33.86 -33.60
N GLU J 207 -37.38 -33.07 -32.56
CA GLU J 207 -36.19 -32.25 -32.40
C GLU J 207 -35.74 -32.14 -30.94
N VAL J 208 -34.52 -32.60 -30.67
CA VAL J 208 -33.86 -32.39 -29.39
C VAL J 208 -33.16 -31.04 -29.43
N ARG J 209 -33.56 -30.14 -28.53
CA ARG J 209 -33.08 -28.76 -28.52
C ARG J 209 -32.54 -28.33 -27.15
N LYS J 210 -31.76 -27.26 -27.13
CA LYS J 210 -31.20 -26.72 -25.89
C LYS J 210 -31.96 -25.45 -25.49
N GLY J 211 -32.38 -25.38 -24.23
CA GLY J 211 -33.23 -24.28 -23.79
C GLY J 211 -33.09 -23.84 -22.34
N GLU J 212 -34.23 -23.77 -21.66
CA GLU J 212 -34.35 -23.12 -20.36
C GLU J 212 -34.27 -24.11 -19.20
N GLU J 213 -35.27 -24.96 -19.12
CA GLU J 213 -35.36 -26.01 -18.12
C GLU J 213 -35.46 -27.33 -18.88
N PHE J 214 -35.57 -28.44 -18.17
CA PHE J 214 -35.90 -29.70 -18.85
C PHE J 214 -37.36 -29.62 -19.29
N PHE J 215 -37.58 -29.78 -20.59
CA PHE J 215 -38.88 -29.53 -21.18
C PHE J 215 -39.23 -30.58 -22.23
N VAL J 216 -40.23 -31.39 -21.93
CA VAL J 216 -40.85 -32.23 -22.95
C VAL J 216 -42.08 -31.49 -23.46
N VAL J 217 -41.99 -30.98 -24.68
CA VAL J 217 -43.08 -30.20 -25.28
C VAL J 217 -44.24 -31.12 -25.64
N ASP J 218 -45.41 -30.83 -25.05
CA ASP J 218 -46.64 -31.55 -25.33
C ASP J 218 -46.99 -31.39 -26.80
N PRO J 219 -47.19 -32.52 -27.51
CA PRO J 219 -47.54 -32.48 -28.92
C PRO J 219 -48.92 -31.86 -29.20
N VAL J 220 -49.81 -31.92 -28.20
CA VAL J 220 -51.16 -31.39 -28.36
C VAL J 220 -51.28 -29.94 -27.90
N ASP J 221 -50.36 -29.52 -27.03
CA ASP J 221 -50.28 -28.13 -26.57
C ASP J 221 -48.81 -27.77 -26.48
N GLU J 222 -48.33 -27.03 -27.47
CA GLU J 222 -46.92 -26.66 -27.57
C GLU J 222 -46.40 -25.87 -26.36
N LYS J 223 -47.32 -25.29 -25.60
CA LYS J 223 -47.00 -24.43 -24.47
C LYS J 223 -46.80 -25.21 -23.17
N ARG J 224 -47.33 -26.49 -23.15
CA ARG J 224 -47.35 -27.45 -22.00
C ARG J 224 -46.20 -28.47 -21.97
N ASN J 225 -45.48 -28.35 -20.86
CA ASN J 225 -44.38 -29.22 -20.46
C ASN J 225 -44.97 -30.45 -19.81
N VAL J 226 -44.74 -31.57 -20.44
CA VAL J 226 -45.21 -32.84 -19.92
C VAL J 226 -44.37 -33.24 -18.71
N ALA J 227 -43.07 -32.99 -18.80
CA ALA J 227 -42.13 -33.32 -17.73
C ALA J 227 -42.18 -32.30 -16.58
N ALA J 228 -43.11 -31.36 -16.68
CA ALA J 228 -43.30 -30.31 -15.67
C ALA J 228 -42.98 -30.74 -14.24
N ASN J 229 -43.58 -31.84 -13.79
CA ASN J 229 -43.43 -32.22 -12.40
C ASN J 229 -42.43 -33.35 -12.12
N LEU J 230 -41.53 -33.57 -13.09
CA LEU J 230 -40.33 -34.34 -12.84
C LEU J 230 -39.35 -33.41 -12.11
N SER J 231 -38.95 -33.80 -10.91
CA SER J 231 -37.99 -33.02 -10.13
C SER J 231 -36.63 -33.06 -10.81
N LEU J 232 -35.81 -32.03 -10.58
CA LEU J 232 -34.46 -32.02 -11.14
C LEU J 232 -33.68 -33.22 -10.62
N ASP J 233 -33.84 -33.53 -9.34
CA ASP J 233 -33.21 -34.67 -8.71
C ASP J 233 -33.59 -36.03 -9.32
N ASN J 234 -34.83 -36.18 -9.75
CA ASN J 234 -35.26 -37.41 -10.41
C ASN J 234 -34.78 -37.51 -11.84
N LEU J 235 -34.75 -36.38 -12.55
CA LEU J 235 -34.14 -36.33 -13.87
C LEU J 235 -32.72 -36.83 -13.76
N ALA J 236 -32.00 -36.30 -12.77
CA ALA J 236 -30.63 -36.70 -12.49
C ALA J 236 -30.51 -38.20 -12.26
N ARG J 237 -31.35 -38.74 -11.38
CA ARG J 237 -31.31 -40.16 -11.02
C ARG J 237 -31.51 -41.07 -12.23
N PHE J 238 -32.42 -40.66 -13.13
CA PHE J 238 -32.73 -41.42 -14.33
C PHE J 238 -31.61 -41.37 -15.37
N VAL J 239 -31.02 -40.19 -15.55
CA VAL J 239 -29.86 -40.05 -16.43
C VAL J 239 -28.74 -40.98 -15.93
N HIS J 240 -28.48 -40.94 -14.63
CA HIS J 240 -27.43 -41.78 -14.04
C HIS J 240 -27.76 -43.26 -14.11
N LEU J 241 -29.04 -43.61 -13.98
CA LEU J 241 -29.47 -45.01 -14.10
C LEU J 241 -29.14 -45.55 -15.48
N CYS J 242 -29.51 -44.77 -16.49
CA CYS J 242 -29.29 -45.14 -17.89
C CYS J 242 -27.81 -45.39 -18.19
N ARG J 243 -26.94 -44.49 -17.74
CA ARG J 243 -25.49 -44.66 -17.91
C ARG J 243 -24.99 -45.93 -17.25
N GLU J 244 -25.52 -46.19 -16.06
CA GLU J 244 -25.12 -47.34 -15.27
C GLU J 244 -25.59 -48.66 -15.88
N PHE J 245 -26.83 -48.66 -16.37
CA PHE J 245 -27.43 -49.84 -16.98
C PHE J 245 -26.72 -50.18 -18.28
N MET J 246 -26.59 -49.19 -19.17
CA MET J 246 -25.98 -49.40 -20.47
C MET J 246 -24.58 -50.01 -20.40
N GLU J 247 -23.77 -49.53 -19.45
CA GLU J 247 -22.38 -49.96 -19.38
C GLU J 247 -22.21 -51.31 -18.69
N ALA J 248 -23.19 -51.71 -17.88
CA ALA J 248 -23.21 -53.04 -17.27
C ALA J 248 -24.65 -53.52 -17.07
N PRO J 249 -25.30 -53.96 -18.17
CA PRO J 249 -26.74 -54.23 -18.12
C PRO J 249 -27.08 -55.46 -17.29
N SER J 250 -28.16 -55.35 -16.54
CA SER J 250 -28.59 -56.41 -15.61
C SER J 250 -30.11 -56.39 -15.47
N LEU J 251 -30.67 -57.50 -14.98
CA LEU J 251 -32.12 -57.60 -14.78
C LEU J 251 -32.55 -56.87 -13.51
N GLY J 252 -31.65 -56.76 -12.54
CA GLY J 252 -31.92 -56.11 -11.25
C GLY J 252 -32.47 -54.70 -11.38
N PHE J 253 -32.20 -54.08 -12.53
CA PHE J 253 -32.70 -52.74 -12.85
C PHE J 253 -34.22 -52.71 -13.05
N PHE J 254 -34.86 -53.87 -12.94
CA PHE J 254 -36.31 -54.00 -13.10
C PHE J 254 -36.97 -54.59 -11.85
N LYS J 255 -36.14 -55.00 -10.90
CA LYS J 255 -36.61 -55.47 -9.60
C LYS J 255 -36.51 -54.32 -8.61
N PRO J 256 -37.56 -54.13 -7.78
CA PRO J 256 -37.50 -53.11 -6.73
C PRO J 256 -36.50 -53.51 -5.64
N LYS J 257 -35.84 -52.52 -5.04
CA LYS J 257 -34.80 -52.75 -4.04
C LYS J 257 -35.43 -52.95 -2.66
N HIS J 258 -35.01 -54.00 -1.95
CA HIS J 258 -35.60 -54.32 -0.65
C HIS J 258 -34.87 -53.67 0.53
N PRO J 259 -35.59 -52.83 1.31
CA PRO J 259 -35.11 -51.95 2.39
C PRO J 259 -34.03 -52.52 3.32
N LEU J 260 -33.23 -51.61 3.90
CA LEU J 260 -32.04 -51.96 4.68
C LEU J 260 -32.32 -52.79 5.93
N GLU J 261 -33.08 -52.22 6.87
CA GLU J 261 -33.59 -52.95 8.04
C GLU J 261 -32.44 -53.42 8.94
N ILE J 262 -32.03 -52.58 9.88
CA ILE J 262 -30.90 -52.90 10.75
C ILE J 262 -31.19 -52.73 12.24
N GLU J 263 -30.31 -53.28 13.07
CA GLU J 263 -30.45 -53.23 14.52
C GLU J 263 -30.49 -51.78 15.00
N PRO J 264 -31.33 -51.49 16.01
CA PRO J 264 -31.33 -50.15 16.56
C PRO J 264 -29.93 -49.79 17.06
N GLU J 265 -29.16 -50.82 17.41
CA GLU J 265 -27.83 -50.66 17.98
C GLU J 265 -26.75 -50.25 16.95
N ARG J 266 -26.76 -50.86 15.77
CA ARG J 266 -25.80 -50.44 14.74
C ARG J 266 -26.12 -49.01 14.30
N LEU J 267 -27.41 -48.70 14.22
CA LEU J 267 -27.84 -47.35 13.90
C LEU J 267 -27.47 -46.35 15.00
N ARG J 268 -27.53 -46.81 16.25
CA ARG J 268 -27.09 -46.02 17.40
C ARG J 268 -25.58 -45.74 17.32
N LYS J 269 -24.83 -46.75 16.86
CA LYS J 269 -23.38 -46.68 16.77
C LYS J 269 -22.92 -45.83 15.59
N ILE J 270 -23.76 -45.74 14.56
CA ILE J 270 -23.46 -44.95 13.36
C ILE J 270 -23.64 -43.46 13.60
N VAL J 271 -24.75 -43.06 14.22
CA VAL J 271 -25.00 -41.65 14.51
C VAL J 271 -24.01 -41.10 15.53
N GLU J 272 -23.38 -42.00 16.28
CA GLU J 272 -22.36 -41.64 17.26
C GLU J 272 -21.03 -41.44 16.54
N GLU J 273 -20.78 -42.25 15.52
CA GLU J 273 -19.57 -42.13 14.72
C GLU J 273 -19.68 -40.91 13.83
N ARG J 274 -20.90 -40.65 13.33
CA ARG J 274 -21.18 -39.44 12.59
C ARG J 274 -21.19 -38.24 13.52
N GLY J 275 -21.56 -38.47 14.78
CA GLY J 275 -21.56 -37.42 15.80
C GLY J 275 -22.48 -36.27 15.46
N THR J 276 -23.57 -36.59 14.79
CA THR J 276 -24.57 -35.62 14.39
C THR J 276 -25.71 -35.59 15.40
N ALA J 277 -26.58 -34.61 15.24
CA ALA J 277 -27.85 -34.59 15.94
C ALA J 277 -28.88 -35.15 14.98
N VAL J 278 -29.43 -36.30 15.32
CA VAL J 278 -30.47 -36.95 14.52
C VAL J 278 -31.75 -37.03 15.34
N PHE J 279 -32.76 -36.29 14.91
CA PHE J 279 -34.02 -36.19 15.64
C PHE J 279 -35.17 -36.04 14.65
N ALA J 280 -36.39 -36.15 15.15
CA ALA J 280 -37.57 -36.12 14.28
C ALA J 280 -38.81 -35.62 14.98
N VAL J 281 -39.58 -34.81 14.25
CA VAL J 281 -40.87 -34.31 14.74
C VAL J 281 -41.93 -35.32 14.34
N LYS J 282 -42.73 -35.75 15.32
CA LYS J 282 -43.81 -36.71 15.10
C LYS J 282 -45.16 -36.05 15.35
N PHE J 283 -46.15 -36.38 14.53
CA PHE J 283 -47.51 -35.88 14.73
C PHE J 283 -48.56 -36.76 14.04
N ARG J 284 -49.82 -36.44 14.28
CA ARG J 284 -50.94 -37.13 13.66
C ARG J 284 -50.97 -36.90 12.17
N LYS J 285 -50.96 -37.97 11.40
CA LYS J 285 -51.16 -37.90 9.96
C LYS J 285 -52.59 -37.41 9.72
N PRO J 286 -52.73 -36.29 9.00
CA PRO J 286 -54.07 -35.76 8.71
C PRO J 286 -54.82 -36.68 7.76
N ASP J 287 -56.14 -36.75 7.91
CA ASP J 287 -56.93 -37.58 7.01
C ASP J 287 -57.19 -36.83 5.70
N ILE J 288 -56.18 -36.82 4.84
CA ILE J 288 -56.28 -36.23 3.49
C ILE J 288 -55.53 -37.06 2.45
N VAL J 289 -55.93 -36.88 1.19
CA VAL J 289 -55.36 -37.58 0.03
C VAL J 289 -53.84 -37.35 -0.15
N ASP J 290 -53.18 -38.31 -0.79
CA ASP J 290 -51.72 -38.25 -1.02
C ASP J 290 -51.26 -36.98 -1.73
N ASP J 291 -51.95 -36.62 -2.82
CA ASP J 291 -51.63 -35.42 -3.60
C ASP J 291 -51.74 -34.10 -2.82
N ASN J 292 -52.31 -34.16 -1.62
CA ASN J 292 -52.43 -32.99 -0.75
C ASN J 292 -51.46 -33.01 0.43
N LEU J 293 -51.23 -34.20 0.98
CA LEU J 293 -50.37 -34.39 2.15
C LEU J 293 -48.89 -34.22 1.82
N TYR J 294 -48.46 -34.82 0.70
CA TYR J 294 -47.04 -34.83 0.33
C TYR J 294 -46.43 -33.47 -0.07
N PRO J 295 -47.17 -32.63 -0.84
CA PRO J 295 -46.63 -31.29 -1.07
C PRO J 295 -46.41 -30.52 0.22
N GLN J 296 -47.21 -30.84 1.24
CA GLN J 296 -47.16 -30.16 2.54
C GLN J 296 -46.02 -30.63 3.41
N LEU J 297 -45.81 -31.95 3.46
CA LEU J 297 -44.67 -32.53 4.16
C LEU J 297 -43.35 -32.04 3.56
N GLU J 298 -43.34 -31.84 2.24
CA GLU J 298 -42.22 -31.21 1.57
C GLU J 298 -42.00 -29.78 2.10
N ARG J 299 -43.07 -29.01 2.22
CA ARG J 299 -43.00 -27.64 2.75
C ARG J 299 -42.63 -27.57 4.23
N ALA J 300 -43.26 -28.41 5.03
CA ALA J 300 -43.01 -28.45 6.47
C ALA J 300 -41.54 -28.76 6.72
N SER J 301 -41.02 -29.76 5.99
CA SER J 301 -39.64 -30.15 6.11
C SER J 301 -38.73 -29.03 5.61
N ARG J 302 -39.14 -28.36 4.53
CA ARG J 302 -38.38 -27.26 3.96
C ARG J 302 -38.26 -26.11 4.95
N LYS J 303 -39.38 -25.75 5.56
CA LYS J 303 -39.45 -24.61 6.48
C LYS J 303 -38.68 -24.83 7.77
N ILE J 304 -38.78 -26.04 8.32
CA ILE J 304 -38.05 -26.37 9.55
C ILE J 304 -36.55 -26.46 9.27
N PHE J 305 -36.19 -27.00 8.10
CA PHE J 305 -34.80 -27.04 7.63
C PHE J 305 -34.27 -25.62 7.45
N GLU J 306 -34.99 -24.82 6.67
CA GLU J 306 -34.67 -23.41 6.44
C GLU J 306 -34.46 -22.68 7.75
N PHE J 307 -35.29 -22.99 8.75
CA PHE J 307 -35.12 -22.51 10.11
C PHE J 307 -33.77 -22.96 10.68
N LEU J 308 -33.54 -24.27 10.76
CA LEU J 308 -32.31 -24.81 11.32
C LEU J 308 -31.05 -24.24 10.70
N GLU J 309 -31.17 -23.81 9.45
CA GLU J 309 -30.06 -23.20 8.71
C GLU J 309 -29.83 -21.75 9.16
N ARG J 310 -30.92 -21.07 9.52
CA ARG J 310 -30.89 -19.68 10.00
C ARG J 310 -30.31 -19.57 11.39
N GLU J 311 -30.69 -20.50 12.26
CA GLU J 311 -30.31 -20.46 13.67
C GLU J 311 -28.93 -21.05 13.88
N ASN J 312 -28.32 -21.50 12.80
CA ASN J 312 -26.94 -21.98 12.80
C ASN J 312 -26.75 -23.29 13.51
N PHE J 313 -27.57 -24.27 13.17
CA PHE J 313 -27.35 -25.61 13.64
C PHE J 313 -26.69 -26.46 12.56
N MET J 314 -26.52 -25.87 11.37
CA MET J 314 -26.00 -26.56 10.20
C MET J 314 -26.69 -27.88 9.92
N PRO J 315 -27.90 -27.82 9.34
CA PRO J 315 -28.59 -29.05 8.98
C PRO J 315 -27.90 -29.76 7.80
N LEU J 316 -27.99 -31.09 7.76
CA LEU J 316 -27.32 -31.88 6.72
C LEU J 316 -28.27 -32.30 5.61
N ARG J 317 -29.22 -33.17 5.96
CA ARG J 317 -30.26 -33.60 5.05
C ARG J 317 -31.59 -33.57 5.79
N SER J 318 -32.67 -33.81 5.06
CA SER J 318 -33.96 -34.06 5.69
C SER J 318 -34.67 -35.17 4.95
N ALA J 319 -35.76 -35.65 5.52
CA ALA J 319 -36.55 -36.71 4.94
C ALA J 319 -37.80 -36.81 5.77
N PHE J 320 -38.77 -37.59 5.30
CA PHE J 320 -40.00 -37.77 6.03
C PHE J 320 -40.70 -39.06 5.66
N LYS J 321 -41.40 -39.65 6.62
CA LYS J 321 -42.24 -40.79 6.35
C LYS J 321 -43.67 -40.49 6.75
N ALA J 322 -44.62 -41.00 5.98
CA ALA J 322 -46.02 -41.00 6.36
C ALA J 322 -46.42 -42.45 6.59
N SER J 323 -46.82 -42.77 7.81
CA SER J 323 -47.22 -44.14 8.15
C SER J 323 -48.74 -44.23 8.34
N GLU J 324 -49.15 -45.05 9.31
CA GLU J 324 -50.57 -45.36 9.53
C GLU J 324 -51.34 -44.14 10.03
N GLU J 325 -51.13 -43.78 11.29
CA GLU J 325 -51.79 -42.64 11.90
C GLU J 325 -50.83 -41.46 12.06
N PHE J 326 -49.55 -41.69 11.80
CA PHE J 326 -48.50 -40.68 12.06
C PHE J 326 -47.72 -40.20 10.84
N CYS J 327 -47.13 -39.02 10.98
CA CYS J 327 -46.16 -38.49 10.03
C CYS J 327 -44.89 -38.15 10.78
N TYR J 328 -43.76 -38.34 10.13
CA TYR J 328 -42.46 -38.09 10.75
C TYR J 328 -41.67 -37.11 9.90
N LEU J 329 -41.00 -36.15 10.53
CA LEU J 329 -40.09 -35.25 9.82
C LEU J 329 -38.71 -35.42 10.40
N LEU J 330 -37.84 -36.13 9.67
CA LEU J 330 -36.50 -36.46 10.17
C LEU J 330 -35.48 -35.39 9.79
N PHE J 331 -34.59 -35.06 10.72
CA PHE J 331 -33.52 -34.10 10.47
C PHE J 331 -32.18 -34.56 11.03
N GLU J 332 -31.12 -34.07 10.43
CA GLU J 332 -29.77 -34.35 10.88
C GLU J 332 -29.00 -33.04 10.92
N CYS J 333 -28.30 -32.78 12.02
CA CYS J 333 -27.55 -31.53 12.18
C CYS J 333 -26.10 -31.74 12.60
N GLN J 334 -25.24 -30.84 12.14
CA GLN J 334 -23.81 -30.88 12.44
C GLN J 334 -23.50 -30.27 13.81
N ILE J 335 -24.47 -29.53 14.36
CA ILE J 335 -24.33 -28.89 15.66
C ILE J 335 -25.25 -29.57 16.67
N LYS J 336 -24.67 -30.15 17.72
CA LYS J 336 -25.45 -30.80 18.77
C LYS J 336 -25.96 -29.78 19.76
N GLU J 337 -25.13 -28.79 20.04
CA GLU J 337 -25.53 -27.64 20.86
C GLU J 337 -24.70 -26.41 20.56
N ILE J 338 -25.26 -25.24 20.86
CA ILE J 338 -24.62 -23.98 20.54
C ILE J 338 -24.51 -23.14 21.82
N SER J 339 -23.69 -22.10 21.78
CA SER J 339 -23.52 -21.22 22.94
C SER J 339 -24.82 -20.48 23.22
N ARG J 340 -25.04 -20.17 24.50
CA ARG J 340 -26.17 -19.34 24.88
C ARG J 340 -26.01 -17.92 24.33
N VAL J 341 -24.78 -17.45 24.17
CA VAL J 341 -24.55 -16.07 23.72
C VAL J 341 -24.43 -15.94 22.18
N PHE J 342 -24.85 -14.80 21.64
CA PHE J 342 -24.64 -14.46 20.22
C PHE J 342 -24.54 -12.93 19.99
N ARG J 343 -24.45 -12.51 18.73
CA ARG J 343 -24.34 -11.08 18.40
C ARG J 343 -25.63 -10.61 17.72
N ARG J 344 -26.07 -9.38 18.00
CA ARG J 344 -27.30 -8.91 17.36
C ARG J 344 -27.10 -8.01 16.14
N MET J 345 -26.33 -6.93 16.29
CA MET J 345 -26.16 -5.90 15.25
C MET J 345 -27.14 -4.75 15.43
N GLY J 346 -26.59 -3.58 15.76
CA GLY J 346 -27.38 -2.37 15.92
C GLY J 346 -27.09 -1.38 14.80
N PRO J 347 -27.22 -0.08 15.11
CA PRO J 347 -27.10 0.94 14.08
C PRO J 347 -25.68 1.43 13.87
N GLN J 348 -25.45 2.10 12.73
CA GLN J 348 -24.23 2.87 12.49
C GLN J 348 -24.03 3.78 13.68
N PHE J 349 -22.79 3.90 14.15
CA PHE J 349 -22.49 4.72 15.32
C PHE J 349 -23.11 6.11 15.21
N GLU J 350 -23.50 6.47 14.00
CA GLU J 350 -23.87 7.84 13.64
C GLU J 350 -25.19 8.39 14.19
N ASP J 351 -26.32 7.78 13.85
CA ASP J 351 -27.60 8.37 14.22
C ASP J 351 -27.85 8.36 15.73
N GLU J 352 -27.85 9.55 16.33
CA GLU J 352 -27.99 9.72 17.78
C GLU J 352 -29.05 8.83 18.40
N ARG J 353 -30.19 8.72 17.73
CA ARG J 353 -31.39 8.09 18.29
C ARG J 353 -31.31 6.57 18.48
N ASN J 354 -31.33 5.82 17.37
CA ASN J 354 -31.37 4.35 17.44
C ASN J 354 -30.25 3.79 18.29
N VAL J 355 -29.12 4.50 18.30
CA VAL J 355 -27.96 4.13 19.10
C VAL J 355 -28.32 4.06 20.59
N LYS J 356 -28.83 5.16 21.16
CA LYS J 356 -29.21 5.16 22.59
C LYS J 356 -30.61 4.63 22.91
N LYS J 357 -31.31 4.09 21.91
CA LYS J 357 -32.49 3.27 22.17
C LYS J 357 -32.09 1.79 22.19
N PHE J 358 -31.14 1.45 21.32
CA PHE J 358 -30.54 0.13 21.24
C PHE J 358 -29.68 -0.08 22.48
N LEU J 359 -29.19 1.02 23.03
CA LEU J 359 -28.43 1.03 24.28
C LEU J 359 -29.33 1.05 25.52
N SER J 360 -30.62 1.31 25.34
CA SER J 360 -31.56 1.25 26.46
C SER J 360 -31.68 -0.19 26.96
N ARG J 361 -32.16 -1.08 26.07
CA ARG J 361 -32.47 -2.49 26.38
C ARG J 361 -31.50 -3.21 27.32
N ASN J 362 -32.05 -3.92 28.30
CA ASN J 362 -31.25 -4.62 29.30
C ASN J 362 -30.67 -5.92 28.76
N ARG J 363 -29.38 -6.11 29.04
CA ARG J 363 -28.65 -7.31 28.66
C ARG J 363 -27.61 -7.57 29.75
N ALA J 364 -26.96 -8.73 29.70
CA ALA J 364 -25.97 -9.07 30.72
C ALA J 364 -24.56 -8.62 30.36
N PHE J 365 -24.33 -8.25 29.10
CA PHE J 365 -23.00 -7.85 28.64
C PHE J 365 -22.99 -6.55 27.85
N ARG J 366 -22.03 -5.68 28.20
CA ARG J 366 -21.79 -4.42 27.50
C ARG J 366 -21.81 -4.62 25.99
N PRO J 367 -22.57 -3.77 25.26
CA PRO J 367 -22.47 -3.72 23.82
C PRO J 367 -21.13 -3.10 23.42
N PHE J 368 -20.71 -3.32 22.17
CA PHE J 368 -19.43 -2.82 21.69
C PHE J 368 -19.60 -2.23 20.30
N ILE J 369 -18.57 -1.52 19.83
CA ILE J 369 -18.55 -1.01 18.46
C ILE J 369 -17.60 -1.87 17.64
N GLU J 370 -17.98 -2.16 16.39
CA GLU J 370 -17.12 -2.87 15.45
C GLU J 370 -17.42 -2.51 13.99
N ASN J 371 -16.41 -1.98 13.30
CA ASN J 371 -16.55 -1.43 11.93
C ASN J 371 -17.68 -0.42 11.81
N GLY J 372 -17.63 0.57 12.70
CA GLY J 372 -18.60 1.67 12.73
C GLY J 372 -20.01 1.21 13.00
N ARG J 373 -20.15 0.21 13.87
CA ARG J 373 -21.45 -0.35 14.21
C ARG J 373 -21.52 -0.74 15.65
N TRP J 374 -22.69 -0.57 16.25
CA TRP J 374 -22.93 -1.10 17.57
C TRP J 374 -23.39 -2.54 17.41
N TRP J 375 -22.93 -3.39 18.32
CA TRP J 375 -23.39 -4.78 18.39
C TRP J 375 -23.56 -5.06 19.85
N ALA J 376 -24.36 -6.07 20.17
CA ALA J 376 -24.46 -6.50 21.56
C ALA J 376 -24.62 -8.01 21.66
N PHE J 377 -24.16 -8.54 22.79
CA PHE J 377 -24.34 -9.95 23.10
C PHE J 377 -25.72 -10.17 23.67
N GLU J 378 -26.41 -11.15 23.10
CA GLU J 378 -27.76 -11.53 23.51
C GLU J 378 -27.72 -13.00 23.93
N MET J 379 -28.77 -13.46 24.59
CA MET J 379 -28.87 -14.87 24.95
C MET J 379 -30.07 -15.48 24.26
N ARG J 380 -29.93 -16.73 23.81
CA ARG J 380 -31.01 -17.39 23.08
C ARG J 380 -31.91 -18.21 24.00
N LYS J 381 -33.13 -18.48 23.53
CA LYS J 381 -34.09 -19.33 24.23
C LYS J 381 -33.62 -20.78 24.29
N PHE J 382 -33.25 -21.33 23.14
CA PHE J 382 -32.85 -22.72 23.01
C PHE J 382 -31.36 -22.87 22.72
N THR J 383 -30.86 -24.07 22.95
CA THR J 383 -29.42 -24.30 22.86
C THR J 383 -29.09 -25.53 22.00
N THR J 384 -30.10 -26.34 21.70
CA THR J 384 -29.95 -27.54 20.86
C THR J 384 -31.01 -27.52 19.73
N PRO J 385 -30.73 -28.22 18.61
CA PRO J 385 -31.65 -28.16 17.47
C PRO J 385 -33.05 -28.66 17.86
N GLU J 386 -33.08 -29.71 18.68
CA GLU J 386 -34.31 -30.28 19.20
C GLU J 386 -35.12 -29.24 19.96
N GLU J 387 -34.56 -28.72 21.06
CA GLU J 387 -35.14 -27.59 21.80
C GLU J 387 -35.68 -26.51 20.86
N GLY J 388 -34.94 -26.28 19.77
CA GLY J 388 -35.18 -25.16 18.88
C GLY J 388 -36.28 -25.36 17.86
N VAL J 389 -36.49 -26.61 17.46
CA VAL J 389 -37.63 -26.92 16.61
C VAL J 389 -38.87 -26.82 17.49
N ARG J 390 -38.83 -27.43 18.67
CA ARG J 390 -39.95 -27.40 19.60
C ARG J 390 -40.52 -25.98 19.69
N SER J 391 -39.63 -24.99 19.78
CA SER J 391 -39.99 -23.58 19.75
C SER J 391 -40.63 -23.18 18.43
N TYR J 392 -39.88 -23.34 17.34
CA TYR J 392 -40.35 -22.99 15.99
C TYR J 392 -41.67 -23.65 15.65
N ALA J 393 -41.73 -24.97 15.85
CA ALA J 393 -42.94 -25.75 15.60
C ALA J 393 -44.14 -25.23 16.38
N SER J 394 -43.91 -24.78 17.62
CA SER J 394 -44.99 -24.24 18.44
C SER J 394 -45.49 -22.90 17.93
N THR J 395 -44.57 -21.96 17.72
CA THR J 395 -44.93 -20.60 17.28
C THR J 395 -45.18 -20.45 15.78
N HIS J 396 -44.85 -21.48 14.99
CA HIS J 396 -45.00 -21.38 13.54
C HIS J 396 -45.72 -22.57 12.90
N TRP J 397 -46.75 -23.09 13.56
CA TRP J 397 -47.57 -24.13 12.98
C TRP J 397 -48.23 -23.63 11.70
N HIS J 398 -48.67 -22.37 11.69
CA HIS J 398 -49.39 -21.79 10.55
C HIS J 398 -48.67 -21.91 9.22
N THR J 399 -47.34 -21.84 9.23
CA THR J 399 -46.53 -21.81 8.00
C THR J 399 -46.08 -23.19 7.50
N LEU J 400 -46.41 -24.24 8.24
CA LEU J 400 -46.02 -25.59 7.83
C LEU J 400 -47.16 -26.30 7.09
N GLY J 401 -47.84 -25.55 6.23
CA GLY J 401 -48.91 -26.10 5.38
C GLY J 401 -50.24 -26.20 6.10
N LYS J 402 -51.33 -25.90 5.37
CA LYS J 402 -52.67 -25.85 5.97
C LYS J 402 -53.00 -27.06 6.85
N ASN J 403 -52.95 -28.26 6.30
CA ASN J 403 -53.37 -29.46 7.02
C ASN J 403 -52.33 -30.07 7.96
N VAL J 404 -51.06 -29.85 7.66
CA VAL J 404 -49.99 -30.35 8.53
C VAL J 404 -49.82 -29.45 9.76
N GLY J 405 -49.77 -28.14 9.55
CA GLY J 405 -49.69 -27.18 10.65
C GLY J 405 -50.85 -27.28 11.63
N GLU J 406 -52.06 -27.40 11.10
CA GLU J 406 -53.27 -27.54 11.91
C GLU J 406 -53.26 -28.79 12.78
N SER J 407 -52.37 -29.74 12.46
CA SER J 407 -52.24 -30.99 13.19
C SER J 407 -51.02 -31.02 14.11
N ILE J 408 -50.07 -30.12 13.85
CA ILE J 408 -48.90 -29.94 14.72
C ILE J 408 -49.29 -28.99 15.84
N ARG J 409 -50.18 -28.06 15.52
CA ARG J 409 -50.78 -27.16 16.50
C ARG J 409 -51.52 -27.98 17.56
N GLU J 410 -52.19 -29.03 17.11
CA GLU J 410 -52.98 -29.89 18.00
C GLU J 410 -52.12 -30.84 18.85
N TYR J 411 -50.99 -31.27 18.29
CA TYR J 411 -50.03 -32.14 19.00
C TYR J 411 -48.84 -32.50 18.11
N PHE J 412 -47.65 -32.23 18.63
CA PHE J 412 -46.42 -32.70 18.02
C PHE J 412 -45.42 -33.13 19.09
N GLU J 413 -44.62 -34.12 18.76
CA GLU J 413 -43.64 -34.69 19.67
C GLU J 413 -42.27 -34.60 18.99
N ILE J 414 -41.21 -34.39 19.76
CA ILE J 414 -39.87 -34.44 19.19
C ILE J 414 -39.09 -35.64 19.72
N ILE J 415 -38.80 -36.56 18.80
CA ILE J 415 -38.18 -37.82 19.14
C ILE J 415 -36.73 -37.82 18.68
N SER J 416 -35.85 -38.31 19.54
CA SER J 416 -34.42 -38.16 19.35
C SER J 416 -33.64 -39.28 20.03
N GLY J 417 -32.46 -39.60 19.50
CA GLY J 417 -31.61 -40.65 20.05
C GLY J 417 -32.27 -42.00 20.12
N GLU J 418 -31.92 -42.78 21.14
CA GLU J 418 -32.40 -44.16 21.30
C GLU J 418 -33.88 -44.33 21.03
N LYS J 419 -34.67 -43.37 21.52
CA LYS J 419 -36.12 -43.38 21.38
C LYS J 419 -36.56 -43.39 19.91
N LEU J 420 -35.82 -42.65 19.09
CA LEU J 420 -36.13 -42.51 17.67
C LEU J 420 -36.03 -43.83 16.91
N PHE J 421 -35.03 -44.63 17.26
CA PHE J 421 -34.75 -45.86 16.54
C PHE J 421 -35.82 -46.93 16.78
N LYS J 422 -36.59 -46.78 17.86
CA LYS J 422 -37.72 -47.66 18.13
C LYS J 422 -38.91 -47.36 17.23
N GLU J 423 -38.93 -46.16 16.65
CA GLU J 423 -40.00 -45.74 15.75
C GLU J 423 -39.85 -46.39 14.37
N PRO J 424 -40.93 -46.42 13.56
CA PRO J 424 -40.82 -47.05 12.24
C PRO J 424 -40.27 -46.09 11.19
N VAL J 425 -39.03 -45.66 11.38
CA VAL J 425 -38.37 -44.75 10.42
C VAL J 425 -36.95 -45.18 10.05
N THR J 426 -36.49 -46.29 10.63
CA THR J 426 -35.11 -46.77 10.41
C THR J 426 -34.65 -46.80 8.93
N ALA J 427 -35.56 -47.14 8.02
CA ALA J 427 -35.22 -47.23 6.61
C ALA J 427 -34.98 -45.87 5.95
N GLU J 428 -35.76 -44.87 6.38
CA GLU J 428 -35.69 -43.52 5.82
C GLU J 428 -34.49 -42.76 6.39
N LEU J 429 -34.02 -43.20 7.55
CA LEU J 429 -32.81 -42.66 8.18
C LEU J 429 -31.57 -43.13 7.44
N CYS J 430 -31.43 -44.45 7.34
CA CYS J 430 -30.33 -45.08 6.59
C CYS J 430 -30.23 -44.46 5.22
N GLU J 431 -31.38 -44.34 4.56
CA GLU J 431 -31.48 -43.70 3.25
C GLU J 431 -30.78 -42.34 3.23
N MET J 432 -31.16 -41.47 4.16
CA MET J 432 -30.76 -40.07 4.16
C MET J 432 -29.39 -39.82 4.81
N MET J 433 -28.83 -40.85 5.44
CA MET J 433 -27.47 -40.77 5.97
C MET J 433 -26.48 -41.50 5.04
N GLY J 434 -27.03 -42.17 4.03
CA GLY J 434 -26.25 -42.90 3.06
C GLY J 434 -25.64 -44.16 3.63
N VAL J 435 -26.40 -44.86 4.48
CA VAL J 435 -25.91 -46.08 5.12
C VAL J 435 -25.88 -47.24 4.12
N LYS J 436 -24.68 -47.71 3.83
CA LYS J 436 -24.49 -48.93 3.06
C LYS J 436 -24.44 -50.11 4.02
N ASP J 437 -24.53 -51.32 3.49
CA ASP J 437 -24.41 -52.52 4.33
C ASP J 437 -23.41 -53.51 3.74
MG MG K . -7.91 -12.87 -25.66
N1 CTP L . -9.39 -7.56 -18.35
C2 CTP L . -9.60 -6.49 -17.48
N3 CTP L . -8.61 -5.54 -17.28
C4 CTP L . -7.36 -5.73 -17.84
C5 CTP L . -7.12 -6.81 -18.70
C6 CTP L . -8.14 -7.71 -18.95
O2 CTP L . -10.67 -6.38 -16.87
N4 CTP L . -6.38 -4.86 -17.56
C1' CTP L . -10.51 -8.46 -18.73
C2' CTP L . -11.31 -7.84 -19.89
O2' CTP L . -12.67 -7.68 -19.52
C3' CTP L . -11.18 -8.82 -21.03
C4' CTP L . -10.76 -10.12 -20.36
O4' CTP L . -10.07 -9.74 -19.16
O3' CTP L . -12.39 -8.97 -21.74
C5' CTP L . -9.89 -11.04 -21.24
O5' CTP L . -8.51 -10.89 -20.94
PA CTP L . -7.31 -11.17 -22.03
O1A CTP L . -7.43 -12.51 -22.74
O2A CTP L . -5.98 -11.10 -21.29
O3A CTP L . -7.39 -9.93 -23.08
PB CTP L . -8.53 -9.78 -24.24
O1B CTP L . -9.43 -8.62 -23.88
O2B CTP L . -9.36 -11.06 -24.41
O3B CTP L . -7.77 -9.45 -25.65
PG CTP L . -6.20 -9.62 -26.02
O1G CTP L . -6.08 -9.54 -27.56
O2G CTP L . -5.39 -8.49 -25.35
O3G CTP L . -5.64 -10.97 -25.52
MG MG M . 49.19 50.63 15.35
N1 CTP N . 40.94 50.44 14.97
C2 CTP N . 39.68 49.85 15.02
N3 CTP N . 39.36 48.79 14.19
C4 CTP N . 40.32 48.23 13.39
C5 CTP N . 41.60 48.79 13.35
C6 CTP N . 41.86 49.93 14.09
O2 CTP N . 38.82 50.27 15.81
N4 CTP N . 40.03 47.16 12.67
C1' CTP N . 41.25 51.69 15.73
C2' CTP N . 41.48 51.43 17.21
O2' CTP N . 41.17 52.55 18.02
C3' CTP N . 42.97 51.15 17.21
C4' CTP N . 43.49 52.22 16.26
O4' CTP N . 42.46 52.31 15.26
O3' CTP N . 43.60 51.20 18.48
C5' CTP N . 44.85 51.92 15.63
O5' CTP N . 44.71 50.96 14.61
PA CTP N . 45.76 49.82 14.23
O1A CTP N . 47.13 50.35 13.87
O2A CTP N . 45.20 48.97 13.08
O3A CTP N . 45.78 48.94 15.59
PB CTP N . 46.66 49.26 16.91
O1B CTP N . 45.75 49.53 18.09
O2B CTP N . 47.60 50.43 16.65
O3B CTP N . 47.50 47.91 17.18
PG CTP N . 48.65 47.41 16.17
O1G CTP N . 49.63 46.51 16.94
O2G CTP N . 48.03 46.65 14.99
O3G CTP N . 49.40 48.65 15.64
MG MG O . 5.95 15.42 23.97
N1 CTP P . 3.48 14.49 14.86
C2 CTP P . 3.14 14.37 13.50
N3 CTP P . 2.20 13.44 13.09
C4 CTP P . 1.70 12.52 13.97
C5 CTP P . 2.07 12.59 15.32
C6 CTP P . 2.89 13.64 15.77
O2 CTP P . 3.67 15.09 12.65
N4 CTP P . 0.87 11.57 13.54
C1' CTP P . 4.38 15.61 15.30
C2' CTP P . 3.59 16.87 15.69
O2' CTP P . 3.91 17.91 14.79
C3' CTP P . 4.08 17.21 17.10
C4' CTP P . 5.43 16.52 17.18
O4' CTP P . 5.24 15.32 16.41
O3' CTP P . 4.15 18.59 17.40
C5' CTP P . 5.90 16.32 18.62
O5' CTP P . 5.95 14.94 18.98
PA CTP P . 5.14 14.28 20.22
O1A CTP P . 5.98 14.17 21.47
O2A CTP P . 4.73 12.87 19.75
O3A CTP P . 3.76 15.12 20.46
PB CTP P . 3.48 16.23 21.61
O1B CTP P . 2.91 17.44 20.91
O2B CTP P . 4.73 16.60 22.40
O3B CTP P . 2.32 15.62 22.59
PG CTP P . 2.53 14.59 23.83
O1G CTP P . 1.90 15.19 25.11
O2G CTP P . 1.82 13.26 23.48
O3G CTP P . 4.04 14.37 24.07
MG MG Q . -54.09 -44.91 -15.46
N1 CTP R . -52.20 -37.11 -17.70
C2 CTP R . -51.35 -36.04 -17.94
N3 CTP R . -50.39 -35.70 -16.99
C4 CTP R . -50.45 -36.28 -15.74
C5 CTP R . -51.36 -37.31 -15.47
C6 CTP R . -52.27 -37.66 -16.44
O2 CTP R . -51.43 -35.39 -18.99
N4 CTP R . -49.61 -35.86 -14.80
C1' CTP R . -53.05 -37.64 -18.79
C2' CTP R . -52.31 -38.68 -19.61
O2' CTP R . -52.65 -38.63 -20.97
C3' CTP R . -52.77 -40.00 -18.98
C4' CTP R . -54.16 -39.68 -18.42
O4' CTP R . -54.20 -38.27 -18.23
O3' CTP R . -52.79 -41.07 -19.88
C5' CTP R . -54.56 -40.41 -17.13
O5' CTP R . -53.56 -40.38 -16.13
PA CTP R . -52.77 -41.77 -15.74
O1A CTP R . -53.58 -42.69 -14.87
O2A CTP R . -51.43 -41.40 -15.14
O3A CTP R . -52.56 -42.45 -17.18
PB CTP R . -51.90 -43.89 -17.36
O1B CTP R . -51.28 -43.98 -18.72
O2B CTP R . -53.01 -44.91 -17.10
O3B CTP R . -50.77 -44.00 -16.23
PG CTP R . -50.59 -45.36 -15.39
O1G CTP R . -49.75 -46.35 -16.22
O2G CTP R . -49.87 -45.04 -14.09
O3G CTP R . -51.96 -45.99 -15.11
#